data_1UVX
# 
_entry.id   1UVX 
# 
_audit_conform.dict_name       mmcif_pdbx.dic 
_audit_conform.dict_version    5.382 
_audit_conform.dict_location   http://mmcif.pdb.org/dictionaries/ascii/mmcif_pdbx.dic 
# 
loop_
_database_2.database_id 
_database_2.database_code 
_database_2.pdbx_database_accession 
_database_2.pdbx_DOI 
PDB   1UVX         pdb_00001uvx 10.2210/pdb1uvx/pdb 
PDBE  EBI-14450    ?            ?                   
WWPDB D_1290014450 ?            ?                   
# 
_pdbx_database_related.db_name        PDB 
_pdbx_database_related.db_id          1DLY 
_pdbx_database_related.content_type   unspecified 
_pdbx_database_related.details        
'X-RAY CRYSTAL STRUCTURE OF HEMOGLOBIN FROM THE GREEN UNICELLULAR ALGA CHLAMYDOMONAS EUGAMETOS' 
# 
_pdbx_database_status.status_code                     REL 
_pdbx_database_status.entry_id                        1UVX 
_pdbx_database_status.deposit_site                    PDBE 
_pdbx_database_status.process_site                    PDBE 
_pdbx_database_status.SG_entry                        . 
_pdbx_database_status.recvd_initial_deposition_date   2004-01-27 
_pdbx_database_status.pdb_format_compatible           Y 
_pdbx_database_status.status_code_sf                  REL 
_pdbx_database_status.status_code_mr                  ? 
_pdbx_database_status.status_code_cs                  ? 
_pdbx_database_status.methods_development_category    ? 
_pdbx_database_status.status_code_nmr_data            ? 
# 
loop_
_audit_author.name 
_audit_author.pdbx_ordinal 
'Milani, M.'    1 
'Pesce, A.'     2 
'Ouellet, Y.'   3 
'Dewilde, S.'   4 
'Friedman, J.'  5 
'Ascenzi, P.'   6 
'Guertin, M.'   7 
'Bolognesi, M.' 8 
# 
_citation.id                        primary 
_citation.title                     'Heme-Ligand Tunneling in Group I Truncated Hemoglobins' 
_citation.journal_abbrev            J.Biol.Chem. 
_citation.journal_volume            279 
_citation.page_first                21520 
_citation.page_last                 ? 
_citation.year                      2004 
_citation.journal_id_ASTM           JBCHA3 
_citation.country                   US 
_citation.journal_id_ISSN           0021-9258 
_citation.journal_id_CSD            0071 
_citation.book_publisher            ? 
_citation.pdbx_database_id_PubMed   15016811 
_citation.pdbx_database_id_DOI      10.1074/JBC.M401320200 
# 
loop_
_citation_author.citation_id 
_citation_author.name 
_citation_author.ordinal 
_citation_author.identifier_ORCID 
primary 'Milani, M.'    1 ? 
primary 'Pesce, A.'     2 ? 
primary 'Ouellet, Y.'   3 ? 
primary 'Dewilde, S.'   4 ? 
primary 'Friedman, J.'  5 ? 
primary 'Ascenzi, P.'   6 ? 
primary 'Guertin, M.'   7 ? 
primary 'Bolognesi, M.' 8 ? 
# 
_cell.entry_id           1UVX 
_cell.length_a           34.499 
_cell.length_b           52.932 
_cell.length_c           66.993 
_cell.angle_alpha        90.00 
_cell.angle_beta         90.00 
_cell.angle_gamma        90.00 
_cell.Z_PDB              4 
_cell.pdbx_unique_axis   ? 
# 
_symmetry.entry_id                         1UVX 
_symmetry.space_group_name_H-M             'P 21 21 21' 
_symmetry.pdbx_full_space_group_name_H-M   ? 
_symmetry.cell_setting                     ? 
_symmetry.Int_Tables_number                19 
# 
loop_
_entity.id 
_entity.type 
_entity.src_method 
_entity.pdbx_description 
_entity.formula_weight 
_entity.pdbx_number_of_molecules 
_entity.pdbx_ec 
_entity.pdbx_mutation 
_entity.pdbx_fragment 
_entity.details 
1 polymer     man 'GLOBIN LI637'                    13315.060 1  ? ? 'HEMOGLOBIN, RESIDUES 44-164' ? 
2 non-polymer syn 'PROTOPORPHYRIN IX CONTAINING FE' 616.487   1  ? ? ?                             ? 
3 non-polymer syn 'CYANIDE ION'                     26.017    1  ? ? ?                             ? 
4 non-polymer syn XENON                             131.293   4  ? ? ?                             ? 
5 water       nat water                             18.015    31 ? ? ?                             ? 
# 
_entity_name_com.entity_id   1 
_entity_name_com.name        HEMOGLOBIN 
# 
_entity_poly.entity_id                      1 
_entity_poly.type                           'polypeptide(L)' 
_entity_poly.nstd_linkage                   no 
_entity_poly.nstd_monomer                   no 
_entity_poly.pdbx_seq_one_letter_code       
;SLFAKLGGREAVEAAVDKFYNKIVADPTVSTYFSNTDMKVQRSKQFAFLAYALGGASEWKGKDMRTAHKDLVPHLSDVHF
QAVARHLSDTLTELGVPPEDITDAMAVVASTRTEVLNMPQQ
;
_entity_poly.pdbx_seq_one_letter_code_can   
;SLFAKLGGREAVEAAVDKFYNKIVADPTVSTYFSNTDMKVQRSKQFAFLAYALGGASEWKGKDMRTAHKDLVPHLSDVHF
QAVARHLSDTLTELGVPPEDITDAMAVVASTRTEVLNMPQQ
;
_entity_poly.pdbx_strand_id                 A 
_entity_poly.pdbx_target_identifier         ? 
# 
loop_
_entity_poly_seq.entity_id 
_entity_poly_seq.num 
_entity_poly_seq.mon_id 
_entity_poly_seq.hetero 
1 1   SER n 
1 2   LEU n 
1 3   PHE n 
1 4   ALA n 
1 5   LYS n 
1 6   LEU n 
1 7   GLY n 
1 8   GLY n 
1 9   ARG n 
1 10  GLU n 
1 11  ALA n 
1 12  VAL n 
1 13  GLU n 
1 14  ALA n 
1 15  ALA n 
1 16  VAL n 
1 17  ASP n 
1 18  LYS n 
1 19  PHE n 
1 20  TYR n 
1 21  ASN n 
1 22  LYS n 
1 23  ILE n 
1 24  VAL n 
1 25  ALA n 
1 26  ASP n 
1 27  PRO n 
1 28  THR n 
1 29  VAL n 
1 30  SER n 
1 31  THR n 
1 32  TYR n 
1 33  PHE n 
1 34  SER n 
1 35  ASN n 
1 36  THR n 
1 37  ASP n 
1 38  MET n 
1 39  LYS n 
1 40  VAL n 
1 41  GLN n 
1 42  ARG n 
1 43  SER n 
1 44  LYS n 
1 45  GLN n 
1 46  PHE n 
1 47  ALA n 
1 48  PHE n 
1 49  LEU n 
1 50  ALA n 
1 51  TYR n 
1 52  ALA n 
1 53  LEU n 
1 54  GLY n 
1 55  GLY n 
1 56  ALA n 
1 57  SER n 
1 58  GLU n 
1 59  TRP n 
1 60  LYS n 
1 61  GLY n 
1 62  LYS n 
1 63  ASP n 
1 64  MET n 
1 65  ARG n 
1 66  THR n 
1 67  ALA n 
1 68  HIS n 
1 69  LYS n 
1 70  ASP n 
1 71  LEU n 
1 72  VAL n 
1 73  PRO n 
1 74  HIS n 
1 75  LEU n 
1 76  SER n 
1 77  ASP n 
1 78  VAL n 
1 79  HIS n 
1 80  PHE n 
1 81  GLN n 
1 82  ALA n 
1 83  VAL n 
1 84  ALA n 
1 85  ARG n 
1 86  HIS n 
1 87  LEU n 
1 88  SER n 
1 89  ASP n 
1 90  THR n 
1 91  LEU n 
1 92  THR n 
1 93  GLU n 
1 94  LEU n 
1 95  GLY n 
1 96  VAL n 
1 97  PRO n 
1 98  PRO n 
1 99  GLU n 
1 100 ASP n 
1 101 ILE n 
1 102 THR n 
1 103 ASP n 
1 104 ALA n 
1 105 MET n 
1 106 ALA n 
1 107 VAL n 
1 108 VAL n 
1 109 ALA n 
1 110 SER n 
1 111 THR n 
1 112 ARG n 
1 113 THR n 
1 114 GLU n 
1 115 VAL n 
1 116 LEU n 
1 117 ASN n 
1 118 MET n 
1 119 PRO n 
1 120 GLN n 
1 121 GLN n 
# 
_entity_src_gen.entity_id                          1 
_entity_src_gen.pdbx_src_id                        1 
_entity_src_gen.pdbx_alt_source_flag               sample 
_entity_src_gen.pdbx_seq_type                      ? 
_entity_src_gen.pdbx_beg_seq_num                   ? 
_entity_src_gen.pdbx_end_seq_num                   ? 
_entity_src_gen.gene_src_common_name               ? 
_entity_src_gen.gene_src_genus                     ? 
_entity_src_gen.pdbx_gene_src_gene                 ? 
_entity_src_gen.gene_src_species                   ? 
_entity_src_gen.gene_src_strain                    ? 
_entity_src_gen.gene_src_tissue                    ? 
_entity_src_gen.gene_src_tissue_fraction           ? 
_entity_src_gen.gene_src_details                   ? 
_entity_src_gen.pdbx_gene_src_fragment             ? 
_entity_src_gen.pdbx_gene_src_scientific_name      'CHLAMYDOMONAS MOEWUSII' 
_entity_src_gen.pdbx_gene_src_ncbi_taxonomy_id     3054 
_entity_src_gen.pdbx_gene_src_variant              ? 
_entity_src_gen.pdbx_gene_src_cell_line            ? 
_entity_src_gen.pdbx_gene_src_atcc                 ? 
_entity_src_gen.pdbx_gene_src_organ                ? 
_entity_src_gen.pdbx_gene_src_organelle            ? 
_entity_src_gen.pdbx_gene_src_cell                 ? 
_entity_src_gen.pdbx_gene_src_cellular_location    ? 
_entity_src_gen.host_org_common_name               ? 
_entity_src_gen.pdbx_host_org_scientific_name      'ESCHERICHIA COLI' 
_entity_src_gen.pdbx_host_org_ncbi_taxonomy_id     562 
_entity_src_gen.host_org_genus                     ? 
_entity_src_gen.pdbx_host_org_gene                 ? 
_entity_src_gen.pdbx_host_org_organ                ? 
_entity_src_gen.host_org_species                   ? 
_entity_src_gen.pdbx_host_org_tissue               ? 
_entity_src_gen.pdbx_host_org_tissue_fraction      ? 
_entity_src_gen.pdbx_host_org_strain               ? 
_entity_src_gen.pdbx_host_org_variant              ? 
_entity_src_gen.pdbx_host_org_cell_line            ? 
_entity_src_gen.pdbx_host_org_atcc                 ? 
_entity_src_gen.pdbx_host_org_culture_collection   ? 
_entity_src_gen.pdbx_host_org_cell                 ? 
_entity_src_gen.pdbx_host_org_organelle            ? 
_entity_src_gen.pdbx_host_org_cellular_location    ? 
_entity_src_gen.pdbx_host_org_vector_type          ? 
_entity_src_gen.pdbx_host_org_vector               ? 
_entity_src_gen.host_org_details                   ? 
_entity_src_gen.expression_system_id               ? 
_entity_src_gen.plasmid_name                       ? 
_entity_src_gen.plasmid_details                    ? 
_entity_src_gen.pdbx_description                   ? 
# 
_struct_ref.id                         1 
_struct_ref.db_name                    UNP 
_struct_ref.db_code                    GLB1_CHLEU 
_struct_ref.entity_id                  1 
_struct_ref.pdbx_seq_one_letter_code   ? 
_struct_ref.pdbx_align_begin           ? 
_struct_ref.pdbx_db_accession          Q08753 
_struct_ref.pdbx_db_isoform            ? 
# 
_struct_ref_seq.align_id                      1 
_struct_ref_seq.ref_id                        1 
_struct_ref_seq.pdbx_PDB_id_code              1UVX 
_struct_ref_seq.pdbx_strand_id                A 
_struct_ref_seq.seq_align_beg                 1 
_struct_ref_seq.pdbx_seq_align_beg_ins_code   ? 
_struct_ref_seq.seq_align_end                 121 
_struct_ref_seq.pdbx_seq_align_end_ins_code   ? 
_struct_ref_seq.pdbx_db_accession             Q08753 
_struct_ref_seq.db_align_beg                  44 
_struct_ref_seq.pdbx_db_align_beg_ins_code    ? 
_struct_ref_seq.db_align_end                  164 
_struct_ref_seq.pdbx_db_align_end_ins_code    ? 
_struct_ref_seq.pdbx_auth_seq_align_beg       1 
_struct_ref_seq.pdbx_auth_seq_align_end       121 
# 
loop_
_chem_comp.id 
_chem_comp.type 
_chem_comp.mon_nstd_flag 
_chem_comp.name 
_chem_comp.pdbx_synonyms 
_chem_comp.formula 
_chem_comp.formula_weight 
ALA 'L-peptide linking' y ALANINE                           ?    'C3 H7 N O2'       89.093  
ARG 'L-peptide linking' y ARGININE                          ?    'C6 H15 N4 O2 1'   175.209 
ASN 'L-peptide linking' y ASPARAGINE                        ?    'C4 H8 N2 O3'      132.118 
ASP 'L-peptide linking' y 'ASPARTIC ACID'                   ?    'C4 H7 N O4'       133.103 
CYN non-polymer         . 'CYANIDE ION'                     ?    'C N -1'           26.017  
GLN 'L-peptide linking' y GLUTAMINE                         ?    'C5 H10 N2 O3'     146.144 
GLU 'L-peptide linking' y 'GLUTAMIC ACID'                   ?    'C5 H9 N O4'       147.129 
GLY 'peptide linking'   y GLYCINE                           ?    'C2 H5 N O2'       75.067  
HEM non-polymer         . 'PROTOPORPHYRIN IX CONTAINING FE' HEME 'C34 H32 Fe N4 O4' 616.487 
HIS 'L-peptide linking' y HISTIDINE                         ?    'C6 H10 N3 O2 1'   156.162 
HOH non-polymer         . WATER                             ?    'H2 O'             18.015  
ILE 'L-peptide linking' y ISOLEUCINE                        ?    'C6 H13 N O2'      131.173 
LEU 'L-peptide linking' y LEUCINE                           ?    'C6 H13 N O2'      131.173 
LYS 'L-peptide linking' y LYSINE                            ?    'C6 H15 N2 O2 1'   147.195 
MET 'L-peptide linking' y METHIONINE                        ?    'C5 H11 N O2 S'    149.211 
PHE 'L-peptide linking' y PHENYLALANINE                     ?    'C9 H11 N O2'      165.189 
PRO 'L-peptide linking' y PROLINE                           ?    'C5 H9 N O2'       115.130 
SER 'L-peptide linking' y SERINE                            ?    'C3 H7 N O3'       105.093 
THR 'L-peptide linking' y THREONINE                         ?    'C4 H9 N O3'       119.119 
TRP 'L-peptide linking' y TRYPTOPHAN                        ?    'C11 H12 N2 O2'    204.225 
TYR 'L-peptide linking' y TYROSINE                          ?    'C9 H11 N O3'      181.189 
VAL 'L-peptide linking' y VALINE                            ?    'C5 H11 N O2'      117.146 
XE  non-polymer         . XENON                             ?    Xe                 131.293 
# 
_exptl.entry_id          1UVX 
_exptl.method            'X-RAY DIFFRACTION' 
_exptl.crystals_number   1 
# 
_exptl_crystal.id                    1 
_exptl_crystal.density_meas          ? 
_exptl_crystal.density_Matthews      2.46 
_exptl_crystal.density_percent_sol   50 
_exptl_crystal.description           ? 
# 
_exptl_crystal_grow.crystal_id      1 
_exptl_crystal_grow.method          ? 
_exptl_crystal_grow.temp            ? 
_exptl_crystal_grow.temp_details    ? 
_exptl_crystal_grow.pH              5.50 
_exptl_crystal_grow.pdbx_pH_range   ? 
_exptl_crystal_grow.pdbx_details    'AMMONIUM SULPHATE, SODIUM ACETATE, CYANIDE, pH 5.50' 
# 
_diffrn.id                     1 
_diffrn.ambient_temp           100.0 
_diffrn.ambient_temp_details   ? 
_diffrn.crystal_id             1 
# 
_diffrn_detector.diffrn_id              1 
_diffrn_detector.detector               'IMAGE PLATE' 
_diffrn_detector.type                   MARRESEARCH 
_diffrn_detector.pdbx_collection_date   2003-09-15 
_diffrn_detector.details                ? 
# 
_diffrn_radiation.diffrn_id                        1 
_diffrn_radiation.wavelength_id                    1 
_diffrn_radiation.pdbx_monochromatic_or_laue_m_l   M 
_diffrn_radiation.monochromator                    GRAPHITE 
_diffrn_radiation.pdbx_diffrn_protocol             'SINGLE WAVELENGTH' 
_diffrn_radiation.pdbx_scattering_type             x-ray 
# 
_diffrn_radiation_wavelength.id           1 
_diffrn_radiation_wavelength.wavelength   1.54 
_diffrn_radiation_wavelength.wt           1.0 
# 
_diffrn_source.diffrn_id                   1 
_diffrn_source.source                      'ROTATING ANODE' 
_diffrn_source.type                        RIGAKU 
_diffrn_source.pdbx_synchrotron_site       ? 
_diffrn_source.pdbx_synchrotron_beamline   ? 
_diffrn_source.pdbx_wavelength             1.54 
_diffrn_source.pdbx_wavelength_list        ? 
# 
_reflns.pdbx_diffrn_id               1 
_reflns.pdbx_ordinal                 1 
_reflns.entry_id                     1UVX 
_reflns.observed_criterion_sigma_I   ? 
_reflns.observed_criterion_sigma_F   ? 
_reflns.d_resolution_low             30.000 
_reflns.d_resolution_high            2.450 
_reflns.number_obs                   4801 
_reflns.number_all                   ? 
_reflns.percent_possible_obs         98.4 
_reflns.pdbx_Rmerge_I_obs            0.15400 
_reflns.pdbx_Rsym_value              ? 
_reflns.pdbx_netI_over_sigmaI        8.0000 
_reflns.B_iso_Wilson_estimate        ? 
_reflns.pdbx_redundancy              3.600 
# 
_reflns_shell.pdbx_diffrn_id         1 
_reflns_shell.pdbx_ordinal           1 
_reflns_shell.d_res_high             2.45 
_reflns_shell.d_res_low              2.49 
_reflns_shell.percent_possible_all   95.4 
_reflns_shell.Rmerge_I_obs           0.43200 
_reflns_shell.pdbx_Rsym_value        ? 
_reflns_shell.meanI_over_sigI_obs    1.800 
_reflns_shell.pdbx_redundancy        3.20 
# 
_refine.pdbx_refine_id                           'X-RAY DIFFRACTION' 
_refine.entry_id                                 1UVX 
_refine.pdbx_diffrn_id                           1 
_refine.pdbx_TLS_residual_ADP_flag               ? 
_refine.ls_number_reflns_obs                     4286 
_refine.ls_number_reflns_all                     ? 
_refine.pdbx_ls_sigma_I                          ? 
_refine.pdbx_ls_sigma_F                          0.000 
_refine.pdbx_data_cutoff_high_absF               ? 
_refine.pdbx_data_cutoff_low_absF                ? 
_refine.pdbx_data_cutoff_high_rms_absF           ? 
_refine.ls_d_res_low                             30.00 
_refine.ls_d_res_high                            2.45 
_refine.ls_percent_reflns_obs                    100 
_refine.ls_R_factor_obs                          0.216 
_refine.ls_R_factor_all                          ? 
_refine.ls_R_factor_R_work                       0.210 
_refine.ls_R_factor_R_free                       0.268 
_refine.ls_R_factor_R_free_error                 ? 
_refine.ls_R_factor_R_free_error_details         ? 
_refine.ls_percent_reflns_R_free                 10.0 
_refine.ls_number_reflns_R_free                  483 
_refine.ls_number_parameters                     ? 
_refine.ls_number_restraints                     ? 
_refine.occupancy_min                            ? 
_refine.occupancy_max                            ? 
_refine.correlation_coeff_Fo_to_Fc               ? 
_refine.correlation_coeff_Fo_to_Fc_free          ? 
_refine.B_iso_mean                               30.576 
_refine.aniso_B[1][1]                            3.58 
_refine.aniso_B[2][2]                            -1.48 
_refine.aniso_B[3][3]                            -2.10 
_refine.aniso_B[1][2]                            0.0 
_refine.aniso_B[1][3]                            0.0 
_refine.aniso_B[2][3]                            0.0 
_refine.solvent_model_details                    ? 
_refine.solvent_model_param_ksol                 ? 
_refine.solvent_model_param_bsol                 ? 
_refine.pdbx_solvent_vdw_probe_radii             ? 
_refine.pdbx_solvent_ion_probe_radii             ? 
_refine.pdbx_solvent_shrinkage_radii             ? 
_refine.pdbx_ls_cross_valid_method               THROUGHOUT 
_refine.details                                  ? 
_refine.pdbx_starting_model                      'PDB ENTRY 1DLY' 
_refine.pdbx_method_to_determine_struct          'MOLECULAR REPLACEMENT' 
_refine.pdbx_isotropic_thermal_model             ? 
_refine.pdbx_stereochemistry_target_values       ? 
_refine.pdbx_stereochem_target_val_spec_case     ? 
_refine.pdbx_R_Free_selection_details            RANDOM 
_refine.pdbx_overall_ESU_R                       1.038 
_refine.pdbx_overall_ESU_R_Free                  0.330 
_refine.overall_SU_ML                            0.232 
_refine.pdbx_overall_phase_error                 ? 
_refine.overall_SU_B                             10.248 
_refine.overall_SU_R_Cruickshank_DPI             ? 
_refine.pdbx_overall_SU_R_free_Cruickshank_DPI   ? 
_refine.pdbx_overall_SU_R_Blow_DPI               ? 
_refine.pdbx_overall_SU_R_free_Blow_DPI          ? 
# 
_refine_hist.pdbx_refine_id                   'X-RAY DIFFRACTION' 
_refine_hist.cycle_id                         LAST 
_refine_hist.pdbx_number_atoms_protein        935 
_refine_hist.pdbx_number_atoms_nucleic_acid   0 
_refine_hist.pdbx_number_atoms_ligand         49 
_refine_hist.number_atoms_solvent             31 
_refine_hist.number_atoms_total               1015 
_refine_hist.d_res_high                       2.45 
_refine_hist.d_res_low                        30.00 
# 
_struct.entry_id                  1UVX 
_struct.title                     'Heme-ligand tunneling on group I truncated hemoglobins' 
_struct.pdbx_model_details        ? 
_struct.pdbx_CASP_flag            ? 
_struct.pdbx_model_type_details   ? 
# 
_struct_keywords.entry_id        1UVX 
_struct_keywords.pdbx_keywords   'OXYGEN STORAGE/TRANSPORT' 
_struct_keywords.text            'LIGAND DIFFUSION, OXYGEN STORAGE/TRANSPORT, OXYGEN STORAGE-TRANSPORT complex' 
# 
loop_
_struct_asym.id 
_struct_asym.pdbx_blank_PDB_chainid_flag 
_struct_asym.pdbx_modified 
_struct_asym.entity_id 
_struct_asym.details 
A N N 1 ? 
B N N 2 ? 
C N N 3 ? 
D N N 4 ? 
E N N 4 ? 
F N N 4 ? 
G N N 4 ? 
H N N 5 ? 
# 
_struct_biol.id   1 
# 
loop_
_struct_conf.conf_type_id 
_struct_conf.id 
_struct_conf.pdbx_PDB_helix_id 
_struct_conf.beg_label_comp_id 
_struct_conf.beg_label_asym_id 
_struct_conf.beg_label_seq_id 
_struct_conf.pdbx_beg_PDB_ins_code 
_struct_conf.end_label_comp_id 
_struct_conf.end_label_asym_id 
_struct_conf.end_label_seq_id 
_struct_conf.pdbx_end_PDB_ins_code 
_struct_conf.beg_auth_comp_id 
_struct_conf.beg_auth_asym_id 
_struct_conf.beg_auth_seq_id 
_struct_conf.end_auth_comp_id 
_struct_conf.end_auth_asym_id 
_struct_conf.end_auth_seq_id 
_struct_conf.pdbx_PDB_helix_class 
_struct_conf.details 
_struct_conf.pdbx_PDB_helix_length 
HELX_P HELX_P1 1 SER A 1   ? GLY A 7   ? SER A 1   GLY A 7   1 ? 7  
HELX_P HELX_P2 2 GLY A 8   ? VAL A 24  ? GLY A 8   VAL A 24  1 ? 17 
HELX_P HELX_P3 3 VAL A 29  ? SER A 34  ? VAL A 29  SER A 34  5 ? 6  
HELX_P HELX_P4 4 ASP A 37  ? LEU A 53  ? ASP A 37  LEU A 53  1 ? 17 
HELX_P HELX_P5 5 ASP A 63  ? LYS A 69  ? ASP A 63  LYS A 69  1 ? 7  
HELX_P HELX_P6 6 SER A 76  ? LEU A 94  ? SER A 76  LEU A 94  1 ? 19 
HELX_P HELX_P7 7 PRO A 97  ? SER A 110 ? PRO A 97  SER A 110 1 ? 14 
HELX_P HELX_P8 8 THR A 111 ? LEU A 116 ? THR A 111 LEU A 116 1 ? 6  
# 
_struct_conf_type.id          HELX_P 
_struct_conf_type.criteria    ? 
_struct_conf_type.reference   ? 
# 
loop_
_struct_conn.id 
_struct_conn.conn_type_id 
_struct_conn.pdbx_leaving_atom_flag 
_struct_conn.pdbx_PDB_id 
_struct_conn.ptnr1_label_asym_id 
_struct_conn.ptnr1_label_comp_id 
_struct_conn.ptnr1_label_seq_id 
_struct_conn.ptnr1_label_atom_id 
_struct_conn.pdbx_ptnr1_label_alt_id 
_struct_conn.pdbx_ptnr1_PDB_ins_code 
_struct_conn.pdbx_ptnr1_standard_comp_id 
_struct_conn.ptnr1_symmetry 
_struct_conn.ptnr2_label_asym_id 
_struct_conn.ptnr2_label_comp_id 
_struct_conn.ptnr2_label_seq_id 
_struct_conn.ptnr2_label_atom_id 
_struct_conn.pdbx_ptnr2_label_alt_id 
_struct_conn.pdbx_ptnr2_PDB_ins_code 
_struct_conn.ptnr1_auth_asym_id 
_struct_conn.ptnr1_auth_comp_id 
_struct_conn.ptnr1_auth_seq_id 
_struct_conn.ptnr2_auth_asym_id 
_struct_conn.ptnr2_auth_comp_id 
_struct_conn.ptnr2_auth_seq_id 
_struct_conn.ptnr2_symmetry 
_struct_conn.pdbx_ptnr3_label_atom_id 
_struct_conn.pdbx_ptnr3_label_seq_id 
_struct_conn.pdbx_ptnr3_label_comp_id 
_struct_conn.pdbx_ptnr3_label_asym_id 
_struct_conn.pdbx_ptnr3_label_alt_id 
_struct_conn.pdbx_ptnr3_PDB_ins_code 
_struct_conn.details 
_struct_conn.pdbx_dist_value 
_struct_conn.pdbx_value_order 
_struct_conn.pdbx_role 
metalc1 metalc ? ? A HIS 68 NE2 ? ? ? 1_555 B HEM . FE ? ? A HIS 68   A HEM 1122 1_555 ? ? ? ? ? ? ? 1.869 ? ? 
metalc2 metalc ? ? B HEM .  FE  ? ? ? 1_555 C CYN . N  ? ? A HEM 1122 A CYN 1123 1_555 ? ? ? ? ? ? ? 2.776 ? ? 
metalc3 metalc ? ? B HEM .  FE  ? ? ? 1_555 C CYN . C  ? ? A HEM 1122 A CYN 1123 1_555 ? ? ? ? ? ? ? 2.871 ? ? 
# 
_struct_conn_type.id          metalc 
_struct_conn_type.criteria    ? 
_struct_conn_type.reference   ? 
# 
_struct_mon_prot_cis.pdbx_id                1 
_struct_mon_prot_cis.label_comp_id          VAL 
_struct_mon_prot_cis.label_seq_id           72 
_struct_mon_prot_cis.label_asym_id          A 
_struct_mon_prot_cis.label_alt_id           . 
_struct_mon_prot_cis.pdbx_PDB_ins_code      ? 
_struct_mon_prot_cis.auth_comp_id           VAL 
_struct_mon_prot_cis.auth_seq_id            72 
_struct_mon_prot_cis.auth_asym_id           A 
_struct_mon_prot_cis.pdbx_label_comp_id_2   PRO 
_struct_mon_prot_cis.pdbx_label_seq_id_2    73 
_struct_mon_prot_cis.pdbx_label_asym_id_2   A 
_struct_mon_prot_cis.pdbx_PDB_ins_code_2    ? 
_struct_mon_prot_cis.pdbx_auth_comp_id_2    PRO 
_struct_mon_prot_cis.pdbx_auth_seq_id_2     73 
_struct_mon_prot_cis.pdbx_auth_asym_id_2    A 
_struct_mon_prot_cis.pdbx_PDB_model_num     1 
_struct_mon_prot_cis.pdbx_omega_angle       -5.98 
# 
loop_
_struct_site.id 
_struct_site.pdbx_evidence_code 
_struct_site.pdbx_auth_asym_id 
_struct_site.pdbx_auth_comp_id 
_struct_site.pdbx_auth_seq_id 
_struct_site.pdbx_auth_ins_code 
_struct_site.pdbx_num_residues 
_struct_site.details 
AC1 Software ? ? ? ? 5  'BINDING SITE FOR RESIDUE CYN A1123' 
AC2 Software ? ? ? ? 22 'BINDING SITE FOR RESIDUE HEM A1122' 
AC3 Software ? ? ? ? 2  'BINDING SITE FOR RESIDUE XE A1126'  
AC4 Software ? ? ? ? 2  'BINDING SITE FOR RESIDUE XE A1127'  
# 
loop_
_struct_site_gen.id 
_struct_site_gen.site_id 
_struct_site_gen.pdbx_num_res 
_struct_site_gen.label_comp_id 
_struct_site_gen.label_asym_id 
_struct_site_gen.label_seq_id 
_struct_site_gen.pdbx_auth_ins_code 
_struct_site_gen.auth_comp_id 
_struct_site_gen.auth_asym_id 
_struct_site_gen.auth_seq_id 
_struct_site_gen.label_atom_id 
_struct_site_gen.label_alt_id 
_struct_site_gen.symmetry 
_struct_site_gen.details 
1  AC1 5  TYR A 20  ? TYR A 20   . ? 1_555 ? 
2  AC1 5  PHE A 33  ? PHE A 33   . ? 1_555 ? 
3  AC1 5  GLN A 41  ? GLN A 41   . ? 1_555 ? 
4  AC1 5  GLN A 45  ? GLN A 45   . ? 1_555 ? 
5  AC1 5  HEM B .   ? HEM A 1122 . ? 1_555 ? 
6  AC2 22 VAL A 29  ? VAL A 29   . ? 1_555 ? 
7  AC2 22 TYR A 32  ? TYR A 32   . ? 1_555 ? 
8  AC2 22 PHE A 33  ? PHE A 33   . ? 1_555 ? 
9  AC2 22 THR A 36  ? THR A 36   . ? 1_555 ? 
10 AC2 22 GLN A 41  ? GLN A 41   . ? 1_555 ? 
11 AC2 22 LYS A 44  ? LYS A 44   . ? 1_555 ? 
12 AC2 22 GLN A 45  ? GLN A 45   . ? 1_555 ? 
13 AC2 22 PHE A 48  ? PHE A 48   . ? 1_555 ? 
14 AC2 22 TRP A 59  ? TRP A 59   . ? 1_555 ? 
15 AC2 22 GLY A 61  ? GLY A 61   . ? 1_555 ? 
16 AC2 22 LYS A 62  ? LYS A 62   . ? 1_555 ? 
17 AC2 22 MET A 64  ? MET A 64   . ? 1_555 ? 
18 AC2 22 HIS A 68  ? HIS A 68   . ? 1_555 ? 
19 AC2 22 LEU A 71  ? LEU A 71   . ? 1_555 ? 
20 AC2 22 LEU A 75  ? LEU A 75   . ? 1_555 ? 
21 AC2 22 HIS A 79  ? HIS A 79   . ? 1_555 ? 
22 AC2 22 PHE A 80  ? PHE A 80   . ? 1_555 ? 
23 AC2 22 VAL A 83  ? VAL A 83   . ? 1_555 ? 
24 AC2 22 THR A 111 ? THR A 111  . ? 1_555 ? 
25 AC2 22 VAL A 115 ? VAL A 115  . ? 1_555 ? 
26 AC2 22 CYN C .   ? CYN A 1123 . ? 1_555 ? 
27 AC2 22 HOH H .   ? HOH A 2031 . ? 1_555 ? 
28 AC3 2  LEU A 49  ? LEU A 49   . ? 1_555 ? 
29 AC3 2  LEU A 87  ? LEU A 87   . ? 1_555 ? 
30 AC4 2  ALA A 11  ? ALA A 11   . ? 1_555 ? 
31 AC4 2  LEU A 91  ? LEU A 91   . ? 1_555 ? 
# 
_atom_sites.entry_id                    1UVX 
_atom_sites.fract_transf_matrix[1][1]   -0.02426050 
_atom_sites.fract_transf_matrix[1][2]   -0.01205641 
_atom_sites.fract_transf_matrix[1][3]   0.01030823 
_atom_sites.fract_transf_matrix[2][1]   0.00390275 
_atom_sites.fract_transf_matrix[2][2]   0.00683186 
_atom_sites.fract_transf_matrix[2][3]   0.01717562 
_atom_sites.fract_transf_matrix[3][1]   -0.00756433 
_atom_sites.fract_transf_matrix[3][2]   0.01245506 
_atom_sites.fract_transf_matrix[3][3]   -0.00323538 
_atom_sites.fract_transf_vector[1]      0.486652 
_atom_sites.fract_transf_vector[2]      0.932718 
_atom_sites.fract_transf_vector[3]      0.284428 
# 
loop_
_atom_type.symbol 
C  
FE 
N  
O  
S  
XE 
# 
loop_
_atom_site.group_PDB 
_atom_site.id 
_atom_site.type_symbol 
_atom_site.label_atom_id 
_atom_site.label_alt_id 
_atom_site.label_comp_id 
_atom_site.label_asym_id 
_atom_site.label_entity_id 
_atom_site.label_seq_id 
_atom_site.pdbx_PDB_ins_code 
_atom_site.Cartn_x 
_atom_site.Cartn_y 
_atom_site.Cartn_z 
_atom_site.occupancy 
_atom_site.B_iso_or_equiv 
_atom_site.pdbx_formal_charge 
_atom_site.auth_seq_id 
_atom_site.auth_comp_id 
_atom_site.auth_asym_id 
_atom_site.auth_atom_id 
_atom_site.pdbx_PDB_model_num 
ATOM   1    N  N   . SER A 1 1   ? -17.050 7.194   -3.395  1.00   30.93 ? 1    SER A N   1 
ATOM   2    C  CA  . SER A 1 1   ? -16.036 6.363   -2.683  1.00   31.60 ? 1    SER A CA  1 
ATOM   3    C  C   . SER A 1 1   ? -14.701 7.092   -2.581  1.00   30.92 ? 1    SER A C   1 
ATOM   4    O  O   . SER A 1 1   ? -14.436 8.033   -3.328  1.00   31.42 ? 1    SER A O   1 
ATOM   5    C  CB  . SER A 1 1   ? -15.846 5.020   -3.393  1.00   31.64 ? 1    SER A CB  1 
ATOM   6    O  OG  . SER A 1 1   ? -15.055 5.169   -4.559  1.00   32.37 ? 1    SER A OG  1 
ATOM   7    N  N   . LEU A 1 2   ? -13.863 6.656   -1.647  1.00   30.58 ? 2    LEU A N   1 
ATOM   8    C  CA  . LEU A 1 2   ? -12.533 7.231   -1.494  1.00   30.48 ? 2    LEU A CA  1 
ATOM   9    C  C   . LEU A 1 2   ? -11.794 7.178   -2.830  1.00   28.32 ? 2    LEU A C   1 
ATOM   10   O  O   . LEU A 1 2   ? -11.167 8.153   -3.247  1.00   27.20 ? 2    LEU A O   1 
ATOM   11   C  CB  . LEU A 1 2   ? -11.754 6.467   -0.420  1.00   31.57 ? 2    LEU A CB  1 
ATOM   12   C  CG  . LEU A 1 2   ? -10.460 7.087   0.113   1.00   33.65 ? 2    LEU A CG  1 
ATOM   13   C  CD1 . LEU A 1 2   ? -10.572 8.603   0.191   1.00   36.38 ? 2    LEU A CD1 1 
ATOM   14   C  CD2 . LEU A 1 2   ? -10.120 6.499   1.475   1.00   33.73 ? 2    LEU A CD2 1 
ATOM   15   N  N   . PHE A 1 3   ? -11.879 6.031   -3.496  1.00   27.14 ? 3    PHE A N   1 
ATOM   16   C  CA  . PHE A 1 3   ? -11.259 5.834   -4.800  1.00   26.64 ? 3    PHE A CA  1 
ATOM   17   C  C   . PHE A 1 3   ? -11.605 6.976   -5.750  1.00   27.51 ? 3    PHE A C   1 
ATOM   18   O  O   . PHE A 1 3   ? -10.720 7.634   -6.299  1.00   27.74 ? 3    PHE A O   1 
ATOM   19   C  CB  . PHE A 1 3   ? -11.712 4.500   -5.392  1.00   26.31 ? 3    PHE A CB  1 
ATOM   20   C  CG  . PHE A 1 3   ? -11.044 4.146   -6.690  1.00   28.54 ? 3    PHE A CG  1 
ATOM   21   C  CD1 . PHE A 1 3   ? -9.787  3.567   -6.703  1.00   28.73 ? 3    PHE A CD1 1 
ATOM   22   C  CD2 . PHE A 1 3   ? -11.681 4.383   -7.899  1.00   28.19 ? 3    PHE A CD2 1 
ATOM   23   C  CE1 . PHE A 1 3   ? -9.172  3.237   -7.896  1.00   28.46 ? 3    PHE A CE1 1 
ATOM   24   C  CE2 . PHE A 1 3   ? -11.072 4.053   -9.095  1.00   28.78 ? 3    PHE A CE2 1 
ATOM   25   C  CZ  . PHE A 1 3   ? -9.815  3.480   -9.094  1.00   30.49 ? 3    PHE A CZ  1 
ATOM   26   N  N   . ALA A 1 4   ? -12.898 7.213   -5.941  1.00   27.77 ? 4    ALA A N   1 
ATOM   27   C  CA  . ALA A 1 4   ? -13.349 8.273   -6.831  1.00   28.96 ? 4    ALA A CA  1 
ATOM   28   C  C   . ALA A 1 4   ? -12.881 9.636   -6.333  1.00   30.17 ? 4    ALA A C   1 
ATOM   29   O  O   . ALA A 1 4   ? -12.448 10.476  -7.120  1.00   31.47 ? 4    ALA A O   1 
ATOM   30   C  CB  . ALA A 1 4   ? -14.864 8.242   -6.979  1.00   28.80 ? 4    ALA A CB  1 
ATOM   31   N  N   . LYS A 1 5   ? -12.967 9.847   -5.023  1.00   30.02 ? 5    LYS A N   1 
ATOM   32   C  CA  . LYS A 1 5   ? -12.550 11.106  -4.418  1.00   29.81 ? 5    LYS A CA  1 
ATOM   33   C  C   . LYS A 1 5   ? -11.090 11.412  -4.728  1.00   30.31 ? 5    LYS A C   1 
ATOM   34   O  O   . LYS A 1 5   ? -10.730 12.556  -5.008  1.00   29.92 ? 5    LYS A O   1 
ATOM   35   C  CB  . LYS A 1 5   ? -12.752 11.062  -2.902  1.00   30.61 ? 5    LYS A CB  1 
ATOM   36   C  CG  . LYS A 1 5   ? -13.975 11.819  -2.406  1.00   28.68 ? 5    LYS A CG  1 
ATOM   37   C  CD  . LYS A 1 5   ? -14.328 11.408  -0.988  1.00   31.31 ? 5    LYS A CD  1 
ATOM   38   C  CE  . LYS A 1 5   ? -13.686 12.331  0.035   1.00   33.73 ? 5    LYS A CE  1 
ATOM   39   N  NZ  . LYS A 1 5   ? -13.580 11.692  1.378   1.00   38.39 ? 5    LYS A NZ  1 
ATOM   40   N  N   . LEU A 1 6   ? -10.249 10.384  -4.670  1.00   30.30 ? 6    LEU A N   1 
ATOM   41   C  CA  . LEU A 1 6   ? -8.814  10.564  -4.846  1.00   30.01 ? 6    LEU A CA  1 
ATOM   42   C  C   . LEU A 1 6   ? -8.465  11.008  -6.260  1.00   31.28 ? 6    LEU A C   1 
ATOM   43   O  O   . LEU A 1 6   ? -7.454  11.678  -6.477  1.00   31.30 ? 6    LEU A O   1 
ATOM   44   C  CB  . LEU A 1 6   ? -8.063  9.283   -4.483  1.00   29.63 ? 6    LEU A CB  1 
ATOM   45   C  CG  . LEU A 1 6   ? -7.833  9.068   -2.985  1.00   28.66 ? 6    LEU A CG  1 
ATOM   46   C  CD1 . LEU A 1 6   ? -7.362  7.653   -2.709  1.00   26.47 ? 6    LEU A CD1 1 
ATOM   47   C  CD2 . LEU A 1 6   ? -6.840  10.083  -2.443  1.00   27.83 ? 6    LEU A CD2 1 
ATOM   48   N  N   . GLY A 1 7   ? -9.305  10.634  -7.219  1.00   32.01 ? 7    GLY A N   1 
ATOM   49   C  CA  . GLY A 1 7   ? -9.096  11.017  -8.604  1.00   33.02 ? 7    GLY A CA  1 
ATOM   50   C  C   . GLY A 1 7   ? -9.316  9.867   -9.567  1.00   34.16 ? 7    GLY A C   1 
ATOM   51   O  O   . GLY A 1 7   ? -9.203  10.035  -10.781 1.00   34.47 ? 7    GLY A O   1 
ATOM   52   N  N   . GLY A 1 8   ? -9.625  8.695   -9.022  1.00   34.88 ? 8    GLY A N   1 
ATOM   53   C  CA  . GLY A 1 8   ? -9.948  7.535   -9.831  1.00   35.44 ? 8    GLY A CA  1 
ATOM   54   C  C   . GLY A 1 8   ? -8.740  6.825   -10.414 1.00   35.76 ? 8    GLY A C   1 
ATOM   55   O  O   . GLY A 1 8   ? -7.606  7.035   -9.979  1.00   35.56 ? 8    GLY A O   1 
ATOM   56   N  N   . ARG A 1 9   ? -8.994  5.980   -11.408 1.00   35.12 ? 9    ARG A N   1 
ATOM   57   C  CA  . ARG A 1 9   ? -7.950  5.187   -12.049 1.00   34.55 ? 9    ARG A CA  1 
ATOM   58   C  C   . ARG A 1 9   ? -6.628  5.937   -12.175 1.00   34.30 ? 9    ARG A C   1 
ATOM   59   O  O   . ARG A 1 9   ? -5.589  5.460   -11.716 1.00   34.90 ? 9    ARG A O   1 
ATOM   60   C  CB  . ARG A 1 9   ? -8.418  4.714   -13.428 1.00   33.79 ? 9    ARG A CB  1 
ATOM   61   C  CG  . ARG A 1 9   ? -7.647  3.527   -13.980 1.00   33.27 ? 9    ARG A CG  1 
ATOM   62   C  CD  . ARG A 1 9   ? -8.012  3.178   -15.413 1.00   33.31 ? 9    ARG A CD  1 
ATOM   63   N  NE  . ARG A 1 9   ? -8.301  4.374   -16.200 1.00   35.28 ? 9    ARG A NE  1 
ATOM   64   C  CZ  . ARG A 1 9   ? -7.382  5.086   -16.838 1.00   34.92 ? 9    ARG A CZ  1 
ATOM   65   N  NH1 . ARG A 1 9   ? -6.107  4.723   -16.790 1.00   33.27 ? 9    ARG A NH1 1 
ATOM   66   N  NH2 . ARG A 1 9   ? -7.734  6.162   -17.528 1.00   31.33 ? 9    ARG A NH2 1 
ATOM   67   N  N   . GLU A 1 10  ? -6.669  7.110   -12.800 1.00   33.99 ? 10   GLU A N   1 
ATOM   68   C  CA  . GLU A 1 10  ? -5.456  7.868   -13.090 1.00   34.19 ? 10   GLU A CA  1 
ATOM   69   C  C   . GLU A 1 10  ? -4.680  8.256   -11.834 1.00   32.40 ? 10   GLU A C   1 
ATOM   70   O  O   . GLU A 1 10  ? -3.468  8.053   -11.758 1.00   32.60 ? 10   GLU A O   1 
ATOM   71   C  CB  . GLU A 1 10  ? -5.783  9.116   -13.915 1.00   34.39 ? 10   GLU A CB  1 
ATOM   72   C  CG  . GLU A 1 10  ? -6.058  8.837   -15.384 1.00   41.46 ? 10   GLU A CG  1 
ATOM   73   C  CD  . GLU A 1 10  ? -4.793  8.778   -16.222 1.00   46.47 ? 10   GLU A CD  1 
ATOM   74   O  OE1 . GLU A 1 10  ? -3.744  9.285   -15.768 1.00   45.16 ? 10   GLU A OE1 1 
ATOM   75   O  OE2 . GLU A 1 10  ? -4.849  8.223   -17.340 1.00   49.14 ? 10   GLU A OE2 1 
ATOM   76   N  N   . ALA A 1 11  ? -5.379  8.821   -10.855 1.00   30.73 ? 11   ALA A N   1 
ATOM   77   C  CA  . ALA A 1 11  ? -4.738  9.269   -9.623  1.00   30.32 ? 11   ALA A CA  1 
ATOM   78   C  C   . ALA A 1 11  ? -4.071  8.109   -8.891  1.00   29.14 ? 11   ALA A C   1 
ATOM   79   O  O   . ALA A 1 11  ? -2.924  8.214   -8.456  1.00   29.22 ? 11   ALA A O   1 
ATOM   80   C  CB  . ALA A 1 11  ? -5.745  9.964   -8.716  1.00   30.08 ? 11   ALA A CB  1 
ATOM   81   N  N   . VAL A 1 12  ? -4.795  7.001   -8.764  1.00   27.99 ? 12   VAL A N   1 
ATOM   82   C  CA  . VAL A 1 12  ? -4.287  5.834   -8.050  1.00   27.16 ? 12   VAL A CA  1 
ATOM   83   C  C   . VAL A 1 12  ? -3.122  5.174   -8.782  1.00   26.40 ? 12   VAL A C   1 
ATOM   84   O  O   . VAL A 1 12  ? -2.211  4.634   -8.156  1.00   24.65 ? 12   VAL A O   1 
ATOM   85   C  CB  . VAL A 1 12  ? -5.403  4.809   -7.772  1.00   26.68 ? 12   VAL A CB  1 
ATOM   86   C  CG1 . VAL A 1 12  ? -4.858  3.627   -6.984  1.00   23.41 ? 12   VAL A CG1 1 
ATOM   87   C  CG2 . VAL A 1 12  ? -6.548  5.473   -7.018  1.00   25.07 ? 12   VAL A CG2 1 
ATOM   88   N  N   . GLU A 1 13  ? -3.152  5.225   -10.110 1.00   26.80 ? 13   GLU A N   1 
ATOM   89   C  CA  . GLU A 1 13  ? -2.049  4.716   -10.918 1.00   27.21 ? 13   GLU A CA  1 
ATOM   90   C  C   . GLU A 1 13  ? -0.787  5.527   -10.657 1.00   28.28 ? 13   GLU A C   1 
ATOM   91   O  O   . GLU A 1 13  ? 0.315   4.979   -10.578 1.00   28.40 ? 13   GLU A O   1 
ATOM   92   C  CB  . GLU A 1 13  ? -2.397  4.792   -12.402 1.00   26.90 ? 13   GLU A CB  1 
ATOM   93   C  CG  . GLU A 1 13  ? -3.040  3.536   -12.962 1.00   27.06 ? 13   GLU A CG  1 
ATOM   94   C  CD  . GLU A 1 13  ? -3.499  3.718   -14.395 1.00   27.44 ? 13   GLU A CD  1 
ATOM   95   O  OE1 . GLU A 1 13  ? -2.950  4.603   -15.086 1.00   28.39 ? 13   GLU A OE1 1 
ATOM   96   O  OE2 . GLU A 1 13  ? -4.407  2.978   -14.827 1.00   26.34 ? 13   GLU A OE2 1 
ATOM   97   N  N   . ALA A 1 14  ? -0.959  6.839   -10.533 1.00   28.60 ? 14   ALA A N   1 
ATOM   98   C  CA  . ALA A 1 14  ? 0.153   7.745   -10.282 1.00   28.04 ? 14   ALA A CA  1 
ATOM   99   C  C   . ALA A 1 14  ? 0.674   7.584   -8.858  1.00   27.72 ? 14   ALA A C   1 
ATOM   100  O  O   . ALA A 1 14  ? 1.874   7.693   -8.609  1.00   28.58 ? 14   ALA A O   1 
ATOM   101  C  CB  . ALA A 1 14  ? -0.273  9.186   -10.534 1.00   27.87 ? 14   ALA A CB  1 
ATOM   102  N  N   . ALA A 1 15  ? -0.235  7.322   -7.926  1.00   28.45 ? 15   ALA A N   1 
ATOM   103  C  CA  . ALA A 1 15  ? 0.129   7.165   -6.524  1.00   28.72 ? 15   ALA A CA  1 
ATOM   104  C  C   . ALA A 1 15  ? 0.927   5.885   -6.314  1.00   29.11 ? 15   ALA A C   1 
ATOM   105  O  O   . ALA A 1 15  ? 1.958   5.887   -5.638  1.00   30.04 ? 15   ALA A O   1 
ATOM   106  C  CB  . ALA A 1 15  ? -1.116  7.167   -5.652  1.00   29.11 ? 15   ALA A CB  1 
ATOM   107  N  N   . VAL A 1 16  ? 0.445   4.796   -6.899  1.00   28.96 ? 16   VAL A N   1 
ATOM   108  C  CA  . VAL A 1 16  ? 1.108   3.503   -6.791  1.00   28.48 ? 16   VAL A CA  1 
ATOM   109  C  C   . VAL A 1 16  ? 2.492   3.546   -7.429  1.00   29.86 ? 16   VAL A C   1 
ATOM   110  O  O   . VAL A 1 16  ? 3.452   2.997   -6.890  1.00   30.24 ? 16   VAL A O   1 
ATOM   111  C  CB  . VAL A 1 16  ? 0.264   2.391   -7.443  1.00   28.26 ? 16   VAL A CB  1 
ATOM   112  C  CG1 . VAL A 1 16  ? 1.135   1.205   -7.830  1.00   27.36 ? 16   VAL A CG1 1 
ATOM   113  C  CG2 . VAL A 1 16  ? -0.857  1.956   -6.506  1.00   29.48 ? 16   VAL A CG2 1 
ATOM   114  N  N   . ASP A 1 17  ? 2.590   4.207   -8.578  1.00   30.69 ? 17   ASP A N   1 
ATOM   115  C  CA  . ASP A 1 17  ? 3.856   4.327   -9.293  1.00   31.52 ? 17   ASP A CA  1 
ATOM   116  C  C   . ASP A 1 17  ? 4.882   5.103   -8.473  1.00   31.99 ? 17   ASP A C   1 
ATOM   117  O  O   . ASP A 1 17  ? 5.973   4.604   -8.187  1.00   32.10 ? 17   ASP A O   1 
ATOM   118  C  CB  . ASP A 1 17  ? 3.636   5.012   -10.643 1.00   32.03 ? 17   ASP A CB  1 
ATOM   119  C  CG  . ASP A 1 17  ? 4.904   5.095   -11.470 1.00   32.66 ? 17   ASP A CG  1 
ATOM   120  O  OD1 . ASP A 1 17  ? 5.117   6.135   -12.126 1.00   32.10 ? 17   ASP A OD1 1 
ATOM   121  O  OD2 . ASP A 1 17  ? 5.742   4.171   -11.529 1.00   32.98 ? 17   ASP A OD2 1 
ATOM   122  N  N   . LYS A 1 18  ? 4.521   6.327   -8.099  1.00   32.00 ? 18   LYS A N   1 
ATOM   123  C  CA  . LYS A 1 18  ? 5.394   7.191   -7.311  1.00   30.94 ? 18   LYS A CA  1 
ATOM   124  C  C   . LYS A 1 18  ? 5.692   6.570   -5.951  1.00   30.11 ? 18   LYS A C   1 
ATOM   125  O  O   . LYS A 1 18  ? 6.771   6.761   -5.390  1.00   29.97 ? 18   LYS A O   1 
ATOM   126  C  CB  . LYS A 1 18  ? 4.739   8.561   -7.122  1.00   31.88 ? 18   LYS A CB  1 
ATOM   127  C  CG  . LYS A 1 18  ? 5.458   9.469   -6.139  1.00   35.20 ? 18   LYS A CG  1 
ATOM   128  C  CD  . LYS A 1 18  ? 4.716   10.784  -5.963  1.00   39.40 ? 18   LYS A CD  1 
ATOM   129  C  CE  . LYS A 1 18  ? 4.930   11.703  -7.157  1.00   41.08 ? 18   LYS A CE  1 
ATOM   130  N  NZ  . LYS A 1 18  ? 6.213   12.457  -7.053  1.00   44.94 ? 18   LYS A NZ  1 
ATOM   131  N  N   . PHE A 1 19  ? 4.722   5.828   -5.429  1.00   29.18 ? 19   PHE A N   1 
ATOM   132  C  CA  . PHE A 1 19  ? 4.865   5.147   -4.149  1.00   28.32 ? 19   PHE A CA  1 
ATOM   133  C  C   . PHE A 1 19  ? 5.981   4.105   -4.198  1.00   28.66 ? 19   PHE A C   1 
ATOM   134  O  O   . PHE A 1 19  ? 6.814   4.032   -3.294  1.00   29.33 ? 19   PHE A O   1 
ATOM   135  C  CB  . PHE A 1 19  ? 3.541   4.484   -3.764  1.00   27.60 ? 19   PHE A CB  1 
ATOM   136  C  CG  . PHE A 1 19  ? 3.639   3.564   -2.583  1.00   25.83 ? 19   PHE A CG  1 
ATOM   137  C  CD1 . PHE A 1 19  ? 3.889   4.064   -1.317  1.00   26.47 ? 19   PHE A CD1 1 
ATOM   138  C  CD2 . PHE A 1 19  ? 3.474   2.197   -2.740  1.00   23.93 ? 19   PHE A CD2 1 
ATOM   139  C  CE1 . PHE A 1 19  ? 3.976   3.219   -0.227  1.00   22.06 ? 19   PHE A CE1 1 
ATOM   140  C  CE2 . PHE A 1 19  ? 3.560   1.346   -1.657  1.00   24.71 ? 19   PHE A CE2 1 
ATOM   141  C  CZ  . PHE A 1 19  ? 3.811   1.858   -0.398  1.00   26.30 ? 19   PHE A CZ  1 
ATOM   142  N  N   . TYR A 1 20  ? 5.996   3.305   -5.259  1.00   28.59 ? 20   TYR A N   1 
ATOM   143  C  CA  . TYR A 1 20  ? 6.987   2.244   -5.393  1.00   28.75 ? 20   TYR A CA  1 
ATOM   144  C  C   . TYR A 1 20  ? 8.370   2.752   -5.790  1.00   29.95 ? 20   TYR A C   1 
ATOM   145  O  O   . TYR A 1 20  ? 9.371   2.064   -5.589  1.00   30.96 ? 20   TYR A O   1 
ATOM   146  C  CB  . TYR A 1 20  ? 6.496   1.148   -6.340  1.00   27.76 ? 20   TYR A CB  1 
ATOM   147  C  CG  . TYR A 1 20  ? 5.652   0.110   -5.640  1.00   25.59 ? 20   TYR A CG  1 
ATOM   148  C  CD1 . TYR A 1 20  ? 4.330   -0.105  -6.006  1.00   25.79 ? 20   TYR A CD1 1 
ATOM   149  C  CD2 . TYR A 1 20  ? 6.173   -0.645  -4.597  1.00   25.09 ? 20   TYR A CD2 1 
ATOM   150  C  CE1 . TYR A 1 20  ? 3.553   -1.047  -5.360  1.00   24.09 ? 20   TYR A CE1 1 
ATOM   151  C  CE2 . TYR A 1 20  ? 5.407   -1.589  -3.945  1.00   25.97 ? 20   TYR A CE2 1 
ATOM   152  C  CZ  . TYR A 1 20  ? 4.096   -1.787  -4.329  1.00   27.53 ? 20   TYR A CZ  1 
ATOM   153  O  OH  . TYR A 1 20  ? 3.327   -2.729  -3.680  1.00   26.97 ? 20   TYR A OH  1 
ATOM   154  N  N   . ASN A 1 21  ? 8.429   3.956   -6.350  1.00   30.30 ? 21   ASN A N   1 
ATOM   155  C  CA  . ASN A 1 21  ? 9.714   4.587   -6.625  1.00   31.21 ? 21   ASN A CA  1 
ATOM   156  C  C   . ASN A 1 21  ? 10.434  4.898   -5.317  1.00   31.37 ? 21   ASN A C   1 
ATOM   157  O  O   . ASN A 1 21  ? 11.664  4.874   -5.243  1.00   31.10 ? 21   ASN A O   1 
ATOM   158  C  CB  . ASN A 1 21  ? 9.531   5.862   -7.454  1.00   31.68 ? 21   ASN A CB  1 
ATOM   159  C  CG  . ASN A 1 21  ? 9.516   5.591   -8.950  1.00   35.28 ? 21   ASN A CG  1 
ATOM   160  O  OD1 . ASN A 1 21  ? 10.190  4.680   -9.432  1.00   39.08 ? 21   ASN A OD1 1 
ATOM   161  N  ND2 . ASN A 1 21  ? 8.751   6.384   -9.692  1.00   29.54 ? 21   ASN A ND2 1 
ATOM   162  N  N   . LYS A 1 22  ? 9.653   5.185   -4.280  1.00   31.43 ? 22   LYS A N   1 
ATOM   163  C  CA  . LYS A 1 22  ? 10.204  5.449   -2.958  1.00   32.40 ? 22   LYS A CA  1 
ATOM   164  C  C   . LYS A 1 22  ? 10.578  4.139   -2.272  1.00   32.91 ? 22   LYS A C   1 
ATOM   165  O  O   . LYS A 1 22  ? 11.586  4.058   -1.571  1.00   33.79 ? 22   LYS A O   1 
ATOM   166  C  CB  . LYS A 1 22  ? 9.193   6.214   -2.100  1.00   32.55 ? 22   LYS A CB  1 
ATOM   167  C  CG  . LYS A 1 22  ? 9.005   7.670   -2.491  1.00   31.81 ? 22   LYS A CG  1 
ATOM   168  C  CD  . LYS A 1 22  ? 7.692   8.219   -1.953  1.00   31.15 ? 22   LYS A CD  1 
ATOM   169  C  CE  . LYS A 1 22  ? 7.353   9.566   -2.577  1.00   31.18 ? 22   LYS A CE  1 
ATOM   170  N  NZ  . LYS A 1 22  ? 7.660   10.701  -1.663  1.00   27.91 ? 22   LYS A NZ  1 
ATOM   171  N  N   . ILE A 1 23  ? 9.760   3.114   -2.482  1.00   32.80 ? 23   ILE A N   1 
ATOM   172  C  CA  . ILE A 1 23  ? 9.962   1.829   -1.825  1.00   33.37 ? 23   ILE A CA  1 
ATOM   173  C  C   . ILE A 1 23  ? 11.352  1.259   -2.098  1.00   33.81 ? 23   ILE A C   1 
ATOM   174  O  O   . ILE A 1 23  ? 12.060  0.859   -1.172  1.00   33.60 ? 23   ILE A O   1 
ATOM   175  C  CB  . ILE A 1 23  ? 8.875   0.826   -2.255  1.00   33.08 ? 23   ILE A CB  1 
ATOM   176  C  CG1 . ILE A 1 23  ? 7.560   1.125   -1.531  1.00   34.00 ? 23   ILE A CG1 1 
ATOM   177  C  CG2 . ILE A 1 23  ? 9.326   -0.602  -1.983  1.00   34.17 ? 23   ILE A CG2 1 
ATOM   178  C  CD1 . ILE A 1 23  ? 7.716   1.345   -0.036  1.00   32.07 ? 23   ILE A CD1 1 
ATOM   179  N  N   . VAL A 1 24  ? 11.737  1.227   -3.370  1.00   33.61 ? 24   VAL A N   1 
ATOM   180  C  CA  . VAL A 1 24  ? 13.003  0.627   -3.774  1.00   32.97 ? 24   VAL A CA  1 
ATOM   181  C  C   . VAL A 1 24  ? 14.191  1.520   -3.434  1.00   33.37 ? 24   VAL A C   1 
ATOM   182  O  O   . VAL A 1 24  ? 15.339  1.072   -3.445  1.00   33.72 ? 24   VAL A O   1 
ATOM   183  C  CB  . VAL A 1 24  ? 13.027  0.296   -5.280  1.00   32.81 ? 24   VAL A CB  1 
ATOM   184  C  CG1 . VAL A 1 24  ? 11.710  -0.328  -5.712  1.00   31.97 ? 24   VAL A CG1 1 
ATOM   185  C  CG2 . VAL A 1 24  ? 13.329  1.541   -6.096  1.00   32.90 ? 24   VAL A CG2 1 
ATOM   186  N  N   . ALA A 1 25  ? 13.911  2.784   -3.133  1.00   33.06 ? 25   ALA A N   1 
ATOM   187  C  CA  . ALA A 1 25  ? 14.963  3.725   -2.769  1.00   32.90 ? 25   ALA A CA  1 
ATOM   188  C  C   . ALA A 1 25  ? 15.158  3.783   -1.256  1.00   32.67 ? 25   ALA A C   1 
ATOM   189  O  O   . ALA A 1 25  ? 16.000  4.531   -0.760  1.00   33.56 ? 25   ALA A O   1 
ATOM   190  C  CB  . ALA A 1 25  ? 14.658  5.110   -3.325  1.00   32.47 ? 25   ALA A CB  1 
ATOM   191  N  N   . ASP A 1 26  ? 14.379  2.991   -0.526  1.00   31.37 ? 26   ASP A N   1 
ATOM   192  C  CA  . ASP A 1 26  ? 14.476  2.956   0.930   1.00   31.24 ? 26   ASP A CA  1 
ATOM   193  C  C   . ASP A 1 26  ? 15.012  1.611   1.413   1.00   30.99 ? 26   ASP A C   1 
ATOM   194  O  O   . ASP A 1 26  ? 14.328  0.588   1.327   1.00   30.23 ? 26   ASP A O   1 
ATOM   195  C  CB  . ASP A 1 26  ? 13.117  3.257   1.566   1.00   30.55 ? 26   ASP A CB  1 
ATOM   196  C  CG  . ASP A 1 26  ? 13.166  3.246   3.080   1.00   31.28 ? 26   ASP A CG  1 
ATOM   197  O  OD1 . ASP A 1 26  ? 12.086  3.264   3.709   1.00   33.77 ? 26   ASP A OD1 1 
ATOM   198  O  OD2 . ASP A 1 26  ? 14.231  3.221   3.730   1.00   31.72 ? 26   ASP A OD2 1 
ATOM   199  N  N   . PRO A 1 27  ? 16.241  1.622   1.917   1.00   30.96 ? 27   PRO A N   1 
ATOM   200  C  CA  . PRO A 1 27  ? 16.925  0.397   2.349   1.00   31.28 ? 27   PRO A CA  1 
ATOM   201  C  C   . PRO A 1 27  ? 16.220  -0.283  3.516   1.00   31.39 ? 27   PRO A C   1 
ATOM   202  O  O   . PRO A 1 27  ? 16.533  -1.429  3.835   1.00   31.50 ? 27   PRO A O   1 
ATOM   203  C  CB  . PRO A 1 27  ? 18.303  0.899   2.785   1.00   31.39 ? 27   PRO A CB  1 
ATOM   204  C  CG  . PRO A 1 27  ? 18.449  2.238   2.137   1.00   32.67 ? 27   PRO A CG  1 
ATOM   205  C  CD  . PRO A 1 27  ? 17.069  2.823   2.114   1.00   31.14 ? 27   PRO A CD  1 
ATOM   206  N  N   . THR A 1 28  ? 15.277  0.419   4.138   1.00   31.53 ? 28   THR A N   1 
ATOM   207  C  CA  . THR A 1 28  ? 14.479  -0.149  5.219   1.00   31.29 ? 28   THR A CA  1 
ATOM   208  C  C   . THR A 1 28  ? 13.524  -1.223  4.705   1.00   30.94 ? 28   THR A C   1 
ATOM   209  O  O   . THR A 1 28  ? 13.111  -2.106  5.456   1.00   31.17 ? 28   THR A O   1 
ATOM   210  C  CB  . THR A 1 28  ? 13.673  0.956   5.931   1.00   31.71 ? 28   THR A CB  1 
ATOM   211  O  OG1 . THR A 1 28  ? 14.569  1.916   6.506   1.00   31.02 ? 28   THR A OG1 1 
ATOM   212  C  CG2 . THR A 1 28  ? 12.939  0.390   7.141   1.00   31.20 ? 28   THR A CG2 1 
ATOM   213  N  N   . VAL A 1 29  ? 13.173  -1.144  3.423   1.00   30.68 ? 29   VAL A N   1 
ATOM   214  C  CA  . VAL A 1 29  ? 12.182  -2.051  2.851   1.00   29.73 ? 29   VAL A CA  1 
ATOM   215  C  C   . VAL A 1 29  ? 12.531  -2.533  1.446   1.00   30.02 ? 29   VAL A C   1 
ATOM   216  O  O   . VAL A 1 29  ? 11.973  -3.521  0.968   1.00   30.63 ? 29   VAL A O   1 
ATOM   217  C  CB  . VAL A 1 29  ? 10.781  -1.404  2.814   1.00   29.89 ? 29   VAL A CB  1 
ATOM   218  C  CG1 . VAL A 1 29  ? 10.039  -1.659  4.117   1.00   28.67 ? 29   VAL A CG1 1 
ATOM   219  C  CG2 . VAL A 1 29  ? 10.885  0.088   2.534   1.00   27.18 ? 29   VAL A CG2 1 
ATOM   220  N  N   . SER A 1 30  ? 13.445  -1.838  0.779   1.00   30.14 ? 30   SER A N   1 
ATOM   221  C  CA  . SER A 1 30  ? 13.751  -2.152  -0.612  1.00   30.36 ? 30   SER A CA  1 
ATOM   222  C  C   . SER A 1 30  ? 14.184  -3.605  -0.800  1.00   30.69 ? 30   SER A C   1 
ATOM   223  O  O   . SER A 1 30  ? 13.880  -4.227  -1.820  1.00   31.67 ? 30   SER A O   1 
ATOM   224  C  CB  . SER A 1 30  ? 14.799  -1.188  -1.179  1.00   30.81 ? 30   SER A CB  1 
ATOM   225  O  OG  . SER A 1 30  ? 16.079  -1.412  -0.615  1.00   30.91 ? 30   SER A OG  1 
ATOM   226  N  N   . THR A 1 31  ? 14.883  -4.150  0.189   1.00   29.66 ? 31   THR A N   1 
ATOM   227  C  CA  . THR A 1 31  ? 15.422  -5.500  0.078   1.00   29.91 ? 31   THR A CA  1 
ATOM   228  C  C   . THR A 1 31  ? 14.340  -6.580  -0.016  1.00   30.04 ? 31   THR A C   1 
ATOM   229  O  O   . THR A 1 31  ? 14.564  -7.649  -0.588  1.00   29.35 ? 31   THR A O   1 
ATOM   230  C  CB  . THR A 1 31  ? 16.399  -5.796  1.231   1.00   29.75 ? 31   THR A CB  1 
ATOM   231  O  OG1 . THR A 1 31  ? 17.487  -4.863  1.181   1.00   28.01 ? 31   THR A OG1 1 
ATOM   232  C  CG2 . THR A 1 31  ? 17.082  -7.139  1.019   1.00   25.33 ? 31   THR A CG2 1 
ATOM   233  N  N   . TYR A 1 32  ? 13.168  -6.295  0.542   1.00   30.02 ? 32   TYR A N   1 
ATOM   234  C  CA  . TYR A 1 32  ? 12.050  -7.231  0.475   1.00   30.18 ? 32   TYR A CA  1 
ATOM   235  C  C   . TYR A 1 32  ? 11.572  -7.437  -0.963  1.00   31.65 ? 32   TYR A C   1 
ATOM   236  O  O   . TYR A 1 32  ? 10.971  -8.463  -1.282  1.00   32.14 ? 32   TYR A O   1 
ATOM   237  C  CB  . TYR A 1 32  ? 10.893  -6.751  1.353   1.00   28.75 ? 32   TYR A CB  1 
ATOM   238  C  CG  . TYR A 1 32  ? 11.149  -6.910  2.835   1.00   31.45 ? 32   TYR A CG  1 
ATOM   239  C  CD1 . TYR A 1 32  ? 11.615  -5.846  3.596   1.00   31.98 ? 32   TYR A CD1 1 
ATOM   240  C  CD2 . TYR A 1 32  ? 10.927  -8.123  3.472   1.00   28.90 ? 32   TYR A CD2 1 
ATOM   241  C  CE1 . TYR A 1 32  ? 11.851  -5.985  4.950   1.00   31.52 ? 32   TYR A CE1 1 
ATOM   242  C  CE2 . TYR A 1 32  ? 11.160  -8.272  4.825   1.00   28.81 ? 32   TYR A CE2 1 
ATOM   243  C  CZ  . TYR A 1 32  ? 11.623  -7.201  5.560   1.00   31.55 ? 32   TYR A CZ  1 
ATOM   244  O  OH  . TYR A 1 32  ? 11.859  -7.342  6.909   1.00   30.75 ? 32   TYR A OH  1 
ATOM   245  N  N   . PHE A 1 33  ? 11.847  -6.460  -1.824  1.00   32.66 ? 33   PHE A N   1 
ATOM   246  C  CA  . PHE A 1 33  ? 11.358  -6.482  -3.200  1.00   33.69 ? 33   PHE A CA  1 
ATOM   247  C  C   . PHE A 1 33  ? 12.444  -6.832  -4.214  1.00   34.96 ? 33   PHE A C   1 
ATOM   248  O  O   . PHE A 1 33  ? 12.240  -6.703  -5.422  1.00   34.42 ? 33   PHE A O   1 
ATOM   249  C  CB  . PHE A 1 33  ? 10.729  -5.133  -3.558  1.00   33.05 ? 33   PHE A CB  1 
ATOM   250  C  CG  . PHE A 1 33  ? 9.578   -4.750  -2.675  1.00   31.01 ? 33   PHE A CG  1 
ATOM   251  C  CD1 . PHE A 1 33  ? 9.787   -4.004  -1.528  1.00   29.78 ? 33   PHE A CD1 1 
ATOM   252  C  CD2 . PHE A 1 33  ? 8.288   -5.144  -2.988  1.00   28.90 ? 33   PHE A CD2 1 
ATOM   253  C  CE1 . PHE A 1 33  ? 8.730   -3.655  -0.710  1.00   26.83 ? 33   PHE A CE1 1 
ATOM   254  C  CE2 . PHE A 1 33  ? 7.228   -4.795  -2.176  1.00   27.48 ? 33   PHE A CE2 1 
ATOM   255  C  CZ  . PHE A 1 33  ? 7.450   -4.050  -1.035  1.00   25.07 ? 33   PHE A CZ  1 
ATOM   256  N  N   . SER A 1 34  ? 13.594  -7.278  -3.718  1.00   36.40 ? 34   SER A N   1 
ATOM   257  C  CA  . SER A 1 34  ? 14.742  -7.565  -4.573  1.00   37.69 ? 34   SER A CA  1 
ATOM   258  C  C   . SER A 1 34  ? 14.436  -8.604  -5.653  1.00   38.22 ? 34   SER A C   1 
ATOM   259  O  O   . SER A 1 34  ? 14.936  -8.508  -6.776  1.00   37.67 ? 34   SER A O   1 
ATOM   260  C  CB  . SER A 1 34  ? 15.938  -8.010  -3.731  1.00   37.75 ? 34   SER A CB  1 
ATOM   261  O  OG  . SER A 1 34  ? 15.685  -9.261  -3.116  1.00   39.88 ? 34   SER A OG  1 
ATOM   262  N  N   . ASN A 1 35  ? 13.616  -9.594  -5.314  1.00   38.28 ? 35   ASN A N   1 
ATOM   263  C  CA  . ASN A 1 35  ? 13.249  -10.640 -6.265  1.00   38.59 ? 35   ASN A CA  1 
ATOM   264  C  C   . ASN A 1 35  ? 11.856  -10.426 -6.846  1.00   37.77 ? 35   ASN A C   1 
ATOM   265  O  O   . ASN A 1 35  ? 11.220  -11.368 -7.321  1.00   38.41 ? 35   ASN A O   1 
ATOM   266  C  CB  . ASN A 1 35  ? 13.339  -12.021 -5.610  1.00   39.14 ? 35   ASN A CB  1 
ATOM   267  C  CG  . ASN A 1 35  ? 14.760  -12.397 -5.235  1.00   43.42 ? 35   ASN A CG  1 
ATOM   268  O  OD1 . ASN A 1 35  ? 15.715  -12.011 -5.910  1.00   46.08 ? 35   ASN A OD1 1 
ATOM   269  N  ND2 . ASN A 1 35  ? 14.909  -13.152 -4.150  1.00   43.17 ? 35   ASN A ND2 1 
ATOM   270  N  N   . THR A 1 36  ? 11.389  -9.183  -6.811  1.00   35.82 ? 36   THR A N   1 
ATOM   271  C  CA  . THR A 1 36  ? 10.031  -8.864  -7.234  1.00   34.56 ? 36   THR A CA  1 
ATOM   272  C  C   . THR A 1 36  ? 9.996   -8.082  -8.545  1.00   33.57 ? 36   THR A C   1 
ATOM   273  O  O   . THR A 1 36  ? 10.841  -7.222  -8.795  1.00   32.50 ? 36   THR A O   1 
ATOM   274  C  CB  . THR A 1 36  ? 9.296   -8.076  -6.127  1.00   34.76 ? 36   THR A CB  1 
ATOM   275  O  OG1 . THR A 1 36  ? 8.858   -8.978  -5.103  1.00   34.85 ? 36   THR A OG1 1 
ATOM   276  C  CG2 . THR A 1 36  ? 7.996   -7.488  -6.655  1.00   32.42 ? 36   THR A CG2 1 
ATOM   277  N  N   . ASP A 1 37  ? 9.013   -8.393  -9.383  1.00   32.53 ? 37   ASP A N   1 
ATOM   278  C  CA  . ASP A 1 37  ? 8.720   -7.567  -10.548 1.00   31.62 ? 37   ASP A CA  1 
ATOM   279  C  C   . ASP A 1 37  ? 7.972   -6.330  -10.063 1.00   30.76 ? 37   ASP A C   1 
ATOM   280  O  O   . ASP A 1 37  ? 6.858   -6.434  -9.552  1.00   31.45 ? 37   ASP A O   1 
ATOM   281  C  CB  . ASP A 1 37  ? 7.862   -8.346  -11.547 1.00   31.03 ? 37   ASP A CB  1 
ATOM   282  C  CG  . ASP A 1 37  ? 7.884   -7.737  -12.935 1.00   31.02 ? 37   ASP A CG  1 
ATOM   283  O  OD1 . ASP A 1 37  ? 7.988   -6.498  -13.043 1.00   28.90 ? 37   ASP A OD1 1 
ATOM   284  O  OD2 . ASP A 1 37  ? 7.798   -8.423  -13.976 1.00   27.46 ? 37   ASP A OD2 1 
ATOM   285  N  N   . MET A 1 38  ? 8.588   -5.162  -10.213 1.00   29.15 ? 38   MET A N   1 
ATOM   286  C  CA  . MET A 1 38  ? 8.019   -3.931  -9.672  1.00   28.32 ? 38   MET A CA  1 
ATOM   287  C  C   . MET A 1 38  ? 6.918   -3.355  -10.559 1.00   28.71 ? 38   MET A C   1 
ATOM   288  O  O   . MET A 1 38  ? 6.207   -2.432  -10.163 1.00   28.14 ? 38   MET A O   1 
ATOM   289  C  CB  . MET A 1 38  ? 9.112   -2.889  -9.422  1.00   28.30 ? 38   MET A CB  1 
ATOM   290  C  CG  . MET A 1 38  ? 10.073  -3.249  -8.298  1.00   26.75 ? 38   MET A CG  1 
ATOM   291  S  SD  . MET A 1 38  ? 9.276   -4.137  -6.943  1.00   29.67 ? 38   MET A SD  1 
ATOM   292  C  CE  . MET A 1 38  ? 8.522   -2.778  -6.049  1.00   28.31 ? 38   MET A CE  1 
ATOM   293  N  N   . LYS A 1 39  ? 6.779   -3.902  -11.761 1.00   29.26 ? 39   LYS A N   1 
ATOM   294  C  CA  . LYS A 1 39  ? 5.674   -3.529  -12.633 1.00   29.89 ? 39   LYS A CA  1 
ATOM   295  C  C   . LYS A 1 39  ? 4.462   -4.389  -12.295 1.00   29.67 ? 39   LYS A C   1 
ATOM   296  O  O   . LYS A 1 39  ? 3.332   -3.899  -12.233 1.00   28.60 ? 39   LYS A O   1 
ATOM   297  C  CB  . LYS A 1 39  ? 6.064   -3.701  -14.100 1.00   29.94 ? 39   LYS A CB  1 
ATOM   298  C  CG  . LYS A 1 39  ? 6.917   -2.570  -14.649 1.00   35.60 ? 39   LYS A CG  1 
ATOM   299  C  CD  . LYS A 1 39  ? 7.408   -2.880  -16.054 1.00   41.73 ? 39   LYS A CD  1 
ATOM   300  C  CE  . LYS A 1 39  ? 7.894   -1.626  -16.764 1.00   44.22 ? 39   LYS A CE  1 
ATOM   301  N  NZ  . LYS A 1 39  ? 9.099   -1.894  -17.598 1.00   45.31 ? 39   LYS A NZ  1 
ATOM   302  N  N   . VAL A 1 40  ? 4.709   -5.677  -12.072 1.00   29.09 ? 40   VAL A N   1 
ATOM   303  C  CA  . VAL A 1 40  ? 3.668   -6.583  -11.611 1.00   28.30 ? 40   VAL A CA  1 
ATOM   304  C  C   . VAL A 1 40  ? 3.174   -6.138  -10.240 1.00   28.18 ? 40   VAL A C   1 
ATOM   305  O  O   . VAL A 1 40  ? 1.972   -6.108  -9.985  1.00   29.92 ? 40   VAL A O   1 
ATOM   306  C  CB  . VAL A 1 40  ? 4.176   -8.037  -11.532 1.00   28.86 ? 40   VAL A CB  1 
ATOM   307  C  CG1 . VAL A 1 40  ? 3.146   -8.930  -10.851 1.00   26.22 ? 40   VAL A CG1 1 
ATOM   308  C  CG2 . VAL A 1 40  ? 4.506   -8.561  -12.924 1.00   26.26 ? 40   VAL A CG2 1 
ATOM   309  N  N   . GLN A 1 41  ? 4.109   -5.783  -9.365  1.00   27.80 ? 41   GLN A N   1 
ATOM   310  C  CA  . GLN A 1 41  ? 3.764   -5.281  -8.041  1.00   27.80 ? 41   GLN A CA  1 
ATOM   311  C  C   . GLN A 1 41  ? 2.910   -4.017  -8.124  1.00   28.49 ? 41   GLN A C   1 
ATOM   312  O  O   . GLN A 1 41  ? 1.981   -3.833  -7.337  1.00   28.07 ? 41   GLN A O   1 
ATOM   313  C  CB  . GLN A 1 41  ? 5.026   -5.008  -7.221  1.00   27.33 ? 41   GLN A CB  1 
ATOM   314  C  CG  . GLN A 1 41  ? 4.761   -4.800  -5.739  1.00   25.21 ? 41   GLN A CG  1 
ATOM   315  C  CD  . GLN A 1 41  ? 4.088   -5.997  -5.090  1.00   22.30 ? 41   GLN A CD  1 
ATOM   316  O  OE1 . GLN A 1 41  ? 3.961   -7.055  -5.705  1.00   20.17 ? 41   GLN A OE1 1 
ATOM   317  N  NE2 . GLN A 1 41  ? 3.653   -5.831  -3.848  1.00   21.52 ? 41   GLN A NE2 1 
ATOM   318  N  N   . ARG A 1 42  ? 3.235   -3.146  -9.074  1.00   29.26 ? 42   ARG A N   1 
ATOM   319  C  CA  . ARG A 1 42  ? 2.427   -1.958  -9.320  1.00   30.19 ? 42   ARG A CA  1 
ATOM   320  C  C   . ARG A 1 42  ? 1.009   -2.384  -9.678  1.00   30.77 ? 42   ARG A C   1 
ATOM   321  O  O   . ARG A 1 42  ? 0.035   -1.834  -9.164  1.00   31.77 ? 42   ARG A O   1 
ATOM   322  C  CB  . ARG A 1 42  ? 3.022   -1.124  -10.456 1.00   30.54 ? 42   ARG A CB  1 
ATOM   323  C  CG  . ARG A 1 42  ? 4.077   -0.121  -10.014 1.00   30.94 ? 42   ARG A CG  1 
ATOM   324  C  CD  . ARG A 1 42  ? 4.766   0.599   -11.167 1.00   32.46 ? 42   ARG A CD  1 
ATOM   325  N  NE  . ARG A 1 42  ? 5.629   1.681   -10.701 1.00   32.48 ? 42   ARG A NE  1 
ATOM   326  C  CZ  . ARG A 1 42  ? 6.802   1.497   -10.110 1.00   33.52 ? 42   ARG A CZ  1 
ATOM   327  N  NH1 . ARG A 1 42  ? 7.261   0.268   -9.910  1.00   32.48 ? 42   ARG A NH1 1 
ATOM   328  N  NH2 . ARG A 1 42  ? 7.521   2.541   -9.717  1.00   32.03 ? 42   ARG A NH2 1 
ATOM   329  N  N   . SER A 1 43  ? 0.904   -3.371  -10.562 1.00   30.37 ? 43   SER A N   1 
ATOM   330  C  CA  . SER A 1 43  ? -0.390  -3.898  -10.981 1.00   29.99 ? 43   SER A CA  1 
ATOM   331  C  C   . SER A 1 43  ? -1.191  -4.380  -9.776  1.00   30.67 ? 43   SER A C   1 
ATOM   332  O  O   . SER A 1 43  ? -2.328  -3.958  -9.558  1.00   30.52 ? 43   SER A O   1 
ATOM   333  C  CB  . SER A 1 43  ? -0.199  -5.050  -11.971 1.00   30.38 ? 43   SER A CB  1 
ATOM   334  O  OG  . SER A 1 43  ? -1.231  -5.078  -12.942 1.00   26.16 ? 43   SER A OG  1 
ATOM   335  N  N   . LYS A 1 44  ? -0.585  -5.268  -8.993  1.00   30.20 ? 44   LYS A N   1 
ATOM   336  C  CA  . LYS A 1 44  ? -1.260  -5.867  -7.850  1.00   29.93 ? 44   LYS A CA  1 
ATOM   337  C  C   . LYS A 1 44  ? -1.697  -4.836  -6.813  1.00   29.24 ? 44   LYS A C   1 
ATOM   338  O  O   . LYS A 1 44  ? -2.827  -4.881  -6.327  1.00   31.12 ? 44   LYS A O   1 
ATOM   339  C  CB  . LYS A 1 44  ? -0.381  -6.941  -7.209  1.00   30.75 ? 44   LYS A CB  1 
ATOM   340  C  CG  . LYS A 1 44  ? -0.130  -8.142  -8.107  1.00   33.00 ? 44   LYS A CG  1 
ATOM   341  C  CD  . LYS A 1 44  ? 0.632   -9.233  -7.371  1.00   34.78 ? 44   LYS A CD  1 
ATOM   342  C  CE  . LYS A 1 44  ? 1.177   -10.271 -8.336  1.00   33.75 ? 44   LYS A CE  1 
ATOM   343  N  NZ  . LYS A 1 44  ? 0.794   -11.654 -7.944  1.00   35.00 ? 44   LYS A NZ  1 
ATOM   344  N  N   . GLN A 1 45  ? -0.809  -3.908  -6.475  1.00   27.97 ? 45   GLN A N   1 
ATOM   345  C  CA  . GLN A 1 45  ? -1.130  -2.894  -5.475  1.00   27.66 ? 45   GLN A CA  1 
ATOM   346  C  C   . GLN A 1 45  ? -2.323  -2.047  -5.905  1.00   27.99 ? 45   GLN A C   1 
ATOM   347  O  O   . GLN A 1 45  ? -3.214  -1.760  -5.105  1.00   27.87 ? 45   GLN A O   1 
ATOM   348  C  CB  . GLN A 1 45  ? 0.080   -2.006  -5.180  1.00   27.84 ? 45   GLN A CB  1 
ATOM   349  C  CG  . GLN A 1 45  ? -0.101  -1.081  -3.981  1.00   25.96 ? 45   GLN A CG  1 
ATOM   350  C  CD  . GLN A 1 45  ? -0.345  -1.835  -2.686  1.00   26.12 ? 45   GLN A CD  1 
ATOM   351  O  OE1 . GLN A 1 45  ? -1.491  -2.033  -2.283  1.00   23.92 ? 45   GLN A OE1 1 
ATOM   352  N  NE2 . GLN A 1 45  ? 0.731   -2.254  -2.029  1.00   26.69 ? 45   GLN A NE2 1 
ATOM   353  N  N   . PHE A 1 46  ? -2.343  -1.650  -7.174  1.00   28.14 ? 46   PHE A N   1 
ATOM   354  C  CA  . PHE A 1 46  ? -3.466  -0.888  -7.704  1.00   27.45 ? 46   PHE A CA  1 
ATOM   355  C  C   . PHE A 1 46  ? -4.769  -1.661  -7.547  1.00   27.52 ? 46   PHE A C   1 
ATOM   356  O  O   . PHE A 1 46  ? -5.770  -1.122  -7.073  1.00   28.10 ? 46   PHE A O   1 
ATOM   357  C  CB  . PHE A 1 46  ? -3.249  -0.543  -9.177  1.00   26.88 ? 46   PHE A CB  1 
ATOM   358  C  CG  . PHE A 1 46  ? -4.408  0.176   -9.802  1.00   25.42 ? 46   PHE A CG  1 
ATOM   359  C  CD1 . PHE A 1 46  ? -4.378  1.549   -9.973  1.00   26.86 ? 46   PHE A CD1 1 
ATOM   360  C  CD2 . PHE A 1 46  ? -5.531  -0.519  -10.213 1.00   26.21 ? 46   PHE A CD2 1 
ATOM   361  C  CE1 . PHE A 1 46  ? -5.444  2.215   -10.545 1.00   25.04 ? 46   PHE A CE1 1 
ATOM   362  C  CE2 . PHE A 1 46  ? -6.599  0.141   -10.786 1.00   24.93 ? 46   PHE A CE2 1 
ATOM   363  C  CZ  . PHE A 1 46  ? -6.555  1.510   -10.952 1.00   25.98 ? 46   PHE A CZ  1 
ATOM   364  N  N   . ALA A 1 47  ? -4.752  -2.927  -7.948  1.00   27.21 ? 47   ALA A N   1 
ATOM   365  C  CA  . ALA A 1 47  ? -5.948  -3.756  -7.887  1.00   27.89 ? 47   ALA A CA  1 
ATOM   366  C  C   . ALA A 1 47  ? -6.476  -3.863  -6.458  1.00   27.79 ? 47   ALA A C   1 
ATOM   367  O  O   . ALA A 1 47  ? -7.679  -3.758  -6.224  1.00   26.87 ? 47   ALA A O   1 
ATOM   368  C  CB  . ALA A 1 47  ? -5.672  -5.142  -8.467  1.00   27.59 ? 47   ALA A CB  1 
ATOM   369  N  N   . PHE A 1 48  ? -5.572  -4.069  -5.506  1.00   28.66 ? 48   PHE A N   1 
ATOM   370  C  CA  . PHE A 1 48  ? -5.959  -4.191  -4.104  1.00   29.02 ? 48   PHE A CA  1 
ATOM   371  C  C   . PHE A 1 48  ? -6.416  -2.855  -3.526  1.00   29.07 ? 48   PHE A C   1 
ATOM   372  O  O   . PHE A 1 48  ? -7.451  -2.777  -2.864  1.00   29.86 ? 48   PHE A O   1 
ATOM   373  C  CB  . PHE A 1 48  ? -4.815  -4.764  -3.266  1.00   29.37 ? 48   PHE A CB  1 
ATOM   374  C  CG  . PHE A 1 48  ? -5.117  -4.824  -1.796  1.00   32.53 ? 48   PHE A CG  1 
ATOM   375  C  CD1 . PHE A 1 48  ? -5.905  -5.839  -1.279  1.00   33.88 ? 48   PHE A CD1 1 
ATOM   376  C  CD2 . PHE A 1 48  ? -4.626  -3.857  -0.934  1.00   33.73 ? 48   PHE A CD2 1 
ATOM   377  C  CE1 . PHE A 1 48  ? -6.192  -5.894  0.073   1.00   35.08 ? 48   PHE A CE1 1 
ATOM   378  C  CE2 . PHE A 1 48  ? -4.909  -3.906  0.420   1.00   34.66 ? 48   PHE A CE2 1 
ATOM   379  C  CZ  . PHE A 1 48  ? -5.693  -4.925  0.924   1.00   34.15 ? 48   PHE A CZ  1 
ATOM   380  N  N   . LEU A 1 49  ? -5.640  -1.806  -3.774  1.00   28.85 ? 49   LEU A N   1 
ATOM   381  C  CA  . LEU A 1 49  ? -5.986  -0.473  -3.290  1.00   28.76 ? 49   LEU A CA  1 
ATOM   382  C  C   . LEU A 1 49  ? -7.323  -0.019  -3.867  1.00   29.09 ? 49   LEU A C   1 
ATOM   383  O  O   . LEU A 1 49  ? -8.140  0.582   -3.167  1.00   29.08 ? 49   LEU A O   1 
ATOM   384  C  CB  . LEU A 1 49  ? -4.889  0.533   -3.651  1.00   28.48 ? 49   LEU A CB  1 
ATOM   385  C  CG  . LEU A 1 49  ? -3.614  0.482   -2.806  1.00   27.68 ? 49   LEU A CG  1 
ATOM   386  C  CD1 . LEU A 1 49  ? -2.771  1.728   -3.024  1.00   25.64 ? 49   LEU A CD1 1 
ATOM   387  C  CD2 . LEU A 1 49  ? -3.949  0.311   -1.332  1.00   28.04 ? 49   LEU A CD2 1 
ATOM   388  N  N   . ALA A 1 50  ? -7.542  -0.309  -5.145  1.00   29.32 ? 50   ALA A N   1 
ATOM   389  C  CA  . ALA A 1 50  ? -8.800  0.032   -5.796  1.00   29.70 ? 50   ALA A CA  1 
ATOM   390  C  C   . ALA A 1 50  ? -9.959  -0.614  -5.049  1.00   30.56 ? 50   ALA A C   1 
ATOM   391  O  O   . ALA A 1 50  ? -10.978 0.026   -4.788  1.00   31.14 ? 50   ALA A O   1 
ATOM   392  C  CB  . ALA A 1 50  ? -8.787  -0.414  -7.250  1.00   28.81 ? 50   ALA A CB  1 
ATOM   393  N  N   . TYR A 1 51  ? -9.795  -1.887  -4.705  1.00   30.88 ? 51   TYR A N   1 
ATOM   394  C  CA  . TYR A 1 51  ? -10.808 -2.607  -3.943  1.00   30.90 ? 51   TYR A CA  1 
ATOM   395  C  C   . TYR A 1 51  ? -10.914 -2.029  -2.535  1.00   29.90 ? 51   TYR A C   1 
ATOM   396  O  O   . TYR A 1 51  ? -12.007 -1.731  -2.053  1.00   30.43 ? 51   TYR A O   1 
ATOM   397  C  CB  . TYR A 1 51  ? -10.471 -4.098  -3.876  1.00   31.57 ? 51   TYR A CB  1 
ATOM   398  C  CG  . TYR A 1 51  ? -11.152 -4.829  -2.742  1.00   34.36 ? 51   TYR A CG  1 
ATOM   399  C  CD1 . TYR A 1 51  ? -12.530 -5.009  -2.737  1.00   36.16 ? 51   TYR A CD1 1 
ATOM   400  C  CD2 . TYR A 1 51  ? -10.421 -5.336  -1.674  1.00   35.40 ? 51   TYR A CD2 1 
ATOM   401  C  CE1 . TYR A 1 51  ? -13.161 -5.673  -1.701  1.00   35.89 ? 51   TYR A CE1 1 
ATOM   402  C  CE2 . TYR A 1 51  ? -11.043 -6.003  -0.633  1.00   36.41 ? 51   TYR A CE2 1 
ATOM   403  C  CZ  . TYR A 1 51  ? -12.414 -6.168  -0.655  1.00   37.15 ? 51   TYR A CZ  1 
ATOM   404  O  OH  . TYR A 1 51  ? -13.045 -6.830  0.373   1.00   38.97 ? 51   TYR A OH  1 
ATOM   405  N  N   . ALA A 1 52  ? -9.769  -1.870  -1.882  1.00   28.62 ? 52   ALA A N   1 
ATOM   406  C  CA  . ALA A 1 52  ? -9.737  -1.347  -0.523  1.00   28.28 ? 52   ALA A CA  1 
ATOM   407  C  C   . ALA A 1 52  ? -10.304 0.067   -0.445  1.00   27.64 ? 52   ALA A C   1 
ATOM   408  O  O   . ALA A 1 52  ? -10.943 0.430   0.540   1.00   26.78 ? 52   ALA A O   1 
ATOM   409  C  CB  . ALA A 1 52  ? -8.317  -1.387  0.027   1.00   28.34 ? 52   ALA A CB  1 
ATOM   410  N  N   . LEU A 1 53  ? -10.067 0.863   -1.484  1.00   27.69 ? 53   LEU A N   1 
ATOM   411  C  CA  . LEU A 1 53  ? -10.524 2.249   -1.498  1.00   27.96 ? 53   LEU A CA  1 
ATOM   412  C  C   . LEU A 1 53  ? -11.946 2.383   -2.038  1.00   28.63 ? 53   LEU A C   1 
ATOM   413  O  O   . LEU A 1 53  ? -12.456 3.494   -2.202  1.00   27.59 ? 53   LEU A O   1 
ATOM   414  C  CB  . LEU A 1 53  ? -9.564  3.136   -2.296  1.00   27.56 ? 53   LEU A CB  1 
ATOM   415  C  CG  . LEU A 1 53  ? -8.120  3.226   -1.794  1.00   26.58 ? 53   LEU A CG  1 
ATOM   416  C  CD1 . LEU A 1 53  ? -7.261  4.011   -2.768  1.00   22.44 ? 53   LEU A CD1 1 
ATOM   417  C  CD2 . LEU A 1 53  ? -8.057  3.843   -0.406  1.00   23.91 ? 53   LEU A CD2 1 
ATOM   418  N  N   . GLY A 1 54  ? -12.578 1.245   -2.311  1.00   29.53 ? 54   GLY A N   1 
ATOM   419  C  CA  . GLY A 1 54  ? -13.961 1.217   -2.753  1.00   30.84 ? 54   GLY A CA  1 
ATOM   420  C  C   . GLY A 1 54  ? -14.159 1.483   -4.235  1.00   31.84 ? 54   GLY A C   1 
ATOM   421  O  O   . GLY A 1 54  ? -15.230 1.921   -4.654  1.00   32.65 ? 54   GLY A O   1 
ATOM   422  N  N   . GLY A 1 55  ? -13.130 1.216   -5.033  1.00   32.39 ? 55   GLY A N   1 
ATOM   423  C  CA  . GLY A 1 55  ? -13.201 1.437   -6.466  1.00   32.32 ? 55   GLY A CA  1 
ATOM   424  C  C   . GLY A 1 55  ? -13.462 0.158   -7.240  1.00   32.03 ? 55   GLY A C   1 
ATOM   425  O  O   . GLY A 1 55  ? -13.839 0.193   -8.411  1.00   31.17 ? 55   GLY A O   1 
ATOM   426  N  N   . ALA A 1 56  ? -13.255 -0.975  -6.580  1.00   32.84 ? 56   ALA A N   1 
ATOM   427  C  CA  . ALA A 1 56  ? -13.525 -2.279  -7.176  1.00   34.03 ? 56   ALA A CA  1 
ATOM   428  C  C   . ALA A 1 56  ? -14.275 -3.157  -6.182  1.00   35.29 ? 56   ALA A C   1 
ATOM   429  O  O   . ALA A 1 56  ? -14.110 -3.017  -4.969  1.00   35.58 ? 56   ALA A O   1 
ATOM   430  C  CB  . ALA A 1 56  ? -12.227 -2.950  -7.606  1.00   33.03 ? 56   ALA A CB  1 
ATOM   431  N  N   . SER A 1 57  ? -15.099 -4.063  -6.698  1.00   36.62 ? 57   SER A N   1 
ATOM   432  C  CA  . SER A 1 57  ? -15.954 -4.881  -5.844  1.00   38.09 ? 57   SER A CA  1 
ATOM   433  C  C   . SER A 1 57  ? -15.240 -6.114  -5.298  1.00   38.68 ? 57   SER A C   1 
ATOM   434  O  O   . SER A 1 57  ? -15.701 -6.730  -4.336  1.00   38.84 ? 57   SER A O   1 
ATOM   435  C  CB  . SER A 1 57  ? -17.228 -5.290  -6.588  1.00   38.40 ? 57   SER A CB  1 
ATOM   436  O  OG  . SER A 1 57  ? -16.933 -6.141  -7.681  1.00   39.38 ? 57   SER A OG  1 
ATOM   437  N  N   . GLU A 1 58  ? -14.113 -6.471  -5.905  1.00   39.06 ? 58   GLU A N   1 
ATOM   438  C  CA  . GLU A 1 58  ? -13.429 -7.705  -5.539  1.00   39.08 ? 58   GLU A CA  1 
ATOM   439  C  C   . GLU A 1 58  ? -11.911 -7.570  -5.476  1.00   37.75 ? 58   GLU A C   1 
ATOM   440  O  O   . GLU A 1 58  ? -11.312 -6.795  -6.222  1.00   37.11 ? 58   GLU A O   1 
ATOM   441  C  CB  . GLU A 1 58  ? -13.803 -8.827  -6.509  1.00   40.10 ? 58   GLU A CB  1 
ATOM   442  C  CG  . GLU A 1 58  ? -14.837 -9.801  -5.968  1.00   47.10 ? 58   GLU A CG  1 
ATOM   443  C  CD  . GLU A 1 58  ? -15.509 -10.600 -7.067  1.00   50.18 ? 58   GLU A CD  1 
ATOM   444  O  OE1 . GLU A 1 58  ? -14.966 -11.658 -7.449  1.00   49.78 ? 58   GLU A OE1 1 
ATOM   445  O  OE2 . GLU A 1 58  ? -16.579 -10.168 -7.549  1.00   51.96 ? 58   GLU A OE2 1 
ATOM   446  N  N   . TRP A 1 59  ? -11.302 -8.335  -4.575  1.00   36.68 ? 59   TRP A N   1 
ATOM   447  C  CA  . TRP A 1 59  ? -9.856  -8.520  -4.557  1.00   35.75 ? 59   TRP A CA  1 
ATOM   448  C  C   . TRP A 1 59  ? -9.558  -10.006 -4.734  1.00   36.12 ? 59   TRP A C   1 
ATOM   449  O  O   . TRP A 1 59  ? -9.928  -10.825 -3.893  1.00   36.72 ? 59   TRP A O   1 
ATOM   450  C  CB  . TRP A 1 59  ? -9.261  -8.015  -3.240  1.00   34.60 ? 59   TRP A CB  1 
ATOM   451  C  CG  . TRP A 1 59  ? -7.864  -8.504  -2.994  1.00   31.72 ? 59   TRP A CG  1 
ATOM   452  C  CD1 . TRP A 1 59  ? -7.433  -9.271  -1.950  1.00   30.77 ? 59   TRP A CD1 1 
ATOM   453  C  CD2 . TRP A 1 59  ? -6.712  -8.261  -3.812  1.00   30.81 ? 59   TRP A CD2 1 
ATOM   454  N  NE1 . TRP A 1 59  ? -6.085  -9.520  -2.068  1.00   29.25 ? 59   TRP A NE1 1 
ATOM   455  C  CE2 . TRP A 1 59  ? -5.619  -8.911  -3.204  1.00   29.76 ? 59   TRP A CE2 1 
ATOM   456  C  CE3 . TRP A 1 59  ? -6.493  -7.559  -5.004  1.00   30.88 ? 59   TRP A CE3 1 
ATOM   457  C  CZ2 . TRP A 1 59  ? -4.332  -8.880  -3.742  1.00   28.79 ? 59   TRP A CZ2 1 
ATOM   458  C  CZ3 . TRP A 1 59  ? -5.213  -7.528  -5.536  1.00   30.78 ? 59   TRP A CZ3 1 
ATOM   459  C  CH2 . TRP A 1 59  ? -4.151  -8.183  -4.905  1.00   30.00 ? 59   TRP A CH2 1 
ATOM   460  N  N   . LYS A 1 60  ? -8.894  -10.353 -5.831  1.00   36.38 ? 60   LYS A N   1 
ATOM   461  C  CA  . LYS A 1 60  ? -8.696  -11.757 -6.183  1.00   36.73 ? 60   LYS A CA  1 
ATOM   462  C  C   . LYS A 1 60  ? -7.288  -12.261 -5.884  1.00   36.55 ? 60   LYS A C   1 
ATOM   463  O  O   . LYS A 1 60  ? -7.008  -13.451 -6.016  1.00   36.59 ? 60   LYS A O   1 
ATOM   464  C  CB  . LYS A 1 60  ? -9.048  -12.001 -7.652  1.00   37.01 ? 60   LYS A CB  1 
ATOM   465  C  CG  . LYS A 1 60  ? -10.531 -11.866 -7.963  1.00   36.15 ? 60   LYS A CG  1 
ATOM   466  C  CD  . LYS A 1 60  ? -10.798 -12.004 -9.350  0.0000 26.21 ? 60   LYS A CD  1 
ATOM   467  C  CE  . LYS A 1 60  ? -12.213 -11.592 -9.723  0.0000 26.98 ? 60   LYS A CE  1 
ATOM   468  N  NZ  . LYS A 1 60  ? -12.576 -12.035 -11.097 0.0000 27.33 ? 60   LYS A NZ  1 
ATOM   469  N  N   . GLY A 1 61  ? -6.402  -11.354 -5.486  1.00   36.34 ? 61   GLY A N   1 
ATOM   470  C  CA  . GLY A 1 61  ? -5.047  -11.728 -5.128  1.00   36.00 ? 61   GLY A CA  1 
ATOM   471  C  C   . GLY A 1 61  ? -4.996  -12.460 -3.800  1.00   36.13 ? 61   GLY A C   1 
ATOM   472  O  O   . GLY A 1 61  ? -6.021  -12.916 -3.290  1.00   35.78 ? 61   GLY A O   1 
ATOM   473  N  N   . LYS A 1 62  ? -3.798  -12.572 -3.236  1.00   35.45 ? 62   LYS A N   1 
ATOM   474  C  CA  . LYS A 1 62  ? -3.613  -13.227 -1.947  1.00   35.26 ? 62   LYS A CA  1 
ATOM   475  C  C   . LYS A 1 62  ? -4.057  -12.317 -0.806  1.00   34.79 ? 62   LYS A C   1 
ATOM   476  O  O   . LYS A 1 62  ? -3.879  -11.099 -0.868  1.00   34.64 ? 62   LYS A O   1 
ATOM   477  C  CB  . LYS A 1 62  ? -2.145  -13.616 -1.757  1.00   34.77 ? 62   LYS A CB  1 
ATOM   478  C  CG  . LYS A 1 62  ? -1.522  -14.285 -2.971  1.00   35.92 ? 62   LYS A CG  1 
ATOM   479  C  CD  . LYS A 1 62  ? -0.021  -14.061 -3.016  1.00   38.50 ? 62   LYS A CD  1 
ATOM   480  C  CE  . LYS A 1 62  ? 0.732   -15.368 -2.843  1.00   41.28 ? 62   LYS A CE  1 
ATOM   481  N  NZ  . LYS A 1 62  ? 2.169   -15.134 -2.532  1.00   45.52 ? 62   LYS A NZ  1 
ATOM   482  N  N   . ASP A 1 63  ? -4.636  -12.908 0.236   1.00   33.81 ? 63   ASP A N   1 
ATOM   483  C  CA  . ASP A 1 63  ? -4.996  -12.141 1.422   1.00   33.10 ? 63   ASP A CA  1 
ATOM   484  C  C   . ASP A 1 63  ? -3.730  -11.582 2.060   1.00   31.86 ? 63   ASP A C   1 
ATOM   485  O  O   . ASP A 1 63  ? -2.668  -12.205 2.000   1.00   31.90 ? 63   ASP A O   1 
ATOM   486  C  CB  . ASP A 1 63  ? -5.784  -12.994 2.420   1.00   33.20 ? 63   ASP A CB  1 
ATOM   487  C  CG  . ASP A 1 63  ? -4.941  -14.078 3.061   1.00   34.97 ? 63   ASP A CG  1 
ATOM   488  O  OD1 . ASP A 1 63  ? -4.993  -15.232 2.585   1.00   39.43 ? 63   ASP A OD1 1 
ATOM   489  O  OD2 . ASP A 1 63  ? -4.202  -13.874 4.048   1.00   29.74 ? 63   ASP A OD2 1 
ATOM   490  N  N   . MET A 1 64  ? -3.843  -10.405 2.664   1.00   29.74 ? 64   MET A N   1 
ATOM   491  C  CA  . MET A 1 64  ? -2.675  -9.699  3.174   1.00   29.03 ? 64   MET A CA  1 
ATOM   492  C  C   . MET A 1 64  ? -1.783  -10.577 4.049   1.00   29.01 ? 64   MET A C   1 
ATOM   493  O  O   . MET A 1 64  ? -0.562  -10.567 3.904   1.00   29.15 ? 64   MET A O   1 
ATOM   494  C  CB  . MET A 1 64  ? -3.090  -8.430  3.919   1.00   28.69 ? 64   MET A CB  1 
ATOM   495  C  CG  . MET A 1 64  ? -3.532  -7.305  2.999   1.00   28.61 ? 64   MET A CG  1 
ATOM   496  S  SD  . MET A 1 64  ? -2.340  -6.998  1.676   1.00   31.01 ? 64   MET A SD  1 
ATOM   497  C  CE  . MET A 1 64  ? -2.721  -8.327  0.543   1.00   25.57 ? 64   MET A CE  1 
ATOM   498  N  N   . ARG A 1 65  ? -2.395  -11.335 4.954   1.00   29.22 ? 65   ARG A N   1 
ATOM   499  C  CA  . ARG A 1 65  ? -1.641  -12.202 5.853   1.00   29.80 ? 65   ARG A CA  1 
ATOM   500  C  C   . ARG A 1 65  ? -0.790  -13.203 5.082   1.00   29.56 ? 65   ARG A C   1 
ATOM   501  O  O   . ARG A 1 65  ? 0.403   -13.352 5.350   1.00   29.81 ? 65   ARG A O   1 
ATOM   502  C  CB  . ARG A 1 65  ? -2.581  -12.941 6.808   1.00   30.63 ? 65   ARG A CB  1 
ATOM   503  C  CG  . ARG A 1 65  ? -1.897  -13.481 8.055   1.00   33.63 ? 65   ARG A CG  1 
ATOM   504  C  CD  . ARG A 1 65  ? -2.848  -14.109 9.063   1.00   33.81 ? 65   ARG A CD  1 
ATOM   505  N  NE  . ARG A 1 65  ? -3.516  -13.109 9.890   1.00   33.42 ? 65   ARG A NE  1 
ATOM   506  C  CZ  . ARG A 1 65  ? -3.085  -12.719 11.083  1.00   33.28 ? 65   ARG A CZ  1 
ATOM   507  N  NH1 . ARG A 1 65  ? -1.979  -13.242 11.596  1.00   35.41 ? 65   ARG A NH1 1 
ATOM   508  N  NH2 . ARG A 1 65  ? -3.757  -11.805 11.766  1.00   35.86 ? 65   ARG A NH2 1 
ATOM   509  N  N   . THR A 1 66  ? -1.409  -13.885 4.124   1.00   29.03 ? 66   THR A N   1 
ATOM   510  C  CA  . THR A 1 66  ? -0.708  -14.875 3.313   1.00   27.95 ? 66   THR A CA  1 
ATOM   511  C  C   . THR A 1 66  ? 0.417   -14.220 2.519   1.00   28.09 ? 66   THR A C   1 
ATOM   512  O  O   . THR A 1 66  ? 1.477   -14.814 2.317   1.00   26.97 ? 66   THR A O   1 
ATOM   513  C  CB  . THR A 1 66  ? -1.684  -15.567 2.343   1.00   27.54 ? 66   THR A CB  1 
ATOM   514  O  OG1 . THR A 1 66  ? -2.654  -16.316 3.085   1.00   25.03 ? 66   THR A OG1 1 
ATOM   515  C  CG2 . THR A 1 66  ? -0.962  -16.629 1.527   1.00   25.38 ? 66   THR A CG2 1 
ATOM   516  N  N   . ALA A 1 67  ? 0.174   -12.992 2.074   1.00   28.28 ? 67   ALA A N   1 
ATOM   517  C  CA  . ALA A 1 67  ? 1.104   -12.292 1.196   1.00   28.61 ? 67   ALA A CA  1 
ATOM   518  C  C   . ALA A 1 67  ? 2.438   -11.959 1.862   1.00   28.46 ? 67   ALA A C   1 
ATOM   519  O  O   . ALA A 1 67  ? 3.495   -12.076 1.243   1.00   28.30 ? 67   ALA A O   1 
ATOM   520  C  CB  . ALA A 1 67  ? 0.457   -11.034 0.639   1.00   28.57 ? 67   ALA A CB  1 
ATOM   521  N  N   . HIS A 1 68  ? 2.388   -11.546 3.125   1.00   28.71 ? 68   HIS A N   1 
ATOM   522  C  CA  . HIS A 1 68  ? 3.570   -11.008 3.789   1.00   28.46 ? 68   HIS A CA  1 
ATOM   523  C  C   . HIS A 1 68  ? 4.128   -11.898 4.898   1.00   28.47 ? 68   HIS A C   1 
ATOM   524  O  O   . HIS A 1 68  ? 5.286   -11.754 5.288   1.00   28.75 ? 68   HIS A O   1 
ATOM   525  C  CB  . HIS A 1 68  ? 3.278   -9.611  4.344   1.00   28.49 ? 68   HIS A CB  1 
ATOM   526  C  CG  . HIS A 1 68  ? 2.739   -8.655  3.324   1.00   26.62 ? 68   HIS A CG  1 
ATOM   527  N  ND1 . HIS A 1 68  ? 1.389   -8.481  3.107   1.00   25.95 ? 68   HIS A ND1 1 
ATOM   528  C  CD2 . HIS A 1 68  ? 3.368   -7.823  2.462   1.00   24.53 ? 68   HIS A CD2 1 
ATOM   529  C  CE1 . HIS A 1 68  ? 1.211   -7.582  2.156   1.00   24.29 ? 68   HIS A CE1 1 
ATOM   530  N  NE2 . HIS A 1 68  ? 2.396   -7.168  1.746   1.00   25.14 ? 68   HIS A NE2 1 
ATOM   531  N  N   . LYS A 1 69  ? 3.311   -12.817 5.402   1.00   28.41 ? 69   LYS A N   1 
ATOM   532  C  CA  . LYS A 1 69  ? 3.657   -13.556 6.614   1.00   30.07 ? 69   LYS A CA  1 
ATOM   533  C  C   . LYS A 1 69  ? 4.976   -14.327 6.554   1.00   30.88 ? 69   LYS A C   1 
ATOM   534  O  O   . LYS A 1 69  ? 5.629   -14.525 7.579   1.00   30.90 ? 69   LYS A O   1 
ATOM   535  C  CB  . LYS A 1 69  ? 2.515   -14.481 7.040   1.00   30.02 ? 69   LYS A CB  1 
ATOM   536  C  CG  . LYS A 1 69  ? 2.682   -15.920 6.584   1.00   29.25 ? 69   LYS A CG  1 
ATOM   537  C  CD  . LYS A 1 69  ? 1.332   -16.577 6.356   1.00   29.41 ? 69   LYS A CD  1 
ATOM   538  C  CE  . LYS A 1 69  ? 0.906   -17.386 7.569   1.00   30.46 ? 69   LYS A CE  1 
ATOM   539  N  NZ  . LYS A 1 69  ? 2.057   -18.107 8.187   1.00   27.76 ? 69   LYS A NZ  1 
ATOM   540  N  N   . ASP A 1 70  ? 5.368   -14.762 5.360   1.00   31.35 ? 70   ASP A N   1 
ATOM   541  C  CA  . ASP A 1 70  ? 6.578   -15.564 5.211   1.00   31.99 ? 70   ASP A CA  1 
ATOM   542  C  C   . ASP A 1 70  ? 7.784   -14.751 4.753   1.00   31.95 ? 70   ASP A C   1 
ATOM   543  O  O   . ASP A 1 70  ? 8.850   -15.304 4.483   1.00   31.58 ? 70   ASP A O   1 
ATOM   544  C  CB  . ASP A 1 70  ? 6.337   -16.752 4.274   1.00   33.01 ? 70   ASP A CB  1 
ATOM   545  C  CG  . ASP A 1 70  ? 5.524   -17.852 4.929   1.00   35.90 ? 70   ASP A CG  1 
ATOM   546  O  OD1 . ASP A 1 70  ? 5.957   -18.363 5.983   1.00   38.44 ? 70   ASP A OD1 1 
ATOM   547  O  OD2 . ASP A 1 70  ? 4.439   -18.265 4.469   1.00   36.92 ? 70   ASP A OD2 1 
ATOM   548  N  N   . LEU A 1 71  ? 7.614   -13.435 4.667   1.00   31.09 ? 71   LEU A N   1 
ATOM   549  C  CA  . LEU A 1 71  ? 8.726   -12.557 4.326   1.00   30.64 ? 71   LEU A CA  1 
ATOM   550  C  C   . LEU A 1 71  ? 9.726   -12.501 5.476   1.00   30.52 ? 71   LEU A C   1 
ATOM   551  O  O   . LEU A 1 71  ? 9.344   -12.522 6.645   1.00   30.21 ? 71   LEU A O   1 
ATOM   552  C  CB  . LEU A 1 71  ? 8.225   -11.150 3.991   1.00   29.95 ? 71   LEU A CB  1 
ATOM   553  C  CG  . LEU A 1 71  ? 7.361   -11.022 2.734   1.00   30.50 ? 71   LEU A CG  1 
ATOM   554  C  CD1 . LEU A 1 71  ? 6.995   -9.567  2.474   1.00   27.04 ? 71   LEU A CD1 1 
ATOM   555  C  CD2 . LEU A 1 71  ? 8.062   -11.631 1.525   1.00   24.56 ? 71   LEU A CD2 1 
ATOM   556  N  N   . VAL A 1 72  ? 11.008  -12.432 5.134   1.00   31.36 ? 72   VAL A N   1 
ATOM   557  C  CA  . VAL A 1 72  ? 12.069  -12.340 6.129   1.00   31.54 ? 72   VAL A CA  1 
ATOM   558  C  C   . VAL A 1 72  ? 12.947  -11.125 5.845   1.00   31.19 ? 72   VAL A C   1 
ATOM   559  O  O   . VAL A 1 72  ? 13.173  -10.776 4.688   1.00   32.06 ? 72   VAL A O   1 
ATOM   560  C  CB  . VAL A 1 72  ? 12.961  -13.601 6.120   1.00   32.15 ? 72   VAL A CB  1 
ATOM   561  C  CG1 . VAL A 1 72  ? 12.131  -14.853 6.371   1.00   31.12 ? 72   VAL A CG1 1 
ATOM   562  C  CG2 . VAL A 1 72  ? 13.721  -13.707 4.806   1.00   30.33 ? 72   VAL A CG2 1 
ATOM   563  N  N   . PRO A 1 73  ? 13.428  -10.476 6.902   1.00   30.58 ? 73   PRO A N   1 
ATOM   564  C  CA  . PRO A 1 73  ? 13.040  -10.810 8.277   1.00   30.14 ? 73   PRO A CA  1 
ATOM   565  C  C   . PRO A 1 73  ? 11.573  -10.483 8.539   1.00   31.16 ? 73   PRO A C   1 
ATOM   566  O  O   . PRO A 1 73  ? 11.005  -9.623  7.866   1.00   31.48 ? 73   PRO A O   1 
ATOM   567  C  CB  . PRO A 1 73  ? 13.933  -9.899  9.128   1.00   30.01 ? 73   PRO A CB  1 
ATOM   568  C  CG  . PRO A 1 73  ? 15.018  -9.431  8.210   1.00   30.89 ? 73   PRO A CG  1 
ATOM   569  C  CD  . PRO A 1 73  ? 14.402  -9.373  6.845   1.00   30.47 ? 73   PRO A CD  1 
ATOM   570  N  N   . HIS A 1 74  ? 10.972  -11.163 9.508   1.00   32.72 ? 74   HIS A N   1 
ATOM   571  C  CA  . HIS A 1 74  ? 9.573   -10.933 9.858   1.00   33.37 ? 74   HIS A CA  1 
ATOM   572  C  C   . HIS A 1 74  ? 9.240   -9.446  9.894   1.00   32.84 ? 74   HIS A C   1 
ATOM   573  O  O   . HIS A 1 74  ? 9.968   -8.648  10.486  1.00   32.41 ? 74   HIS A O   1 
ATOM   574  C  CB  . HIS A 1 74  ? 9.247   -11.570 11.210  1.00   34.19 ? 74   HIS A CB  1 
ATOM   575  C  CG  . HIS A 1 74  ? 9.108   -13.059 11.159  1.00   38.05 ? 74   HIS A CG  1 
ATOM   576  N  ND1 . HIS A 1 74  ? 8.725   -13.732 10.018  1.00   41.43 ? 74   HIS A ND1 1 
ATOM   577  C  CD2 . HIS A 1 74  ? 9.302   -14.007 12.107  1.00   40.45 ? 74   HIS A CD2 1 
ATOM   578  C  CE1 . HIS A 1 74  ? 8.688   -15.030 10.266  1.00   42.47 ? 74   HIS A CE1 1 
ATOM   579  N  NE2 . HIS A 1 74  ? 9.035   -15.222 11.526  1.00   41.59 ? 74   HIS A NE2 1 
ATOM   580  N  N   . LEU A 1 75  ? 8.132   -9.079  9.259   1.00   32.28 ? 75   LEU A N   1 
ATOM   581  C  CA  . LEU A 1 75  ? 7.702   -7.688  9.225   1.00   31.79 ? 75   LEU A CA  1 
ATOM   582  C  C   . LEU A 1 75  ? 7.304   -7.192  10.612  1.00   30.46 ? 75   LEU A C   1 
ATOM   583  O  O   . LEU A 1 75  ? 6.583   -7.871  11.346  1.00   29.50 ? 75   LEU A O   1 
ATOM   584  C  CB  . LEU A 1 75  ? 6.540   -7.510  8.246   1.00   32.23 ? 75   LEU A CB  1 
ATOM   585  C  CG  . LEU A 1 75  ? 6.864   -7.701  6.761   1.00   36.13 ? 75   LEU A CG  1 
ATOM   586  C  CD1 . LEU A 1 75  ? 5.823   -7.015  5.890   1.00   34.55 ? 75   LEU A CD1 1 
ATOM   587  C  CD2 . LEU A 1 75  ? 8.262   -7.195  6.433   1.00   33.02 ? 75   LEU A CD2 1 
ATOM   588  N  N   . SER A 1 76  ? 7.781   -6.004  10.966  1.00   29.74 ? 76   SER A N   1 
ATOM   589  C  CA  . SER A 1 76  ? 7.392   -5.367  12.216  1.00   28.70 ? 76   SER A CA  1 
ATOM   590  C  C   . SER A 1 76  ? 6.805   -3.991  11.931  1.00   28.63 ? 76   SER A C   1 
ATOM   591  O  O   . SER A 1 76  ? 6.540   -3.650  10.778  1.00   28.09 ? 76   SER A O   1 
ATOM   592  C  CB  . SER A 1 76  ? 8.591   -5.239  13.155  1.00   28.39 ? 76   SER A CB  1 
ATOM   593  O  OG  . SER A 1 76  ? 9.410   -4.145  12.786  1.00   27.33 ? 76   SER A OG  1 
ATOM   594  N  N   . ASP A 1 77  ? 6.609   -3.203  12.983  1.00   27.96 ? 77   ASP A N   1 
ATOM   595  C  CA  . ASP A 1 77  ? 6.015   -1.879  12.842  1.00   28.23 ? 77   ASP A CA  1 
ATOM   596  C  C   . ASP A 1 77  ? 6.983   -0.860  12.247  1.00   28.44 ? 77   ASP A C   1 
ATOM   597  O  O   . ASP A 1 77  ? 6.578   0.238   11.865  1.00   28.27 ? 77   ASP A O   1 
ATOM   598  C  CB  . ASP A 1 77  ? 5.472   -1.382  14.183  1.00   28.81 ? 77   ASP A CB  1 
ATOM   599  C  CG  . ASP A 1 77  ? 4.123   -1.987  14.522  1.00   28.28 ? 77   ASP A CG  1 
ATOM   600  O  OD1 . ASP A 1 77  ? 3.178   -1.813  13.724  1.00   27.86 ? 77   ASP A OD1 1 
ATOM   601  O  OD2 . ASP A 1 77  ? 3.913   -2.653  15.558  1.00   24.44 ? 77   ASP A OD2 1 
ATOM   602  N  N   . VAL A 1 78  ? 8.259   -1.221  12.172  1.00   28.27 ? 78   VAL A N   1 
ATOM   603  C  CA  . VAL A 1 78  ? 9.245   -0.359  11.530  1.00   28.43 ? 78   VAL A CA  1 
ATOM   604  C  C   . VAL A 1 78  ? 9.024   -0.345  10.020  1.00   28.72 ? 78   VAL A C   1 
ATOM   605  O  O   . VAL A 1 78  ? 9.111   0.702   9.380   1.00   28.50 ? 78   VAL A O   1 
ATOM   606  C  CB  . VAL A 1 78  ? 10.689  -0.809  11.839  1.00   28.90 ? 78   VAL A CB  1 
ATOM   607  C  CG1 . VAL A 1 78  ? 11.681  -0.032  10.988  1.00   26.40 ? 78   VAL A CG1 1 
ATOM   608  C  CG2 . VAL A 1 78  ? 11.001  -0.632  13.319  1.00   26.28 ? 78   VAL A CG2 1 
ATOM   609  N  N   . HIS A 1 79  ? 8.732   -1.513  9.458   1.00   29.83 ? 79   HIS A N   1 
ATOM   610  C  CA  . HIS A 1 79  ? 8.461   -1.637  8.029   1.00   30.33 ? 79   HIS A CA  1 
ATOM   611  C  C   . HIS A 1 79  ? 7.069   -1.122  7.685   1.00   30.28 ? 79   HIS A C   1 
ATOM   612  O  O   . HIS A 1 79  ? 6.880   -0.471  6.657   1.00   30.43 ? 79   HIS A O   1 
ATOM   613  C  CB  . HIS A 1 79  ? 8.602   -3.090  7.570   1.00   30.33 ? 79   HIS A CB  1 
ATOM   614  C  CG  . HIS A 1 79  ? 9.720   -3.828  8.234   1.00   32.15 ? 79   HIS A CG  1 
ATOM   615  N  ND1 . HIS A 1 79  ? 11.045  -3.504  8.036   1.00   33.30 ? 79   HIS A ND1 1 
ATOM   616  C  CD2 . HIS A 1 79  ? 9.713   -4.874  9.093   1.00   30.84 ? 79   HIS A CD2 1 
ATOM   617  C  CE1 . HIS A 1 79  ? 11.806  -4.318  8.746   1.00   35.61 ? 79   HIS A CE1 1 
ATOM   618  N  NE2 . HIS A 1 79  ? 11.022  -5.159  9.397   1.00   35.09 ? 79   HIS A NE2 1 
ATOM   619  N  N   . PHE A 1 80  ? 6.095   -1.418  8.538   1.00   29.59 ? 80   PHE A N   1 
ATOM   620  C  CA  . PHE A 1 80  ? 4.732   -0.965  8.293   1.00   30.00 ? 80   PHE A CA  1 
ATOM   621  C  C   . PHE A 1 80  ? 4.629   0.555   8.340   1.00   30.76 ? 80   PHE A C   1 
ATOM   622  O  O   . PHE A 1 80  ? 3.904   1.160   7.549   1.00   31.60 ? 80   PHE A O   1 
ATOM   623  C  CB  . PHE A 1 80  ? 3.741   -1.594  9.274   1.00   28.96 ? 80   PHE A CB  1 
ATOM   624  C  CG  . PHE A 1 80  ? 2.305   -1.398  8.878   1.00   30.16 ? 80   PHE A CG  1 
ATOM   625  C  CD1 . PHE A 1 80  ? 1.705   -2.243  7.959   1.00   28.58 ? 80   PHE A CD1 1 
ATOM   626  C  CD2 . PHE A 1 80  ? 1.560   -0.358  9.409   1.00   30.49 ? 80   PHE A CD2 1 
ATOM   627  C  CE1 . PHE A 1 80  ? 0.387   -2.062  7.585   1.00   27.62 ? 80   PHE A CE1 1 
ATOM   628  C  CE2 . PHE A 1 80  ? 0.242   -0.171  9.040   1.00   27.76 ? 80   PHE A CE2 1 
ATOM   629  C  CZ  . PHE A 1 80  ? -0.345  -1.024  8.127   1.00   27.92 ? 80   PHE A CZ  1 
ATOM   630  N  N   . GLN A 1 81  ? 5.357   1.167   9.268   1.00   30.13 ? 81   GLN A N   1 
ATOM   631  C  CA  . GLN A 1 81  ? 5.354   2.616   9.413   1.00   29.76 ? 81   GLN A CA  1 
ATOM   632  C  C   . GLN A 1 81  ? 6.077   3.280   8.250   1.00   30.71 ? 81   GLN A C   1 
ATOM   633  O  O   . GLN A 1 81  ? 5.705   4.371   7.814   1.00   31.22 ? 81   GLN A O   1 
ATOM   634  C  CB  . GLN A 1 81  ? 6.001   3.023   10.736  1.00   29.39 ? 81   GLN A CB  1 
ATOM   635  C  CG  . GLN A 1 81  ? 5.013   3.157   11.883  1.00   28.36 ? 81   GLN A CG  1 
ATOM   636  C  CD  . GLN A 1 81  ? 3.763   3.912   11.482  1.00   28.47 ? 81   GLN A CD  1 
ATOM   637  O  OE1 . GLN A 1 81  ? 3.826   5.094   11.144  1.00   31.69 ? 81   GLN A OE1 1 
ATOM   638  N  NE2 . GLN A 1 81  ? 2.624   3.231   11.516  1.00   25.65 ? 81   GLN A NE2 1 
ATOM   639  N  N   . ALA A 1 82  ? 7.115   2.619   7.750   1.00   30.14 ? 82   ALA A N   1 
ATOM   640  C  CA  . ALA A 1 82  ? 7.838   3.120   6.589   1.00   29.80 ? 82   ALA A CA  1 
ATOM   641  C  C   . ALA A 1 82  ? 6.907   3.146   5.380   1.00   30.06 ? 82   ALA A C   1 
ATOM   642  O  O   . ALA A 1 82  ? 6.802   4.157   4.683   1.00   28.94 ? 82   ALA A O   1 
ATOM   643  C  CB  . ALA A 1 82  ? 9.056   2.259   6.311   1.00   28.54 ? 82   ALA A CB  1 
ATOM   644  N  N   . VAL A 1 83  ? 6.226   2.029   5.142   1.00   30.31 ? 83   VAL A N   1 
ATOM   645  C  CA  . VAL A 1 83  ? 5.308   1.918   4.016   1.00   30.86 ? 83   VAL A CA  1 
ATOM   646  C  C   . VAL A 1 83  ? 4.189   2.950   4.119   1.00   32.05 ? 83   VAL A C   1 
ATOM   647  O  O   . VAL A 1 83  ? 3.826   3.587   3.130   1.00   31.94 ? 83   VAL A O   1 
ATOM   648  C  CB  . VAL A 1 83  ? 4.699   0.510   3.922   1.00   30.24 ? 83   VAL A CB  1 
ATOM   649  C  CG1 . VAL A 1 83  ? 3.466   0.521   3.034   1.00   31.29 ? 83   VAL A CG1 1 
ATOM   650  C  CG2 . VAL A 1 83  ? 5.730   -0.479  3.404   1.00   26.27 ? 83   VAL A CG2 1 
ATOM   651  N  N   . ALA A 1 84  ? 3.647   3.111   5.322   1.00   32.86 ? 84   ALA A N   1 
ATOM   652  C  CA  . ALA A 1 84  ? 2.599   4.097   5.559   1.00   33.99 ? 84   ALA A CA  1 
ATOM   653  C  C   . ALA A 1 84  ? 3.101   5.500   5.248   1.00   34.93 ? 84   ALA A C   1 
ATOM   654  O  O   . ALA A 1 84  ? 2.448   6.262   4.535   1.00   35.87 ? 84   ALA A O   1 
ATOM   655  C  CB  . ALA A 1 84  ? 2.106   4.015   6.995   1.00   33.83 ? 84   ALA A CB  1 
ATOM   656  N  N   . ARG A 1 85  ? 4.268   5.836   5.786   1.00   35.14 ? 85   ARG A N   1 
ATOM   657  C  CA  . ARG A 1 85  ? 4.847   7.159   5.593   1.00   35.74 ? 85   ARG A CA  1 
ATOM   658  C  C   . ARG A 1 85  ? 5.100   7.445   4.117   1.00   34.68 ? 85   ARG A C   1 
ATOM   659  O  O   . ARG A 1 85  ? 4.937   8.575   3.653   1.00   34.75 ? 85   ARG A O   1 
ATOM   660  C  CB  . ARG A 1 85  ? 6.149   7.293   6.384   1.00   36.70 ? 85   ARG A CB  1 
ATOM   661  C  CG  . ARG A 1 85  ? 7.117   8.311   5.810   1.00   42.05 ? 85   ARG A CG  1 
ATOM   662  C  CD  . ARG A 1 85  ? 7.573   9.362   6.808   1.00   49.10 ? 85   ARG A CD  1 
ATOM   663  N  NE  . ARG A 1 85  ? 8.514   10.308  6.216   1.00   53.07 ? 85   ARG A NE  1 
ATOM   664  C  CZ  . ARG A 1 85  ? 9.601   9.958   5.542   1.00   54.90 ? 85   ARG A CZ  1 
ATOM   665  N  NH1 . ARG A 1 85  ? 9.897   8.676   5.370   1.00   54.33 ? 85   ARG A NH1 1 
ATOM   666  N  NH2 . ARG A 1 85  ? 10.399  10.892  5.038   1.00   55.07 ? 85   ARG A NH2 1 
ATOM   667  N  N   . HIS A 1 86  ? 5.499   6.412   3.383   1.00   32.65 ? 86   HIS A N   1 
ATOM   668  C  CA  . HIS A 1 86  ? 5.805   6.556   1.967   1.00   30.99 ? 86   HIS A CA  1 
ATOM   669  C  C   . HIS A 1 86  ? 4.556   6.835   1.139   1.00   29.76 ? 86   HIS A C   1 
ATOM   670  O  O   . HIS A 1 86  ? 4.601   7.592   0.168   1.00   29.42 ? 86   HIS A O   1 
ATOM   671  C  CB  . HIS A 1 86  ? 6.537   5.317   1.446   1.00   30.65 ? 86   HIS A CB  1 
ATOM   672  C  CG  . HIS A 1 86  ? 7.997   5.300   1.774   1.00   29.73 ? 86   HIS A CG  1 
ATOM   673  N  ND1 . HIS A 1 86  ? 8.814   6.394   1.584   1.00   30.80 ? 86   HIS A ND1 1 
ATOM   674  C  CD2 . HIS A 1 86  ? 8.787   4.325   2.284   1.00   29.34 ? 86   HIS A CD2 1 
ATOM   675  C  CE1 . HIS A 1 86  ? 10.044  6.093   1.960   1.00   30.14 ? 86   HIS A CE1 1 
ATOM   676  N  NE2 . HIS A 1 86  ? 10.055  4.844   2.388   1.00   30.16 ? 86   HIS A NE2 1 
ATOM   677  N  N   . LEU A 1 87  ? 3.443   6.220   1.522   1.00   29.11 ? 87   LEU A N   1 
ATOM   678  C  CA  . LEU A 1 87  ? 2.174   6.455   0.844   1.00   28.56 ? 87   LEU A CA  1 
ATOM   679  C  C   . LEU A 1 87  ? 1.668   7.858   1.161   1.00   27.91 ? 87   LEU A C   1 
ATOM   680  O  O   . LEU A 1 87  ? 1.294   8.613   0.263   1.00   28.12 ? 87   LEU A O   1 
ATOM   681  C  CB  . LEU A 1 87  ? 1.134   5.411   1.256   1.00   28.56 ? 87   LEU A CB  1 
ATOM   682  C  CG  . LEU A 1 87  ? -0.256  5.591   0.643   1.00   28.05 ? 87   LEU A CG  1 
ATOM   683  C  CD1 . LEU A 1 87  ? -0.176  6.378   -0.655  1.00   30.10 ? 87   LEU A CD1 1 
ATOM   684  C  CD2 . LEU A 1 87  ? -0.934  4.248   0.417   1.00   32.99 ? 87   LEU A CD2 1 
ATOM   685  N  N   . SER A 1 88  ? 1.658   8.200   2.444   1.00   27.18 ? 88   SER A N   1 
ATOM   686  C  CA  . SER A 1 88  ? 1.282   9.542   2.869   1.00   26.90 ? 88   SER A CA  1 
ATOM   687  C  C   . SER A 1 88  ? 2.064   10.583  2.073   1.00   27.15 ? 88   SER A C   1 
ATOM   688  O  O   . SER A 1 88  ? 1.480   11.465  1.442   1.00   27.71 ? 88   SER A O   1 
ATOM   689  C  CB  . SER A 1 88  ? 1.544   9.719   4.365   1.00   26.22 ? 88   SER A CB  1 
ATOM   690  O  OG  . SER A 1 88  ? 0.835   10.835  4.874   1.00   28.95 ? 88   SER A OG  1 
ATOM   691  N  N   . ASP A 1 89  ? 3.388   10.471  2.108   1.00   26.08 ? 89   ASP A N   1 
ATOM   692  C  CA  . ASP A 1 89  ? 4.260   11.364  1.355   1.00   25.33 ? 89   ASP A CA  1 
ATOM   693  C  C   . ASP A 1 89  ? 3.883   11.373  -0.123  1.00   25.62 ? 89   ASP A C   1 
ATOM   694  O  O   . ASP A 1 89  ? 3.846   12.429  -0.755  1.00   26.26 ? 89   ASP A O   1 
ATOM   695  C  CB  . ASP A 1 89  ? 5.725   10.941  1.513   1.00   24.99 ? 89   ASP A CB  1 
ATOM   696  C  CG  . ASP A 1 89  ? 6.329   11.395  2.831   1.00   25.20 ? 89   ASP A CG  1 
ATOM   697  O  OD1 . ASP A 1 89  ? 5.628   12.055  3.631   1.00   22.07 ? 89   ASP A OD1 1 
ATOM   698  O  OD2 . ASP A 1 89  ? 7.506   11.136  3.153   1.00   23.74 ? 89   ASP A OD2 1 
ATOM   699  N  N   . THR A 1 90  ? 3.607   10.193  -0.671  1.00   25.12 ? 90   THR A N   1 
ATOM   700  C  CA  . THR A 1 90  ? 3.195   10.072  -2.066  1.00   24.75 ? 90   THR A CA  1 
ATOM   701  C  C   . THR A 1 90  ? 1.979   10.943  -2.360  1.00   25.45 ? 90   THR A C   1 
ATOM   702  O  O   . THR A 1 90  ? 2.013   11.795  -3.250  1.00   25.70 ? 90   THR A O   1 
ATOM   703  C  CB  . THR A 1 90  ? 2.862   8.609   -2.407  1.00   24.72 ? 90   THR A CB  1 
ATOM   704  O  OG1 . THR A 1 90  ? 4.072   7.866   -2.590  1.00   21.05 ? 90   THR A OG1 1 
ATOM   705  C  CG2 . THR A 1 90  ? 2.186   8.524   -3.771  1.00   23.49 ? 90   THR A CG2 1 
ATOM   706  N  N   . LEU A 1 91  ? 0.905   10.716  -1.612  1.00   25.89 ? 91   LEU A N   1 
ATOM   707  C  CA  . LEU A 1 91  ? -0.341  11.447  -1.815  1.00   27.15 ? 91   LEU A CA  1 
ATOM   708  C  C   . LEU A 1 91  ? -0.154  12.947  -1.617  1.00   27.65 ? 91   LEU A C   1 
ATOM   709  O  O   . LEU A 1 91  ? -0.694  13.755  -2.374  1.00   27.32 ? 91   LEU A O   1 
ATOM   710  C  CB  . LEU A 1 91  ? -1.427  10.929  -0.871  1.00   26.71 ? 91   LEU A CB  1 
ATOM   711  C  CG  . LEU A 1 91  ? -1.728  9.430   -0.924  1.00   24.12 ? 91   LEU A CG  1 
ATOM   712  C  CD1 . LEU A 1 91  ? -2.703  9.060   0.177   1.00   19.51 ? 91   LEU A CD1 1 
ATOM   713  C  CD2 . LEU A 1 91  ? -2.273  9.036   -2.293  1.00   20.66 ? 91   LEU A CD2 1 
ATOM   714  N  N   . THR A 1 92  ? 0.608   13.316  -0.593  1.00   28.60 ? 92   THR A N   1 
ATOM   715  C  CA  . THR A 1 92  ? 0.864   14.723  -0.311  1.00   28.99 ? 92   THR A CA  1 
ATOM   716  C  C   . THR A 1 92  ? 1.495   15.402  -1.520  1.00   29.54 ? 92   THR A C   1 
ATOM   717  O  O   . THR A 1 92  ? 1.180   16.547  -1.837  1.00   30.53 ? 92   THR A O   1 
ATOM   718  C  CB  . THR A 1 92  ? 1.771   14.874  0.927   1.00   28.61 ? 92   THR A CB  1 
ATOM   719  O  OG1 . THR A 1 92  ? 0.964   14.898  2.109   1.00   27.86 ? 92   THR A OG1 1 
ATOM   720  C  CG2 . THR A 1 92  ? 2.438   16.242  0.937   1.00   27.81 ? 92   THR A CG2 1 
ATOM   721  N  N   . GLU A 1 93  ? 2.384   14.682  -2.196  1.00   30.21 ? 93   GLU A N   1 
ATOM   722  C  CA  . GLU A 1 93  ? 3.094   15.225  -3.347  1.00   31.05 ? 93   GLU A CA  1 
ATOM   723  C  C   . GLU A 1 93  ? 2.234   15.205  -4.607  1.00   31.25 ? 93   GLU A C   1 
ATOM   724  O  O   . GLU A 1 93  ? 2.546   15.870  -5.594  1.00   30.51 ? 93   GLU A O   1 
ATOM   725  C  CB  . GLU A 1 93  ? 4.395   14.456  -3.577  1.00   30.43 ? 93   GLU A CB  1 
ATOM   726  C  CG  . GLU A 1 93  ? 5.561   14.982  -2.756  1.00   35.26 ? 93   GLU A CG  1 
ATOM   727  C  CD  . GLU A 1 93  ? 6.534   13.893  -2.355  1.00   36.23 ? 93   GLU A CD  1 
ATOM   728  O  OE1 . GLU A 1 93  ? 7.001   13.151  -3.247  1.00   35.59 ? 93   GLU A OE1 1 
ATOM   729  O  OE2 . GLU A 1 93  ? 6.834   13.782  -1.148  1.00   41.02 ? 93   GLU A OE2 1 
ATOM   730  N  N   . LEU A 1 94  ? 1.148   14.439  -4.562  1.00   31.61 ? 94   LEU A N   1 
ATOM   731  C  CA  . LEU A 1 94  ? 0.239   14.332  -5.696  1.00   32.14 ? 94   LEU A CA  1 
ATOM   732  C  C   . LEU A 1 94  ? -0.931  15.302  -5.561  1.00   32.42 ? 94   LEU A C   1 
ATOM   733  O  O   . LEU A 1 94  ? -1.833  15.324  -6.401  1.00   32.25 ? 94   LEU A O   1 
ATOM   734  C  CB  . LEU A 1 94  ? -0.262  12.895  -5.852  1.00   32.83 ? 94   LEU A CB  1 
ATOM   735  C  CG  . LEU A 1 94  ? 0.798   11.893  -6.311  1.00   34.08 ? 94   LEU A CG  1 
ATOM   736  C  CD1 . LEU A 1 94  ? 0.224   10.487  -6.402  1.00   34.75 ? 94   LEU A CD1 1 
ATOM   737  C  CD2 . LEU A 1 94  ? 1.390   12.322  -7.646  1.00   36.22 ? 94   LEU A CD2 1 
ATOM   738  N  N   . GLY A 1 95  ? -0.909  16.102  -4.499  1.00   32.31 ? 95   GLY A N   1 
ATOM   739  C  CA  . GLY A 1 95  ? -1.844  17.203  -4.347  1.00   32.67 ? 95   GLY A CA  1 
ATOM   740  C  C   . GLY A 1 95  ? -3.162  16.835  -3.696  1.00   32.89 ? 95   GLY A C   1 
ATOM   741  O  O   . GLY A 1 95  ? -4.163  17.533  -3.868  1.00   33.02 ? 95   GLY A O   1 
ATOM   742  N  N   . VAL A 1 96  ? -3.165  15.741  -2.941  1.00   32.56 ? 96   VAL A N   1 
ATOM   743  C  CA  . VAL A 1 96  ? -4.381  15.253  -2.302  1.00   31.10 ? 96   VAL A CA  1 
ATOM   744  C  C   . VAL A 1 96  ? -4.712  16.049  -1.045  1.00   31.54 ? 96   VAL A C   1 
ATOM   745  O  O   . VAL A 1 96  ? -3.850  16.262  -0.193  1.00   32.37 ? 96   VAL A O   1 
ATOM   746  C  CB  . VAL A 1 96  ? -4.253  13.765  -1.932  1.00   31.13 ? 96   VAL A CB  1 
ATOM   747  C  CG1 . VAL A 1 96  ? -5.414  13.328  -1.052  1.00   26.18 ? 96   VAL A CG1 1 
ATOM   748  C  CG2 . VAL A 1 96  ? -4.167  12.908  -3.188  1.00   30.90 ? 96   VAL A CG2 1 
ATOM   749  N  N   . PRO A 1 97  ? -5.961  16.490  -0.935  1.00   31.49 ? 97   PRO A N   1 
ATOM   750  C  CA  . PRO A 1 97  ? -6.449  17.139  0.286   1.00   30.59 ? 97   PRO A CA  1 
ATOM   751  C  C   . PRO A 1 97  ? -6.050  16.341  1.521   1.00   30.63 ? 97   PRO A C   1 
ATOM   752  O  O   . PRO A 1 97  ? -6.163  15.116  1.519   1.00   30.24 ? 97   PRO A O   1 
ATOM   753  C  CB  . PRO A 1 97  ? -7.968  17.101  0.113   1.00   29.94 ? 97   PRO A CB  1 
ATOM   754  C  CG  . PRO A 1 97  ? -8.179  17.108  -1.365  1.00   31.89 ? 97   PRO A CG  1 
ATOM   755  C  CD  . PRO A 1 97  ? -6.998  16.404  -1.977  1.00   31.12 ? 97   PRO A CD  1 
ATOM   756  N  N   . PRO A 1 98  ? -5.598  17.029  2.565   1.00   31.06 ? 98   PRO A N   1 
ATOM   757  C  CA  . PRO A 1 98  ? -5.122  16.365  3.784   1.00   31.27 ? 98   PRO A CA  1 
ATOM   758  C  C   . PRO A 1 98  ? -6.189  15.459  4.389   1.00   30.75 ? 98   PRO A C   1 
ATOM   759  O  O   . PRO A 1 98  ? -5.861  14.399  4.923   1.00   28.91 ? 98   PRO A O   1 
ATOM   760  C  CB  . PRO A 1 98  ? -4.830  17.534  4.728   1.00   31.31 ? 98   PRO A CB  1 
ATOM   761  C  CG  . PRO A 1 98  ? -4.608  18.703  3.830   1.00   33.08 ? 98   PRO A CG  1 
ATOM   762  C  CD  . PRO A 1 98  ? -5.517  18.497  2.658   1.00   31.23 ? 98   PRO A CD  1 
ATOM   763  N  N   . GLU A 1 99  ? -7.448  15.876  4.308   1.00   31.31 ? 99   GLU A N   1 
ATOM   764  C  CA  . GLU A 1 99  ? -8.546  15.089  4.857   1.00   31.86 ? 99   GLU A CA  1 
ATOM   765  C  C   . GLU A 1 99  ? -8.695  13.781  4.090   1.00   31.84 ? 99   GLU A C   1 
ATOM   766  O  O   . GLU A 1 99  ? -9.067  12.756  4.659   1.00   32.05 ? 99   GLU A O   1 
ATOM   767  C  CB  . GLU A 1 99  ? -9.854  15.881  4.820   1.00   32.32 ? 99   GLU A CB  1 
ATOM   768  C  CG  . GLU A 1 99  ? -10.392 16.128  3.419   1.00   34.15 ? 99   GLU A CG  1 
ATOM   769  C  CD  . GLU A 1 99  ? -10.047 17.508  2.896   1.00   32.54 ? 99   GLU A CD  1 
ATOM   770  O  OE1 . GLU A 1 99  ? -10.858 18.075  2.134   1.00   32.91 ? 99   GLU A OE1 1 
ATOM   771  O  OE2 . GLU A 1 99  ? -8.966  18.024  3.249   1.00   28.33 ? 99   GLU A OE2 1 
ATOM   772  N  N   . ASP A 1 100 ? -8.396  13.823  2.796   1.00   31.63 ? 100  ASP A N   1 
ATOM   773  C  CA  . ASP A 1 100 ? -8.430  12.627  1.963   1.00   32.06 ? 100  ASP A CA  1 
ATOM   774  C  C   . ASP A 1 100 ? -7.262  11.707  2.297   1.00   31.99 ? 100  ASP A C   1 
ATOM   775  O  O   . ASP A 1 100 ? -7.391  10.483  2.257   1.00   32.65 ? 100  ASP A O   1 
ATOM   776  C  CB  . ASP A 1 100 ? -8.391  13.000  0.480   1.00   33.02 ? 100  ASP A CB  1 
ATOM   777  C  CG  . ASP A 1 100 ? -9.727  13.494  -0.031  1.00   32.85 ? 100  ASP A CG  1 
ATOM   778  O  OD1 . ASP A 1 100 ? -10.742 13.302  0.669   1.00   33.03 ? 100  ASP A OD1 1 
ATOM   779  O  OD2 . ASP A 1 100 ? -9.860  14.088  -1.122  1.00   38.44 ? 100  ASP A OD2 1 
ATOM   780  N  N   . ILE A 1 101 ? -6.120  12.301  2.623   1.00   31.13 ? 101  ILE A N   1 
ATOM   781  C  CA  . ILE A 1 101 ? -4.958  11.523  3.034   1.00   30.70 ? 101  ILE A CA  1 
ATOM   782  C  C   . ILE A 1 101 ? -5.259  10.819  4.354   1.00   30.78 ? 101  ILE A C   1 
ATOM   783  O  O   . ILE A 1 101 ? -4.774  9.716   4.613   1.00   31.03 ? 101  ILE A O   1 
ATOM   784  C  CB  . ILE A 1 101 ? -3.719  12.429  3.172   1.00   30.26 ? 101  ILE A CB  1 
ATOM   785  C  CG1 . ILE A 1 101 ? -3.461  13.179  1.862   1.00   31.57 ? 101  ILE A CG1 1 
ATOM   786  C  CG2 . ILE A 1 101 ? -2.498  11.611  3.574   1.00   28.41 ? 101  ILE A CG2 1 
ATOM   787  C  CD1 . ILE A 1 101 ? -2.169  13.974  1.850   1.00   33.68 ? 101  ILE A CD1 1 
ATOM   788  N  N   . THR A 1 102 ? -6.072  11.464  5.182   1.00   30.10 ? 102  THR A N   1 
ATOM   789  C  CA  . THR A 1 102 ? -6.476  10.902  6.463   1.00   29.58 ? 102  THR A CA  1 
ATOM   790  C  C   . THR A 1 102 ? -7.281  9.622   6.266   1.00   30.20 ? 102  THR A C   1 
ATOM   791  O  O   . THR A 1 102 ? -7.062  8.627   6.956   1.00   30.91 ? 102  THR A O   1 
ATOM   792  C  CB  . THR A 1 102 ? -7.302  11.929  7.257   1.00   29.62 ? 102  THR A CB  1 
ATOM   793  O  OG1 . THR A 1 102 ? -6.453  12.998  7.692   1.00   27.78 ? 102  THR A OG1 1 
ATOM   794  C  CG2 . THR A 1 102 ? -7.813  11.322  8.557   1.00   27.32 ? 102  THR A CG2 1 
ATOM   795  N  N   . ASP A 1 103 ? -8.213  9.653   5.319   1.00   30.29 ? 103  ASP A N   1 
ATOM   796  C  CA  . ASP A 1 103 ? -9.075  8.507   5.058   1.00   30.88 ? 103  ASP A CA  1 
ATOM   797  C  C   . ASP A 1 103 ? -8.316  7.354   4.401   1.00   31.61 ? 103  ASP A C   1 
ATOM   798  O  O   . ASP A 1 103 ? -8.554  6.187   4.712   1.00   32.18 ? 103  ASP A O   1 
ATOM   799  C  CB  . ASP A 1 103 ? -10.268 8.919   4.194   1.00   30.97 ? 103  ASP A CB  1 
ATOM   800  C  CG  . ASP A 1 103 ? -11.197 9.885   4.906   1.00   32.83 ? 103  ASP A CG  1 
ATOM   801  O  OD1 . ASP A 1 103 ? -11.090 10.007  6.144   1.00   30.66 ? 103  ASP A OD1 1 
ATOM   802  O  OD2 . ASP A 1 103 ? -12.061 10.565  4.313   1.00   35.18 ? 103  ASP A OD2 1 
ATOM   803  N  N   . ALA A 1 104 ? -7.405  7.689   3.493   1.00   31.53 ? 104  ALA A N   1 
ATOM   804  C  CA  . ALA A 1 104 ? -6.608  6.686   2.797   1.00   30.70 ? 104  ALA A CA  1 
ATOM   805  C  C   . ALA A 1 104 ? -5.640  6.009   3.759   1.00   30.67 ? 104  ALA A C   1 
ATOM   806  O  O   . ALA A 1 104 ? -5.407  4.803   3.675   1.00   30.24 ? 104  ALA A O   1 
ATOM   807  C  CB  . ALA A 1 104 ? -5.850  7.321   1.640   1.00   30.96 ? 104  ALA A CB  1 
ATOM   808  N  N   . MET A 1 105 ? -5.076  6.795   4.670   1.00   30.28 ? 105  MET A N   1 
ATOM   809  C  CA  . MET A 1 105 ? -4.169  6.260   5.677   1.00   29.65 ? 105  MET A CA  1 
ATOM   810  C  C   . MET A 1 105 ? -4.919  5.307   6.601   1.00   28.71 ? 105  MET A C   1 
ATOM   811  O  O   . MET A 1 105 ? -4.383  4.279   7.017   1.00   28.86 ? 105  MET A O   1 
ATOM   812  C  CB  . MET A 1 105 ? -3.538  7.392   6.493   1.00   29.89 ? 105  MET A CB  1 
ATOM   813  C  CG  . MET A 1 105 ? -2.483  8.187   5.740   1.00   31.46 ? 105  MET A CG  1 
ATOM   814  S  SD  . MET A 1 105 ? -1.315  7.132   4.859   1.00   36.43 ? 105  MET A SD  1 
ATOM   815  C  CE  . MET A 1 105 ? -0.409  6.431   6.231   1.00   37.41 ? 105  MET A CE  1 
ATOM   816  N  N   . ALA A 1 106 ? -6.164  5.656   6.913   1.00   27.49 ? 106  ALA A N   1 
ATOM   817  C  CA  . ALA A 1 106 ? -6.997  4.838   7.786   1.00   26.74 ? 106  ALA A CA  1 
ATOM   818  C  C   . ALA A 1 106 ? -7.281  3.484   7.145   1.00   26.92 ? 106  ALA A C   1 
ATOM   819  O  O   . ALA A 1 106 ? -7.322  2.461   7.827   1.00   27.69 ? 106  ALA A O   1 
ATOM   820  C  CB  . ALA A 1 106 ? -8.298  5.559   8.103   1.00   25.57 ? 106  ALA A CB  1 
ATOM   821  N  N   . VAL A 1 107 ? -7.475  3.490   5.831   1.00   26.27 ? 107  VAL A N   1 
ATOM   822  C  CA  . VAL A 1 107 ? -7.740  2.264   5.088   1.00   25.57 ? 107  VAL A CA  1 
ATOM   823  C  C   . VAL A 1 107 ? -6.500  1.378   5.085   1.00   25.48 ? 107  VAL A C   1 
ATOM   824  O  O   . VAL A 1 107 ? -6.593  0.161   5.254   1.00   26.36 ? 107  VAL A O   1 
ATOM   825  C  CB  . VAL A 1 107 ? -8.155  2.569   3.634   1.00   25.86 ? 107  VAL A CB  1 
ATOM   826  C  CG1 . VAL A 1 107 ? -8.099  1.307   2.780   1.00   23.76 ? 107  VAL A CG1 1 
ATOM   827  C  CG2 . VAL A 1 107 ? -9.546  3.188   3.595   1.00   24.14 ? 107  VAL A CG2 1 
ATOM   828  N  N   . VAL A 1 108 ? -5.341  1.997   4.892   1.00   23.98 ? 108  VAL A N   1 
ATOM   829  C  CA  . VAL A 1 108 ? -4.076  1.276   4.905   1.00   23.99 ? 108  VAL A CA  1 
ATOM   830  C  C   . VAL A 1 108 ? -3.786  0.716   6.292   1.00   25.05 ? 108  VAL A C   1 
ATOM   831  O  O   . VAL A 1 108 ? -3.308  -0.412  6.429   1.00   25.34 ? 108  VAL A O   1 
ATOM   832  C  CB  . VAL A 1 108 ? -2.912  2.184   4.477   1.00   23.29 ? 108  VAL A CB  1 
ATOM   833  C  CG1 . VAL A 1 108 ? -1.593  1.433   4.571   1.00   24.36 ? 108  VAL A CG1 1 
ATOM   834  C  CG2 . VAL A 1 108 ? -3.134  2.702   3.065   1.00   24.90 ? 108  VAL A CG2 1 
ATOM   835  N  N   . ALA A 1 109 ? -4.083  1.510   7.315   1.00   25.27 ? 109  ALA A N   1 
ATOM   836  C  CA  . ALA A 1 109 ? -3.846  1.112   8.698   1.00   26.45 ? 109  ALA A CA  1 
ATOM   837  C  C   . ALA A 1 109 ? -4.739  -0.054  9.113   1.00   26.61 ? 109  ALA A C   1 
ATOM   838  O  O   . ALA A 1 109 ? -4.362  -0.863  9.962   1.00   26.52 ? 109  ALA A O   1 
ATOM   839  C  CB  . ALA A 1 109 ? -4.051  2.297   9.633   1.00   26.44 ? 109  ALA A CB  1 
ATOM   840  N  N   . SER A 1 110 ? -5.922  -0.135  8.515   1.00   26.21 ? 110  SER A N   1 
ATOM   841  C  CA  . SER A 1 110 ? -6.880  -1.180  8.859   1.00   26.37 ? 110  SER A CA  1 
ATOM   842  C  C   . SER A 1 110 ? -6.399  -2.560  8.412   1.00   26.38 ? 110  SER A C   1 
ATOM   843  O  O   . SER A 1 110 ? -7.033  -3.572  8.705   1.00   26.27 ? 110  SER A O   1 
ATOM   844  C  CB  . SER A 1 110 ? -8.262  -0.863  8.272   1.00   26.19 ? 110  SER A CB  1 
ATOM   845  O  OG  . SER A 1 110 ? -8.495  -1.573  7.068   1.00   23.22 ? 110  SER A OG  1 
ATOM   846  N  N   . THR A 1 111 ? -5.269  -2.592  7.709   1.00   26.03 ? 111  THR A N   1 
ATOM   847  C  CA  . THR A 1 111 ? -4.695  -3.843  7.223   1.00   26.29 ? 111  THR A CA  1 
ATOM   848  C  C   . THR A 1 111 ? -3.473  -4.261  8.033   1.00   27.53 ? 111  THR A C   1 
ATOM   849  O  O   . THR A 1 111 ? -2.794  -5.230  7.690   1.00   28.21 ? 111  THR A O   1 
ATOM   850  C  CB  . THR A 1 111 ? -4.307  -3.716  5.738   1.00   26.33 ? 111  THR A CB  1 
ATOM   851  O  OG1 . THR A 1 111 ? -2.978  -3.189  5.635   1.00   21.89 ? 111  THR A OG1 1 
ATOM   852  C  CG2 . THR A 1 111 ? -5.154  -2.655  5.053   1.00   27.21 ? 111  THR A CG2 1 
ATOM   853  N  N   . ARG A 1 112 ? -3.196  -3.529  9.108   1.00   28.21 ? 112  ARG A N   1 
ATOM   854  C  CA  . ARG A 1 112 ? -2.017  -3.778  9.930   1.00   28.44 ? 112  ARG A CA  1 
ATOM   855  C  C   . ARG A 1 112 ? -1.927  -5.209  10.457  1.00   29.05 ? 112  ARG A C   1 
ATOM   856  O  O   . ARG A 1 112 ? -0.946  -5.910  10.209  1.00   29.76 ? 112  ARG A O   1 
ATOM   857  C  CB  . ARG A 1 112 ? -1.959  -2.793  11.099  1.00   28.57 ? 112  ARG A CB  1 
ATOM   858  C  CG  . ARG A 1 112 ? -0.872  -3.110  12.119  1.00   29.55 ? 112  ARG A CG  1 
ATOM   859  C  CD  . ARG A 1 112 ? -0.575  -1.972  13.083  1.00   31.95 ? 112  ARG A CD  1 
ATOM   860  N  NE  . ARG A 1 112 ? 0.391   -2.355  14.110  1.00   27.23 ? 112  ARG A NE  1 
ATOM   861  C  CZ  . ARG A 1 112 ? 0.061   -2.893  15.276  1.00   26.73 ? 112  ARG A CZ  1 
ATOM   862  N  NH1 . ARG A 1 112 ? -1.213  -3.112  15.569  1.00   20.10 ? 112  ARG A NH1 1 
ATOM   863  N  NH2 . ARG A 1 112 ? 1.004   -3.213  16.153  1.00   25.17 ? 112  ARG A NH2 1 
ATOM   864  N  N   . THR A 1 113 ? -2.950  -5.638  11.189  1.00   29.31 ? 113  THR A N   1 
ATOM   865  C  CA  . THR A 1 113 ? -2.901  -6.913  11.901  1.00   29.39 ? 113  THR A CA  1 
ATOM   866  C  C   . THR A 1 113 ? -2.580  -8.095  10.991  1.00   29.65 ? 113  THR A C   1 
ATOM   867  O  O   . THR A 1 113 ? -1.724  -8.920  11.310  1.00   28.57 ? 113  THR A O   1 
ATOM   868  C  CB  . THR A 1 113 ? -4.218  -7.157  12.667  1.00   29.75 ? 113  THR A CB  1 
ATOM   869  O  OG1 . THR A 1 113 ? -4.401  -6.126  13.645  1.00   28.48 ? 113  THR A OG1 1 
ATOM   870  C  CG2 . THR A 1 113 ? -4.127  -8.424  13.507  1.00   28.98 ? 113  THR A CG2 1 
ATOM   871  N  N   . GLU A 1 114 ? -3.267  -8.176  9.857   1.00   30.86 ? 114  GLU A N   1 
ATOM   872  C  CA  . GLU A 1 114 ? -3.049  -9.262  8.910   1.00   30.79 ? 114  GLU A CA  1 
ATOM   873  C  C   . GLU A 1 114 ? -1.694  -9.129  8.217   1.00   30.56 ? 114  GLU A C   1 
ATOM   874  O  O   . GLU A 1 114 ? -0.898  -10.068 8.200   1.00   30.48 ? 114  GLU A O   1 
ATOM   875  C  CB  . GLU A 1 114 ? -4.175  -9.304  7.871   1.00   31.17 ? 114  GLU A CB  1 
ATOM   876  C  CG  . GLU A 1 114 ? -5.532  -9.711  8.429   1.00   32.14 ? 114  GLU A CG  1 
ATOM   877  C  CD  . GLU A 1 114 ? -5.475  -10.983 9.260   1.00   37.67 ? 114  GLU A CD  1 
ATOM   878  O  OE1 . GLU A 1 114 ? -5.470  -12.088 8.672   1.00   37.80 ? 114  GLU A OE1 1 
ATOM   879  O  OE2 . GLU A 1 114 ? -5.438  -10.879 10.505  1.00   36.80 ? 114  GLU A OE2 1 
ATOM   880  N  N   . VAL A 1 115 ? -1.436  -7.955  7.648   1.00   30.55 ? 115  VAL A N   1 
ATOM   881  C  CA  . VAL A 1 115 ? -0.189  -7.703  6.934   1.00   30.16 ? 115  VAL A CA  1 
ATOM   882  C  C   . VAL A 1 115 ? 1.023   -8.050  7.792   1.00   30.21 ? 115  VAL A C   1 
ATOM   883  O  O   . VAL A 1 115 ? 2.027   -8.554  7.290   1.00   30.64 ? 115  VAL A O   1 
ATOM   884  C  CB  . VAL A 1 115 ? -0.084  -6.231  6.480   1.00   30.37 ? 115  VAL A CB  1 
ATOM   885  C  CG1 . VAL A 1 115 ? 1.351   -5.882  6.098   1.00   28.81 ? 115  VAL A CG1 1 
ATOM   886  C  CG2 . VAL A 1 115 ? -1.029  -5.967  5.317   1.00   28.76 ? 115  VAL A CG2 1 
ATOM   887  N  N   . LEU A 1 116 ? 0.921   -7.782  9.088   1.00   30.43 ? 116  LEU A N   1 
ATOM   888  C  CA  . LEU A 1 116 ? 2.030   -8.004  10.006  1.00   29.29 ? 116  LEU A CA  1 
ATOM   889  C  C   . LEU A 1 116 ? 1.978   -9.388  10.633  1.00   30.16 ? 116  LEU A C   1 
ATOM   890  O  O   . LEU A 1 116 ? 2.796   -9.721  11.492  1.00   30.24 ? 116  LEU A O   1 
ATOM   891  C  CB  . LEU A 1 116 ? 2.038   -6.935  11.097  1.00   28.40 ? 116  LEU A CB  1 
ATOM   892  C  CG  . LEU A 1 116 ? 2.589   -5.574  10.672  1.00   27.17 ? 116  LEU A CG  1 
ATOM   893  C  CD1 . LEU A 1 116 ? 2.889   -4.717  11.893  1.00   21.97 ? 116  LEU A CD1 1 
ATOM   894  C  CD2 . LEU A 1 116 ? 3.833   -5.754  9.809   1.00   22.30 ? 116  LEU A CD2 1 
ATOM   895  N  N   . ASN A 1 117 ? 1.016   -10.199 10.205  1.00   30.98 ? 117  ASN A N   1 
ATOM   896  C  CA  . ASN A 1 117 ? 0.919   -11.562 10.706  1.00   31.96 ? 117  ASN A CA  1 
ATOM   897  C  C   . ASN A 1 117 ? 0.907   -11.549 12.229  1.00   33.44 ? 117  ASN A C   1 
ATOM   898  O  O   . ASN A 1 117 ? 1.663   -12.274 12.878  1.00   33.40 ? 117  ASN A O   1 
ATOM   899  C  CB  . ASN A 1 117 ? 2.101   -12.385 10.194  1.00   31.28 ? 117  ASN A CB  1 
ATOM   900  C  CG  . ASN A 1 117 ? 2.022   -13.840 10.601  1.00   31.67 ? 117  ASN A CG  1 
ATOM   901  O  OD1 . ASN A 1 117 ? 0.935   -14.387 10.795  1.00   30.56 ? 117  ASN A OD1 1 
ATOM   902  N  ND2 . ASN A 1 117 ? 3.179   -14.479 10.733  1.00   29.67 ? 117  ASN A ND2 1 
ATOM   903  N  N   . MET A 1 118 ? 0.044   -10.707 12.789  1.00   34.62 ? 118  MET A N   1 
ATOM   904  C  CA  . MET A 1 118 ? -0.055  -10.534 14.232  1.00   36.21 ? 118  MET A CA  1 
ATOM   905  C  C   . MET A 1 118 ? -1.274  -11.268 14.772  1.00   37.28 ? 118  MET A C   1 
ATOM   906  O  O   . MET A 1 118 ? -2.210  -11.562 14.030  1.00   36.63 ? 118  MET A O   1 
ATOM   907  C  CB  . MET A 1 118 ? -0.162  -9.048  14.584  1.00   36.47 ? 118  MET A CB  1 
ATOM   908  C  CG  . MET A 1 118 ? 1.171   -8.322  14.688  1.00   36.95 ? 118  MET A CG  1 
ATOM   909  S  SD  . MET A 1 118 ? 0.961   -6.561  15.035  1.00   38.42 ? 118  MET A SD  1 
ATOM   910  C  CE  . MET A 1 118 ? 2.662   -6.011  15.007  1.00   42.78 ? 118  MET A CE  1 
ATOM   911  N  N   . PRO A 1 119 ? -1.257  -11.556 16.071  1.00   39.00 ? 119  PRO A N   1 
ATOM   912  C  CA  . PRO A 1 119 ? -2.385  -12.213 16.739  1.00   39.08 ? 119  PRO A CA  1 
ATOM   913  C  C   . PRO A 1 119 ? -3.625  -11.333 16.681  1.00   39.48 ? 119  PRO A C   1 
ATOM   914  O  O   . PRO A 1 119 ? -3.548  -10.147 17.001  1.00   38.91 ? 119  PRO A O   1 
ATOM   915  C  CB  . PRO A 1 119 ? -1.907  -12.344 18.189  1.00   38.81 ? 119  PRO A CB  1 
ATOM   916  C  CG  . PRO A 1 119 ? -0.424  -12.222 18.116  1.00   40.68 ? 119  PRO A CG  1 
ATOM   917  C  CD  . PRO A 1 119 ? -0.150  -11.264 16.998  1.00   38.68 ? 119  PRO A CD  1 
ATOM   918  N  N   . GLN A 1 120 ? -4.750  -11.908 16.272  1.00   40.53 ? 120  GLN A N   1 
ATOM   919  C  CA  . GLN A 1 120 ? -5.992  -11.153 16.147  1.00   41.89 ? 120  GLN A CA  1 
ATOM   920  C  C   . GLN A 1 120 ? -6.615  -10.866 17.512  1.00   42.22 ? 120  GLN A C   1 
ATOM   921  O  O   . GLN A 1 120 ? -7.310  -11.709 18.080  1.00   42.19 ? 120  GLN A O   1 
ATOM   922  C  CB  . GLN A 1 120 ? -6.987  -11.902 15.257  1.00   42.15 ? 120  GLN A CB  1 
ATOM   923  C  CG  . GLN A 1 120 ? -6.670  -11.830 13.769  1.00   41.05 ? 120  GLN A CG  1 
ATOM   924  C  CD  . GLN A 1 120 ? -7.065  -13.095 13.027  1.00   45.12 ? 120  GLN A CD  1 
ATOM   925  O  OE1 . GLN A 1 120 ? -7.081  -14.183 13.608  1.00   43.72 ? 120  GLN A OE1 1 
ATOM   926  N  NE2 . GLN A 1 120 ? -7.386  -12.956 11.745  1.00   42.46 ? 120  GLN A NE2 1 
ATOM   927  N  N   . GLN A 1 121 ? -5.799  -11.064 18.460  0.0000 35.11 ? 121  GLN A N   1 
ATOM   928  C  CA  . GLN A 1 121 ? -6.354  -10.776 19.775  0.0000 36.50 ? 121  GLN A CA  1 
ATOM   929  C  C   . GLN A 1 121 ? -7.102  -11.967 20.329  0.0000 37.48 ? 121  GLN A C   1 
ATOM   930  O  O   . GLN A 1 121 ? -8.327  -12.044 20.206  0.0000 38.51 ? 121  GLN A O   1 
ATOM   931  C  CB  . GLN A 1 121 ? -7.284  -9.557  19.715  0.0000 36.79 ? 121  GLN A CB  1 
ATOM   932  C  CG  . GLN A 1 121 ? -7.906  -9.173  21.056  0.0000 36.06 ? 121  GLN A CG  1 
ATOM   933  C  CD  . GLN A 1 121 ? -8.928  -8.059  20.908  0.0000 36.46 ? 121  GLN A CD  1 
ATOM   934  O  OE1 . GLN A 1 121 ? -10.051 -8.303  20.452  0.0000 36.04 ? 121  GLN A OE1 1 
ATOM   935  N  NE2 . GLN A 1 121 ? -8.742  -6.783  21.231  0.0000 36.12 ? 121  GLN A NE2 1 
HETATM 936  C  CHA . HEM B 2 .   ? 2.718   -8.365  -1.464  1.00   25.26 ? 1122 HEM A CHA 1 
HETATM 937  C  CHB . HEM B 2 .   ? -0.199  -4.687  -0.215  1.00   27.06 ? 1122 HEM A CHB 1 
HETATM 938  C  CHC . HEM B 2 .   ? 2.799   -3.814  3.496   1.00   23.92 ? 1122 HEM A CHC 1 
HETATM 939  C  CHD . HEM B 2 .   ? 6.277   -6.199  1.091   1.00   24.80 ? 1122 HEM A CHD 1 
HETATM 940  C  C1A . HEM B 2 .   ? 1.655   -7.485  -1.451  1.00   27.44 ? 1122 HEM A C1A 1 
HETATM 941  C  C2A . HEM B 2 .   ? 0.516   -7.484  -2.348  1.00   27.23 ? 1122 HEM A C2A 1 
HETATM 942  C  C3A . HEM B 2 .   ? -0.288  -6.474  -2.006  1.00   27.19 ? 1122 HEM A C3A 1 
HETATM 943  C  C4A . HEM B 2 .   ? 0.307   -5.787  -0.876  1.00   25.36 ? 1122 HEM A C4A 1 
HETATM 944  C  CMA . HEM B 2 .   ? -1.618  -6.104  -2.698  1.00   23.52 ? 1122 HEM A CMA 1 
HETATM 945  C  CAA . HEM B 2 .   ? 0.272   -8.484  -3.496  1.00   25.47 ? 1122 HEM A CAA 1 
HETATM 946  C  CBA . HEM B 2 .   ? -0.031  -9.846  -2.880  1.00   30.77 ? 1122 HEM A CBA 1 
HETATM 947  C  CGA . HEM B 2 .   ? -0.396  -10.829 -3.960  1.00   30.72 ? 1122 HEM A CGA 1 
HETATM 948  O  O1A . HEM B 2 .   ? -1.611  -10.942 -4.273  1.00   29.92 ? 1122 HEM A O1A 1 
HETATM 949  O  O2A . HEM B 2 .   ? 0.524   -11.495 -4.504  1.00   29.50 ? 1122 HEM A O2A 1 
HETATM 950  C  C1B . HEM B 2 .   ? 0.300   -4.182  0.966   1.00   22.96 ? 1122 HEM A C1B 1 
HETATM 951  C  C2B . HEM B 2 .   ? -0.365  -3.275  1.877   1.00   24.91 ? 1122 HEM A C2B 1 
HETATM 952  C  C3B . HEM B 2 .   ? 0.463   -3.034  2.899   1.00   25.07 ? 1122 HEM A C3B 1 
HETATM 953  C  C4B . HEM B 2 .   ? 1.686   -3.780  2.680   1.00   23.64 ? 1122 HEM A C4B 1 
HETATM 954  C  CMB . HEM B 2 .   ? -1.782  -2.684  1.699   1.00   22.49 ? 1122 HEM A CMB 1 
HETATM 955  C  CAB . HEM B 2 .   ? 0.163   -2.119  4.106   1.00   26.00 ? 1122 HEM A CAB 1 
HETATM 956  C  CBB . HEM B 2 .   ? 1.171   -1.565  4.787   1.00   29.91 ? 1122 HEM A CBB 1 
HETATM 957  C  C1C . HEM B 2 .   ? 4.032   -4.326  3.150   1.00   21.08 ? 1122 HEM A C1C 1 
HETATM 958  C  C2C . HEM B 2 .   ? 5.284   -4.139  3.855   1.00   22.10 ? 1122 HEM A C2C 1 
HETATM 959  C  C3C . HEM B 2 .   ? 6.242   -4.794  3.190   1.00   21.39 ? 1122 HEM A C3C 1 
HETATM 960  C  C4C . HEM B 2 .   ? 5.636   -5.428  2.037   1.00   22.79 ? 1122 HEM A C4C 1 
HETATM 961  C  CMC . HEM B 2 .   ? 5.473   -3.319  5.149   1.00   20.39 ? 1122 HEM A CMC 1 
HETATM 962  C  CAC . HEM B 2 .   ? 7.737   -4.876  3.572   1.00   22.30 ? 1122 HEM A CAC 1 
HETATM 963  C  CBC . HEM B 2 .   ? 8.356   -3.831  4.132   1.00   22.31 ? 1122 HEM A CBC 1 
HETATM 964  C  C1D . HEM B 2 .   ? 5.666   -7.059  0.204   1.00   25.13 ? 1122 HEM A C1D 1 
HETATM 965  C  C2D . HEM B 2 .   ? 6.331   -8.057  -0.603  1.00   23.58 ? 1122 HEM A C2D 1 
HETATM 966  C  C3D . HEM B 2 .   ? 5.213   -8.740  -1.407  1.00   27.10 ? 1122 HEM A C3D 1 
HETATM 967  C  C4D . HEM B 2 .   ? 3.987   -8.084  -1.001  1.00   25.81 ? 1122 HEM A C4D 1 
HETATM 968  C  CMD . HEM B 2 .   ? 7.842   -8.369  -0.646  1.00   24.74 ? 1122 HEM A CMD 1 
HETATM 969  C  CAD . HEM B 2 .   ? 5.364   -9.886  -2.430  1.00   26.41 ? 1122 HEM A CAD 1 
HETATM 970  C  CBD . HEM B 2 .   ? 6.233   -9.422  -3.594  1.00   28.29 ? 1122 HEM A CBD 1 
HETATM 971  C  CGD . HEM B 2 .   ? 6.354   -10.556 -4.575  1.00   29.67 ? 1122 HEM A CGD 1 
HETATM 972  O  O1D . HEM B 2 .   ? 7.412   -10.671 -5.248  1.00   29.36 ? 1122 HEM A O1D 1 
HETATM 973  O  O2D . HEM B 2 .   ? 5.384   -11.349 -4.676  1.00   29.91 ? 1122 HEM A O2D 1 
HETATM 974  N  NA  . HEM B 2 .   ? 1.489   -6.434  -0.570  1.00   23.71 ? 1122 HEM A NA  1 
HETATM 975  N  NB  . HEM B 2 .   ? 1.544   -4.466  1.492   1.00   24.14 ? 1122 HEM A NB  1 
HETATM 976  N  NC  . HEM B 2 .   ? 4.289   -5.119  2.048   1.00   22.75 ? 1122 HEM A NC  1 
HETATM 977  N  ND  . HEM B 2 .   ? 4.303   -7.111  -0.062  1.00   26.86 ? 1122 HEM A ND  1 
HETATM 978  FE FE  . HEM B 2 .   ? 2.936   -5.734  0.674   1.00   28.77 ? 1122 HEM A FE  1 
HETATM 979  C  C   . CYN C 3 .   ? 4.058   -3.470  -0.688  1.00   33.68 ? 1123 CYN A C   1 
HETATM 980  N  N   . CYN C 3 .   ? 3.516   -4.102  -1.496  1.00   33.35 ? 1123 CYN A N   1 
HETATM 981  XE XE  . XE  D 4 .   ? 0.116   0.501   0.532   1.00   35.55 ? 1124 XE  A XE  1 
HETATM 982  XE XE  . XE  E 4 .   ? -3.868  5.506   -3.063  1.00   43.69 ? 1125 XE  A XE  1 
HETATM 983  XE XE  . XE  F 4 .   ? -0.121  4.011   -2.860  1.00   58.02 ? 1126 XE  A XE  1 
HETATM 984  XE XE  . XE  G 4 .   ? -4.192  9.531   -5.261  1.00   59.13 ? 1127 XE  A XE  1 
HETATM 985  O  O   . HOH H 5 .   ? -16.976 9.457   -1.891  1.00   29.19 ? 2001 HOH A O   1 
HETATM 986  O  O   . HOH H 5 .   ? -9.202  14.157  -3.690  1.00   35.32 ? 2002 HOH A O   1 
HETATM 987  O  O   . HOH H 5 .   ? -11.949 5.797   -12.352 1.00   21.62 ? 2003 HOH A O   1 
HETATM 988  O  O   . HOH H 5 .   ? -1.871  8.238   -17.366 1.00   27.96 ? 2004 HOH A O   1 
HETATM 989  O  O   . HOH H 5 .   ? 0.889   2.241   -11.225 1.00   13.90 ? 2005 HOH A O   1 
HETATM 990  O  O   . HOH H 5 .   ? -4.752  2.054   -17.289 1.00   20.55 ? 2006 HOH A O   1 
HETATM 991  O  O   . HOH H 5 .   ? 15.086  -3.792  3.049   1.00   23.71 ? 2007 HOH A O   1 
HETATM 992  O  O   . HOH H 5 .   ? 15.047  -2.823  7.482   1.00   19.50 ? 2008 HOH A O   1 
HETATM 993  O  O   . HOH H 5 .   ? 13.288  -4.154  -6.543  1.00   30.59 ? 2009 HOH A O   1 
HETATM 994  O  O   . HOH H 5 .   ? 11.381  -4.857  -11.366 1.00   20.41 ? 2010 HOH A O   1 
HETATM 995  O  O   . HOH H 5 .   ? 7.335   -1.630  -20.078 1.00   23.70 ? 2011 HOH A O   1 
HETATM 996  O  O   . HOH H 5 .   ? 4.523   -8.898  -7.508  1.00   29.97 ? 2012 HOH A O   1 
HETATM 997  O  O   . HOH H 5 .   ? 1.360   -14.165 -9.449  1.00   22.04 ? 2013 HOH A O   1 
HETATM 998  O  O   . HOH H 5 .   ? -9.037  -6.000  -7.507  1.00   20.58 ? 2014 HOH A O   1 
HETATM 999  O  O   . HOH H 5 .   ? -11.908 -11.149 -11.043 1.00   34.04 ? 2015 HOH A O   1 
HETATM 1000 O  O   . HOH H 5 .   ? -5.880  -18.076 3.933   1.00   38.78 ? 2016 HOH A O   1 
HETATM 1001 O  O   . HOH H 5 .   ? -4.206  -15.893 5.794   1.00   23.24 ? 2017 HOH A O   1 
HETATM 1002 O  O   . HOH H 5 .   ? 6.801   -11.326 7.506   1.00   21.44 ? 2018 HOH A O   1 
HETATM 1003 O  O   . HOH H 5 .   ? 11.629  -12.358 2.322   1.00   21.43 ? 2019 HOH A O   1 
HETATM 1004 O  O   . HOH H 5 .   ? 14.137  -8.674  3.398   1.00   22.36 ? 2020 HOH A O   1 
HETATM 1005 O  O   . HOH H 5 .   ? 5.291   -9.955  10.650  1.00   35.26 ? 2021 HOH A O   1 
HETATM 1006 O  O   . HOH H 5 .   ? 5.584   -4.547  15.251  1.00   31.26 ? 2022 HOH A O   1 
HETATM 1007 O  O   . HOH H 5 .   ? 3.453   -2.325  18.173  1.00   20.41 ? 2023 HOH A O   1 
HETATM 1008 O  O   . HOH H 5 .   ? 0.147   18.605  -0.831  1.00   27.49 ? 2024 HOH A O   1 
HETATM 1009 O  O   . HOH H 5 .   ? 6.067   15.176  1.318   1.00   21.71 ? 2025 HOH A O   1 
HETATM 1010 O  O   . HOH H 5 .   ? -3.079  20.211  -4.845  1.00   25.38 ? 2026 HOH A O   1 
HETATM 1011 O  O   . HOH H 5 .   ? -9.948  20.124  0.306   1.00   17.12 ? 2027 HOH A O   1 
HETATM 1012 O  O   . HOH H 5 .   ? -5.850  -5.991  9.290   1.00   32.97 ? 2028 HOH A O   1 
HETATM 1013 O  O   . HOH H 5 .   ? -3.551  -3.413  14.178  1.00   36.91 ? 2029 HOH A O   1 
HETATM 1014 O  O   . HOH H 5 .   ? 4.216   -10.392 8.160   1.00   28.97 ? 2030 HOH A O   1 
HETATM 1015 O  O   . HOH H 5 .   ? 2.931   -11.783 -3.539  1.00   19.74 ? 2031 HOH A O   1 
# 
loop_
_pdbx_poly_seq_scheme.asym_id 
_pdbx_poly_seq_scheme.entity_id 
_pdbx_poly_seq_scheme.seq_id 
_pdbx_poly_seq_scheme.mon_id 
_pdbx_poly_seq_scheme.ndb_seq_num 
_pdbx_poly_seq_scheme.pdb_seq_num 
_pdbx_poly_seq_scheme.auth_seq_num 
_pdbx_poly_seq_scheme.pdb_mon_id 
_pdbx_poly_seq_scheme.auth_mon_id 
_pdbx_poly_seq_scheme.pdb_strand_id 
_pdbx_poly_seq_scheme.pdb_ins_code 
_pdbx_poly_seq_scheme.hetero 
A 1 1   SER 1   1   1   SER SER A . n 
A 1 2   LEU 2   2   2   LEU LEU A . n 
A 1 3   PHE 3   3   3   PHE PHE A . n 
A 1 4   ALA 4   4   4   ALA ALA A . n 
A 1 5   LYS 5   5   5   LYS LYS A . n 
A 1 6   LEU 6   6   6   LEU LEU A . n 
A 1 7   GLY 7   7   7   GLY GLY A . n 
A 1 8   GLY 8   8   8   GLY GLY A . n 
A 1 9   ARG 9   9   9   ARG ARG A . n 
A 1 10  GLU 10  10  10  GLU GLU A . n 
A 1 11  ALA 11  11  11  ALA ALA A . n 
A 1 12  VAL 12  12  12  VAL VAL A . n 
A 1 13  GLU 13  13  13  GLU GLU A . n 
A 1 14  ALA 14  14  14  ALA ALA A . n 
A 1 15  ALA 15  15  15  ALA ALA A . n 
A 1 16  VAL 16  16  16  VAL VAL A . n 
A 1 17  ASP 17  17  17  ASP ASP A . n 
A 1 18  LYS 18  18  18  LYS LYS A . n 
A 1 19  PHE 19  19  19  PHE PHE A . n 
A 1 20  TYR 20  20  20  TYR TYR A . n 
A 1 21  ASN 21  21  21  ASN ASN A . n 
A 1 22  LYS 22  22  22  LYS LYS A . n 
A 1 23  ILE 23  23  23  ILE ILE A . n 
A 1 24  VAL 24  24  24  VAL VAL A . n 
A 1 25  ALA 25  25  25  ALA ALA A . n 
A 1 26  ASP 26  26  26  ASP ASP A . n 
A 1 27  PRO 27  27  27  PRO PRO A . n 
A 1 28  THR 28  28  28  THR THR A . n 
A 1 29  VAL 29  29  29  VAL VAL A . n 
A 1 30  SER 30  30  30  SER SER A . n 
A 1 31  THR 31  31  31  THR THR A . n 
A 1 32  TYR 32  32  32  TYR TYR A . n 
A 1 33  PHE 33  33  33  PHE PHE A . n 
A 1 34  SER 34  34  34  SER SER A . n 
A 1 35  ASN 35  35  35  ASN ASN A . n 
A 1 36  THR 36  36  36  THR THR A . n 
A 1 37  ASP 37  37  37  ASP ASP A . n 
A 1 38  MET 38  38  38  MET MET A . n 
A 1 39  LYS 39  39  39  LYS LYS A . n 
A 1 40  VAL 40  40  40  VAL VAL A . n 
A 1 41  GLN 41  41  41  GLN GLN A . n 
A 1 42  ARG 42  42  42  ARG ARG A . n 
A 1 43  SER 43  43  43  SER SER A . n 
A 1 44  LYS 44  44  44  LYS LYS A . n 
A 1 45  GLN 45  45  45  GLN GLN A . n 
A 1 46  PHE 46  46  46  PHE PHE A . n 
A 1 47  ALA 47  47  47  ALA ALA A . n 
A 1 48  PHE 48  48  48  PHE PHE A . n 
A 1 49  LEU 49  49  49  LEU LEU A . n 
A 1 50  ALA 50  50  50  ALA ALA A . n 
A 1 51  TYR 51  51  51  TYR TYR A . n 
A 1 52  ALA 52  52  52  ALA ALA A . n 
A 1 53  LEU 53  53  53  LEU LEU A . n 
A 1 54  GLY 54  54  54  GLY GLY A . n 
A 1 55  GLY 55  55  55  GLY GLY A . n 
A 1 56  ALA 56  56  56  ALA ALA A . n 
A 1 57  SER 57  57  57  SER SER A . n 
A 1 58  GLU 58  58  58  GLU GLU A . n 
A 1 59  TRP 59  59  59  TRP TRP A . n 
A 1 60  LYS 60  60  60  LYS LYS A . n 
A 1 61  GLY 61  61  61  GLY GLY A . n 
A 1 62  LYS 62  62  62  LYS LYS A . n 
A 1 63  ASP 63  63  63  ASP ASP A . n 
A 1 64  MET 64  64  64  MET MET A . n 
A 1 65  ARG 65  65  65  ARG ARG A . n 
A 1 66  THR 66  66  66  THR THR A . n 
A 1 67  ALA 67  67  67  ALA ALA A . n 
A 1 68  HIS 68  68  68  HIS HIS A . n 
A 1 69  LYS 69  69  69  LYS LYS A . n 
A 1 70  ASP 70  70  70  ASP ASP A . n 
A 1 71  LEU 71  71  71  LEU LEU A . n 
A 1 72  VAL 72  72  72  VAL VAL A . n 
A 1 73  PRO 73  73  73  PRO PRO A . n 
A 1 74  HIS 74  74  74  HIS HIS A . n 
A 1 75  LEU 75  75  75  LEU LEU A . n 
A 1 76  SER 76  76  76  SER SER A . n 
A 1 77  ASP 77  77  77  ASP ASP A . n 
A 1 78  VAL 78  78  78  VAL VAL A . n 
A 1 79  HIS 79  79  79  HIS HIS A . n 
A 1 80  PHE 80  80  80  PHE PHE A . n 
A 1 81  GLN 81  81  81  GLN GLN A . n 
A 1 82  ALA 82  82  82  ALA ALA A . n 
A 1 83  VAL 83  83  83  VAL VAL A . n 
A 1 84  ALA 84  84  84  ALA ALA A . n 
A 1 85  ARG 85  85  85  ARG ARG A . n 
A 1 86  HIS 86  86  86  HIS HIS A . n 
A 1 87  LEU 87  87  87  LEU LEU A . n 
A 1 88  SER 88  88  88  SER SER A . n 
A 1 89  ASP 89  89  89  ASP ASP A . n 
A 1 90  THR 90  90  90  THR THR A . n 
A 1 91  LEU 91  91  91  LEU LEU A . n 
A 1 92  THR 92  92  92  THR THR A . n 
A 1 93  GLU 93  93  93  GLU GLU A . n 
A 1 94  LEU 94  94  94  LEU LEU A . n 
A 1 95  GLY 95  95  95  GLY GLY A . n 
A 1 96  VAL 96  96  96  VAL VAL A . n 
A 1 97  PRO 97  97  97  PRO PRO A . n 
A 1 98  PRO 98  98  98  PRO PRO A . n 
A 1 99  GLU 99  99  99  GLU GLU A . n 
A 1 100 ASP 100 100 100 ASP ASP A . n 
A 1 101 ILE 101 101 101 ILE ILE A . n 
A 1 102 THR 102 102 102 THR THR A . n 
A 1 103 ASP 103 103 103 ASP ASP A . n 
A 1 104 ALA 104 104 104 ALA ALA A . n 
A 1 105 MET 105 105 105 MET MET A . n 
A 1 106 ALA 106 106 106 ALA ALA A . n 
A 1 107 VAL 107 107 107 VAL VAL A . n 
A 1 108 VAL 108 108 108 VAL VAL A . n 
A 1 109 ALA 109 109 109 ALA ALA A . n 
A 1 110 SER 110 110 110 SER SER A . n 
A 1 111 THR 111 111 111 THR THR A . n 
A 1 112 ARG 112 112 112 ARG ARG A . n 
A 1 113 THR 113 113 113 THR THR A . n 
A 1 114 GLU 114 114 114 GLU GLU A . n 
A 1 115 VAL 115 115 115 VAL VAL A . n 
A 1 116 LEU 116 116 116 LEU LEU A . n 
A 1 117 ASN 117 117 117 ASN ASN A . n 
A 1 118 MET 118 118 118 MET MET A . n 
A 1 119 PRO 119 119 119 PRO PRO A . n 
A 1 120 GLN 120 120 120 GLN GLN A . n 
A 1 121 GLN 121 121 121 GLN GLN A . n 
# 
loop_
_pdbx_nonpoly_scheme.asym_id 
_pdbx_nonpoly_scheme.entity_id 
_pdbx_nonpoly_scheme.mon_id 
_pdbx_nonpoly_scheme.ndb_seq_num 
_pdbx_nonpoly_scheme.pdb_seq_num 
_pdbx_nonpoly_scheme.auth_seq_num 
_pdbx_nonpoly_scheme.pdb_mon_id 
_pdbx_nonpoly_scheme.auth_mon_id 
_pdbx_nonpoly_scheme.pdb_strand_id 
_pdbx_nonpoly_scheme.pdb_ins_code 
B 2 HEM 1  1122 1122 HEM HEM A . 
C 3 CYN 1  1123 1123 CYN CYN A . 
D 4 XE  1  1124 1124 XE  XE  A . 
E 4 XE  1  1125 1125 XE  XE  A . 
F 4 XE  1  1126 1126 XE  XE  A . 
G 4 XE  1  1127 1127 XE  XE  A . 
H 5 HOH 1  2001 2001 HOH HOH A . 
H 5 HOH 2  2002 2002 HOH HOH A . 
H 5 HOH 3  2003 2003 HOH HOH A . 
H 5 HOH 4  2004 2004 HOH HOH A . 
H 5 HOH 5  2005 2005 HOH HOH A . 
H 5 HOH 6  2006 2006 HOH HOH A . 
H 5 HOH 7  2007 2007 HOH HOH A . 
H 5 HOH 8  2008 2008 HOH HOH A . 
H 5 HOH 9  2009 2009 HOH HOH A . 
H 5 HOH 10 2010 2010 HOH HOH A . 
H 5 HOH 11 2011 2011 HOH HOH A . 
H 5 HOH 12 2012 2012 HOH HOH A . 
H 5 HOH 13 2013 2013 HOH HOH A . 
H 5 HOH 14 2014 2014 HOH HOH A . 
H 5 HOH 15 2015 2015 HOH HOH A . 
H 5 HOH 16 2016 2016 HOH HOH A . 
H 5 HOH 17 2017 2017 HOH HOH A . 
H 5 HOH 18 2018 2018 HOH HOH A . 
H 5 HOH 19 2019 2019 HOH HOH A . 
H 5 HOH 20 2020 2020 HOH HOH A . 
H 5 HOH 21 2021 2021 HOH HOH A . 
H 5 HOH 22 2022 2022 HOH HOH A . 
H 5 HOH 23 2023 2023 HOH HOH A . 
H 5 HOH 24 2024 2024 HOH HOH A . 
H 5 HOH 25 2025 2025 HOH HOH A . 
H 5 HOH 26 2026 2026 HOH HOH A . 
H 5 HOH 27 2027 2027 HOH HOH A . 
H 5 HOH 28 2028 2028 HOH HOH A . 
H 5 HOH 29 2029 2029 HOH HOH A . 
H 5 HOH 30 2030 2030 HOH HOH A . 
H 5 HOH 31 2031 2031 HOH HOH A . 
# 
_pdbx_struct_assembly.id                   1 
_pdbx_struct_assembly.details              author_and_software_defined_assembly 
_pdbx_struct_assembly.method_details       PQS 
_pdbx_struct_assembly.oligomeric_details   monomeric 
_pdbx_struct_assembly.oligomeric_count     1 
# 
_pdbx_struct_assembly_gen.assembly_id       1 
_pdbx_struct_assembly_gen.oper_expression   1 
_pdbx_struct_assembly_gen.asym_id_list      A,B,C,D,E,F,G,H 
# 
_pdbx_struct_oper_list.id                   1 
_pdbx_struct_oper_list.type                 'identity operation' 
_pdbx_struct_oper_list.name                 1_555 
_pdbx_struct_oper_list.symmetry_operation   x,y,z 
_pdbx_struct_oper_list.matrix[1][1]         1.0000000000 
_pdbx_struct_oper_list.matrix[1][2]         0.0000000000 
_pdbx_struct_oper_list.matrix[1][3]         0.0000000000 
_pdbx_struct_oper_list.vector[1]            0.0000000000 
_pdbx_struct_oper_list.matrix[2][1]         0.0000000000 
_pdbx_struct_oper_list.matrix[2][2]         1.0000000000 
_pdbx_struct_oper_list.matrix[2][3]         0.0000000000 
_pdbx_struct_oper_list.vector[2]            0.0000000000 
_pdbx_struct_oper_list.matrix[3][1]         0.0000000000 
_pdbx_struct_oper_list.matrix[3][2]         0.0000000000 
_pdbx_struct_oper_list.matrix[3][3]         1.0000000000 
_pdbx_struct_oper_list.vector[3]            0.0000000000 
# 
loop_
_pdbx_struct_conn_angle.id 
_pdbx_struct_conn_angle.ptnr1_label_atom_id 
_pdbx_struct_conn_angle.ptnr1_label_alt_id 
_pdbx_struct_conn_angle.ptnr1_label_asym_id 
_pdbx_struct_conn_angle.ptnr1_label_comp_id 
_pdbx_struct_conn_angle.ptnr1_label_seq_id 
_pdbx_struct_conn_angle.ptnr1_auth_atom_id 
_pdbx_struct_conn_angle.ptnr1_auth_asym_id 
_pdbx_struct_conn_angle.ptnr1_auth_comp_id 
_pdbx_struct_conn_angle.ptnr1_auth_seq_id 
_pdbx_struct_conn_angle.ptnr1_PDB_ins_code 
_pdbx_struct_conn_angle.ptnr1_symmetry 
_pdbx_struct_conn_angle.ptnr2_label_atom_id 
_pdbx_struct_conn_angle.ptnr2_label_alt_id 
_pdbx_struct_conn_angle.ptnr2_label_asym_id 
_pdbx_struct_conn_angle.ptnr2_label_comp_id 
_pdbx_struct_conn_angle.ptnr2_label_seq_id 
_pdbx_struct_conn_angle.ptnr2_auth_atom_id 
_pdbx_struct_conn_angle.ptnr2_auth_asym_id 
_pdbx_struct_conn_angle.ptnr2_auth_comp_id 
_pdbx_struct_conn_angle.ptnr2_auth_seq_id 
_pdbx_struct_conn_angle.ptnr2_PDB_ins_code 
_pdbx_struct_conn_angle.ptnr2_symmetry 
_pdbx_struct_conn_angle.ptnr3_label_atom_id 
_pdbx_struct_conn_angle.ptnr3_label_alt_id 
_pdbx_struct_conn_angle.ptnr3_label_asym_id 
_pdbx_struct_conn_angle.ptnr3_label_comp_id 
_pdbx_struct_conn_angle.ptnr3_label_seq_id 
_pdbx_struct_conn_angle.ptnr3_auth_atom_id 
_pdbx_struct_conn_angle.ptnr3_auth_asym_id 
_pdbx_struct_conn_angle.ptnr3_auth_comp_id 
_pdbx_struct_conn_angle.ptnr3_auth_seq_id 
_pdbx_struct_conn_angle.ptnr3_PDB_ins_code 
_pdbx_struct_conn_angle.ptnr3_symmetry 
_pdbx_struct_conn_angle.value 
_pdbx_struct_conn_angle.value_esd 
1  NE2 ? A HIS 68 ? A HIS 68   ? 1_555 FE ? B HEM . ? A HEM 1122 ? 1_555 NA ? B HEM . ? A HEM 1122 ? 1_555 83.2  ? 
2  NE2 ? A HIS 68 ? A HIS 68   ? 1_555 FE ? B HEM . ? A HEM 1122 ? 1_555 NB ? B HEM . ? A HEM 1122 ? 1_555 92.9  ? 
3  NA  ? B HEM .  ? A HEM 1122 ? 1_555 FE ? B HEM . ? A HEM 1122 ? 1_555 NB ? B HEM . ? A HEM 1122 ? 1_555 88.5  ? 
4  NE2 ? A HIS 68 ? A HIS 68   ? 1_555 FE ? B HEM . ? A HEM 1122 ? 1_555 NC ? B HEM . ? A HEM 1122 ? 1_555 92.1  ? 
5  NA  ? B HEM .  ? A HEM 1122 ? 1_555 FE ? B HEM . ? A HEM 1122 ? 1_555 NC ? B HEM . ? A HEM 1122 ? 1_555 174.9 ? 
6  NB  ? B HEM .  ? A HEM 1122 ? 1_555 FE ? B HEM . ? A HEM 1122 ? 1_555 NC ? B HEM . ? A HEM 1122 ? 1_555 89.7  ? 
7  NE2 ? A HIS 68 ? A HIS 68   ? 1_555 FE ? B HEM . ? A HEM 1122 ? 1_555 ND ? B HEM . ? A HEM 1122 ? 1_555 83.4  ? 
8  NA  ? B HEM .  ? A HEM 1122 ? 1_555 FE ? B HEM . ? A HEM 1122 ? 1_555 ND ? B HEM . ? A HEM 1122 ? 1_555 91.3  ? 
9  NB  ? B HEM .  ? A HEM 1122 ? 1_555 FE ? B HEM . ? A HEM 1122 ? 1_555 ND ? B HEM . ? A HEM 1122 ? 1_555 176.2 ? 
10 NC  ? B HEM .  ? A HEM 1122 ? 1_555 FE ? B HEM . ? A HEM 1122 ? 1_555 ND ? B HEM . ? A HEM 1122 ? 1_555 90.1  ? 
11 NE2 ? A HIS 68 ? A HIS 68   ? 1_555 FE ? B HEM . ? A HEM 1122 ? 1_555 N  ? C CYN . ? A CYN 1123 ? 1_555 163.5 ? 
12 NA  ? B HEM .  ? A HEM 1122 ? 1_555 FE ? B HEM . ? A HEM 1122 ? 1_555 N  ? C CYN . ? A CYN 1123 ? 1_555 82.7  ? 
13 NB  ? B HEM .  ? A HEM 1122 ? 1_555 FE ? B HEM . ? A HEM 1122 ? 1_555 N  ? C CYN . ? A CYN 1123 ? 1_555 95.2  ? 
14 NC  ? B HEM .  ? A HEM 1122 ? 1_555 FE ? B HEM . ? A HEM 1122 ? 1_555 N  ? C CYN . ? A CYN 1123 ? 1_555 102.2 ? 
15 ND  ? B HEM .  ? A HEM 1122 ? 1_555 FE ? B HEM . ? A HEM 1122 ? 1_555 N  ? C CYN . ? A CYN 1123 ? 1_555 88.6  ? 
16 NE2 ? A HIS 68 ? A HIS 68   ? 1_555 FE ? B HEM . ? A HEM 1122 ? 1_555 C  ? C CYN . ? A CYN 1123 ? 1_555 171.8 ? 
17 NA  ? B HEM .  ? A HEM 1122 ? 1_555 FE ? B HEM . ? A HEM 1122 ? 1_555 C  ? C CYN . ? A CYN 1123 ? 1_555 105.0 ? 
18 NB  ? B HEM .  ? A HEM 1122 ? 1_555 FE ? B HEM . ? A HEM 1122 ? 1_555 C  ? C CYN . ? A CYN 1123 ? 1_555 88.1  ? 
19 NC  ? B HEM .  ? A HEM 1122 ? 1_555 FE ? B HEM . ? A HEM 1122 ? 1_555 C  ? C CYN . ? A CYN 1123 ? 1_555 79.7  ? 
20 ND  ? B HEM .  ? A HEM 1122 ? 1_555 FE ? B HEM . ? A HEM 1122 ? 1_555 C  ? C CYN . ? A CYN 1123 ? 1_555 95.6  ? 
21 N   ? C CYN .  ? A CYN 1123 ? 1_555 FE ? B HEM . ? A HEM 1122 ? 1_555 C  ? C CYN . ? A CYN 1123 ? 1_555 23.6  ? 
# 
loop_
_pdbx_audit_revision_history.ordinal 
_pdbx_audit_revision_history.data_content_type 
_pdbx_audit_revision_history.major_revision 
_pdbx_audit_revision_history.minor_revision 
_pdbx_audit_revision_history.revision_date 
1 'Structure model' 1 0 2004-03-18 
2 'Structure model' 1 1 2011-05-08 
3 'Structure model' 1 2 2011-07-13 
4 'Structure model' 1 3 2023-12-13 
# 
_pdbx_audit_revision_details.ordinal             1 
_pdbx_audit_revision_details.revision_ordinal    1 
_pdbx_audit_revision_details.data_content_type   'Structure model' 
_pdbx_audit_revision_details.provider            repository 
_pdbx_audit_revision_details.type                'Initial release' 
_pdbx_audit_revision_details.description         ? 
_pdbx_audit_revision_details.details             ? 
# 
loop_
_pdbx_audit_revision_group.ordinal 
_pdbx_audit_revision_group.revision_ordinal 
_pdbx_audit_revision_group.data_content_type 
_pdbx_audit_revision_group.group 
1 2 'Structure model' 'Version format compliance' 
2 3 'Structure model' 'Version format compliance' 
3 4 'Structure model' 'Data collection'           
4 4 'Structure model' 'Database references'       
5 4 'Structure model' Other                       
6 4 'Structure model' 'Refinement description'    
# 
loop_
_pdbx_audit_revision_category.ordinal 
_pdbx_audit_revision_category.revision_ordinal 
_pdbx_audit_revision_category.data_content_type 
_pdbx_audit_revision_category.category 
1 4 'Structure model' chem_comp_atom                
2 4 'Structure model' chem_comp_bond                
3 4 'Structure model' database_2                    
4 4 'Structure model' pdbx_database_status          
5 4 'Structure model' pdbx_initial_refinement_model 
# 
loop_
_pdbx_audit_revision_item.ordinal 
_pdbx_audit_revision_item.revision_ordinal 
_pdbx_audit_revision_item.data_content_type 
_pdbx_audit_revision_item.item 
1 4 'Structure model' '_database_2.pdbx_DOI'                 
2 4 'Structure model' '_database_2.pdbx_database_accession'  
3 4 'Structure model' '_pdbx_database_status.status_code_sf' 
# 
loop_
_software.name 
_software.classification 
_software.version 
_software.citation_id 
_software.pdbx_ordinal 
REFMAC    refinement       . ? 1 
DENZO     'data reduction' . ? 2 
SCALEPACK 'data scaling'   . ? 3 
EPMR      phasing          . ? 4 
# 
_pdbx_entry_details.entry_id                 1UVX 
_pdbx_entry_details.compound_details         
;TRUNCATED HEMOGLOBIN, WITH 121 AMINO ACID RESIDUES PER
 CHAIN, WITH XE ATOMS DIFFUSED THROUGH THE PROTEIN MATRIX
;
_pdbx_entry_details.source_details           ? 
_pdbx_entry_details.nonpolymer_details       ? 
_pdbx_entry_details.sequence_details         ? 
_pdbx_entry_details.has_ligand_of_interest   ? 
# 
loop_
_pdbx_validate_close_contact.id 
_pdbx_validate_close_contact.PDB_model_num 
_pdbx_validate_close_contact.auth_atom_id_1 
_pdbx_validate_close_contact.auth_asym_id_1 
_pdbx_validate_close_contact.auth_comp_id_1 
_pdbx_validate_close_contact.auth_seq_id_1 
_pdbx_validate_close_contact.PDB_ins_code_1 
_pdbx_validate_close_contact.label_alt_id_1 
_pdbx_validate_close_contact.auth_atom_id_2 
_pdbx_validate_close_contact.auth_asym_id_2 
_pdbx_validate_close_contact.auth_comp_id_2 
_pdbx_validate_close_contact.auth_seq_id_2 
_pdbx_validate_close_contact.PDB_ins_code_2 
_pdbx_validate_close_contact.label_alt_id_2 
_pdbx_validate_close_contact.dist 
1 1 NZ A LYS 60  ? ? O A HOH 2015 ? ? 1.11 
2 1 CE A LYS 60  ? ? O A HOH 2015 ? ? 1.42 
3 1 O  A GLN 120 ? ? N A GLN 121  ? ? 1.69 
# 
loop_
_pdbx_validate_symm_contact.id 
_pdbx_validate_symm_contact.PDB_model_num 
_pdbx_validate_symm_contact.auth_atom_id_1 
_pdbx_validate_symm_contact.auth_asym_id_1 
_pdbx_validate_symm_contact.auth_comp_id_1 
_pdbx_validate_symm_contact.auth_seq_id_1 
_pdbx_validate_symm_contact.PDB_ins_code_1 
_pdbx_validate_symm_contact.label_alt_id_1 
_pdbx_validate_symm_contact.site_symmetry_1 
_pdbx_validate_symm_contact.auth_atom_id_2 
_pdbx_validate_symm_contact.auth_asym_id_2 
_pdbx_validate_symm_contact.auth_comp_id_2 
_pdbx_validate_symm_contact.auth_seq_id_2 
_pdbx_validate_symm_contact.PDB_ins_code_2 
_pdbx_validate_symm_contact.label_alt_id_2 
_pdbx_validate_symm_contact.site_symmetry_2 
_pdbx_validate_symm_contact.dist 
1 1 OE2 A GLU 58 ? ? 1_555 OE1 A GLN 121 ? ? 3_745 1.33 
2 1 CD  A GLU 58 ? ? 1_555 OE1 A GLN 121 ? ? 3_745 1.86 
# 
_pdbx_validate_rmsd_angle.id                         1 
_pdbx_validate_rmsd_angle.PDB_model_num              1 
_pdbx_validate_rmsd_angle.auth_atom_id_1             O 
_pdbx_validate_rmsd_angle.auth_asym_id_1             A 
_pdbx_validate_rmsd_angle.auth_comp_id_1             GLN 
_pdbx_validate_rmsd_angle.auth_seq_id_1              120 
_pdbx_validate_rmsd_angle.PDB_ins_code_1             ? 
_pdbx_validate_rmsd_angle.label_alt_id_1             ? 
_pdbx_validate_rmsd_angle.auth_atom_id_2             C 
_pdbx_validate_rmsd_angle.auth_asym_id_2             A 
_pdbx_validate_rmsd_angle.auth_comp_id_2             GLN 
_pdbx_validate_rmsd_angle.auth_seq_id_2              120 
_pdbx_validate_rmsd_angle.PDB_ins_code_2             ? 
_pdbx_validate_rmsd_angle.label_alt_id_2             ? 
_pdbx_validate_rmsd_angle.auth_atom_id_3             N 
_pdbx_validate_rmsd_angle.auth_asym_id_3             A 
_pdbx_validate_rmsd_angle.auth_comp_id_3             GLN 
_pdbx_validate_rmsd_angle.auth_seq_id_3              121 
_pdbx_validate_rmsd_angle.PDB_ins_code_3             ? 
_pdbx_validate_rmsd_angle.label_alt_id_3             ? 
_pdbx_validate_rmsd_angle.angle_value                84.91 
_pdbx_validate_rmsd_angle.angle_target_value         122.70 
_pdbx_validate_rmsd_angle.angle_deviation            -37.79 
_pdbx_validate_rmsd_angle.angle_standard_deviation   1.60 
_pdbx_validate_rmsd_angle.linker_flag                Y 
# 
_pdbx_validate_torsion.id              1 
_pdbx_validate_torsion.PDB_model_num   1 
_pdbx_validate_torsion.auth_comp_id    SER 
_pdbx_validate_torsion.auth_asym_id    A 
_pdbx_validate_torsion.auth_seq_id     76 
_pdbx_validate_torsion.PDB_ins_code    ? 
_pdbx_validate_torsion.label_alt_id    ? 
_pdbx_validate_torsion.phi             -123.52 
_pdbx_validate_torsion.psi             -169.26 
# 
_pdbx_validate_main_chain_plane.id                       1 
_pdbx_validate_main_chain_plane.PDB_model_num            1 
_pdbx_validate_main_chain_plane.auth_comp_id             GLN 
_pdbx_validate_main_chain_plane.auth_asym_id             A 
_pdbx_validate_main_chain_plane.auth_seq_id              120 
_pdbx_validate_main_chain_plane.PDB_ins_code             ? 
_pdbx_validate_main_chain_plane.label_alt_id             ? 
_pdbx_validate_main_chain_plane.improper_torsion_angle   40.85 
# 
loop_
_pdbx_unobs_or_zero_occ_atoms.id 
_pdbx_unobs_or_zero_occ_atoms.PDB_model_num 
_pdbx_unobs_or_zero_occ_atoms.polymer_flag 
_pdbx_unobs_or_zero_occ_atoms.occupancy_flag 
_pdbx_unobs_or_zero_occ_atoms.auth_asym_id 
_pdbx_unobs_or_zero_occ_atoms.auth_comp_id 
_pdbx_unobs_or_zero_occ_atoms.auth_seq_id 
_pdbx_unobs_or_zero_occ_atoms.PDB_ins_code 
_pdbx_unobs_or_zero_occ_atoms.auth_atom_id 
_pdbx_unobs_or_zero_occ_atoms.label_alt_id 
_pdbx_unobs_or_zero_occ_atoms.label_asym_id 
_pdbx_unobs_or_zero_occ_atoms.label_comp_id 
_pdbx_unobs_or_zero_occ_atoms.label_seq_id 
_pdbx_unobs_or_zero_occ_atoms.label_atom_id 
1 1 Y 0 A LYS 60 ? CD ? A LYS 60 CD 
2 1 Y 0 A LYS 60 ? CE ? A LYS 60 CE 
3 1 Y 0 A LYS 60 ? NZ ? A LYS 60 NZ 
# 
_pdbx_unobs_or_zero_occ_residues.id               1 
_pdbx_unobs_or_zero_occ_residues.PDB_model_num    1 
_pdbx_unobs_or_zero_occ_residues.polymer_flag     Y 
_pdbx_unobs_or_zero_occ_residues.occupancy_flag   0 
_pdbx_unobs_or_zero_occ_residues.auth_asym_id     A 
_pdbx_unobs_or_zero_occ_residues.auth_comp_id     GLN 
_pdbx_unobs_or_zero_occ_residues.auth_seq_id      121 
_pdbx_unobs_or_zero_occ_residues.PDB_ins_code     ? 
_pdbx_unobs_or_zero_occ_residues.label_asym_id    A 
_pdbx_unobs_or_zero_occ_residues.label_comp_id    GLN 
_pdbx_unobs_or_zero_occ_residues.label_seq_id     121 
# 
loop_
_chem_comp_atom.comp_id 
_chem_comp_atom.atom_id 
_chem_comp_atom.type_symbol 
_chem_comp_atom.pdbx_aromatic_flag 
_chem_comp_atom.pdbx_stereo_config 
_chem_comp_atom.pdbx_ordinal 
ALA N    N  N N 1   
ALA CA   C  N S 2   
ALA C    C  N N 3   
ALA O    O  N N 4   
ALA CB   C  N N 5   
ALA OXT  O  N N 6   
ALA H    H  N N 7   
ALA H2   H  N N 8   
ALA HA   H  N N 9   
ALA HB1  H  N N 10  
ALA HB2  H  N N 11  
ALA HB3  H  N N 12  
ALA HXT  H  N N 13  
ARG N    N  N N 14  
ARG CA   C  N S 15  
ARG C    C  N N 16  
ARG O    O  N N 17  
ARG CB   C  N N 18  
ARG CG   C  N N 19  
ARG CD   C  N N 20  
ARG NE   N  N N 21  
ARG CZ   C  N N 22  
ARG NH1  N  N N 23  
ARG NH2  N  N N 24  
ARG OXT  O  N N 25  
ARG H    H  N N 26  
ARG H2   H  N N 27  
ARG HA   H  N N 28  
ARG HB2  H  N N 29  
ARG HB3  H  N N 30  
ARG HG2  H  N N 31  
ARG HG3  H  N N 32  
ARG HD2  H  N N 33  
ARG HD3  H  N N 34  
ARG HE   H  N N 35  
ARG HH11 H  N N 36  
ARG HH12 H  N N 37  
ARG HH21 H  N N 38  
ARG HH22 H  N N 39  
ARG HXT  H  N N 40  
ASN N    N  N N 41  
ASN CA   C  N S 42  
ASN C    C  N N 43  
ASN O    O  N N 44  
ASN CB   C  N N 45  
ASN CG   C  N N 46  
ASN OD1  O  N N 47  
ASN ND2  N  N N 48  
ASN OXT  O  N N 49  
ASN H    H  N N 50  
ASN H2   H  N N 51  
ASN HA   H  N N 52  
ASN HB2  H  N N 53  
ASN HB3  H  N N 54  
ASN HD21 H  N N 55  
ASN HD22 H  N N 56  
ASN HXT  H  N N 57  
ASP N    N  N N 58  
ASP CA   C  N S 59  
ASP C    C  N N 60  
ASP O    O  N N 61  
ASP CB   C  N N 62  
ASP CG   C  N N 63  
ASP OD1  O  N N 64  
ASP OD2  O  N N 65  
ASP OXT  O  N N 66  
ASP H    H  N N 67  
ASP H2   H  N N 68  
ASP HA   H  N N 69  
ASP HB2  H  N N 70  
ASP HB3  H  N N 71  
ASP HD2  H  N N 72  
ASP HXT  H  N N 73  
CYN C    C  N N 74  
CYN N    N  N N 75  
GLN N    N  N N 76  
GLN CA   C  N S 77  
GLN C    C  N N 78  
GLN O    O  N N 79  
GLN CB   C  N N 80  
GLN CG   C  N N 81  
GLN CD   C  N N 82  
GLN OE1  O  N N 83  
GLN NE2  N  N N 84  
GLN OXT  O  N N 85  
GLN H    H  N N 86  
GLN H2   H  N N 87  
GLN HA   H  N N 88  
GLN HB2  H  N N 89  
GLN HB3  H  N N 90  
GLN HG2  H  N N 91  
GLN HG3  H  N N 92  
GLN HE21 H  N N 93  
GLN HE22 H  N N 94  
GLN HXT  H  N N 95  
GLU N    N  N N 96  
GLU CA   C  N S 97  
GLU C    C  N N 98  
GLU O    O  N N 99  
GLU CB   C  N N 100 
GLU CG   C  N N 101 
GLU CD   C  N N 102 
GLU OE1  O  N N 103 
GLU OE2  O  N N 104 
GLU OXT  O  N N 105 
GLU H    H  N N 106 
GLU H2   H  N N 107 
GLU HA   H  N N 108 
GLU HB2  H  N N 109 
GLU HB3  H  N N 110 
GLU HG2  H  N N 111 
GLU HG3  H  N N 112 
GLU HE2  H  N N 113 
GLU HXT  H  N N 114 
GLY N    N  N N 115 
GLY CA   C  N N 116 
GLY C    C  N N 117 
GLY O    O  N N 118 
GLY OXT  O  N N 119 
GLY H    H  N N 120 
GLY H2   H  N N 121 
GLY HA2  H  N N 122 
GLY HA3  H  N N 123 
GLY HXT  H  N N 124 
HEM CHA  C  N N 125 
HEM CHB  C  N N 126 
HEM CHC  C  N N 127 
HEM CHD  C  N N 128 
HEM C1A  C  Y N 129 
HEM C2A  C  Y N 130 
HEM C3A  C  Y N 131 
HEM C4A  C  Y N 132 
HEM CMA  C  N N 133 
HEM CAA  C  N N 134 
HEM CBA  C  N N 135 
HEM CGA  C  N N 136 
HEM O1A  O  N N 137 
HEM O2A  O  N N 138 
HEM C1B  C  N N 139 
HEM C2B  C  N N 140 
HEM C3B  C  N N 141 
HEM C4B  C  N N 142 
HEM CMB  C  N N 143 
HEM CAB  C  N N 144 
HEM CBB  C  N N 145 
HEM C1C  C  Y N 146 
HEM C2C  C  Y N 147 
HEM C3C  C  Y N 148 
HEM C4C  C  Y N 149 
HEM CMC  C  N N 150 
HEM CAC  C  N N 151 
HEM CBC  C  N N 152 
HEM C1D  C  N N 153 
HEM C2D  C  N N 154 
HEM C3D  C  N N 155 
HEM C4D  C  N N 156 
HEM CMD  C  N N 157 
HEM CAD  C  N N 158 
HEM CBD  C  N N 159 
HEM CGD  C  N N 160 
HEM O1D  O  N N 161 
HEM O2D  O  N N 162 
HEM NA   N  Y N 163 
HEM NB   N  N N 164 
HEM NC   N  Y N 165 
HEM ND   N  N N 166 
HEM FE   FE N N 167 
HEM HHB  H  N N 168 
HEM HHC  H  N N 169 
HEM HHD  H  N N 170 
HEM HMA  H  N N 171 
HEM HMAA H  N N 172 
HEM HMAB H  N N 173 
HEM HAA  H  N N 174 
HEM HAAA H  N N 175 
HEM HBA  H  N N 176 
HEM HBAA H  N N 177 
HEM HMB  H  N N 178 
HEM HMBA H  N N 179 
HEM HMBB H  N N 180 
HEM HAB  H  N N 181 
HEM HBB  H  N N 182 
HEM HBBA H  N N 183 
HEM HMC  H  N N 184 
HEM HMCA H  N N 185 
HEM HMCB H  N N 186 
HEM HAC  H  N N 187 
HEM HBC  H  N N 188 
HEM HBCA H  N N 189 
HEM HMD  H  N N 190 
HEM HMDA H  N N 191 
HEM HMDB H  N N 192 
HEM HAD  H  N N 193 
HEM HADA H  N N 194 
HEM HBD  H  N N 195 
HEM HBDA H  N N 196 
HEM H2A  H  N N 197 
HEM H2D  H  N N 198 
HEM HHA  H  N N 199 
HIS N    N  N N 200 
HIS CA   C  N S 201 
HIS C    C  N N 202 
HIS O    O  N N 203 
HIS CB   C  N N 204 
HIS CG   C  Y N 205 
HIS ND1  N  Y N 206 
HIS CD2  C  Y N 207 
HIS CE1  C  Y N 208 
HIS NE2  N  Y N 209 
HIS OXT  O  N N 210 
HIS H    H  N N 211 
HIS H2   H  N N 212 
HIS HA   H  N N 213 
HIS HB2  H  N N 214 
HIS HB3  H  N N 215 
HIS HD1  H  N N 216 
HIS HD2  H  N N 217 
HIS HE1  H  N N 218 
HIS HE2  H  N N 219 
HIS HXT  H  N N 220 
HOH O    O  N N 221 
HOH H1   H  N N 222 
HOH H2   H  N N 223 
ILE N    N  N N 224 
ILE CA   C  N S 225 
ILE C    C  N N 226 
ILE O    O  N N 227 
ILE CB   C  N S 228 
ILE CG1  C  N N 229 
ILE CG2  C  N N 230 
ILE CD1  C  N N 231 
ILE OXT  O  N N 232 
ILE H    H  N N 233 
ILE H2   H  N N 234 
ILE HA   H  N N 235 
ILE HB   H  N N 236 
ILE HG12 H  N N 237 
ILE HG13 H  N N 238 
ILE HG21 H  N N 239 
ILE HG22 H  N N 240 
ILE HG23 H  N N 241 
ILE HD11 H  N N 242 
ILE HD12 H  N N 243 
ILE HD13 H  N N 244 
ILE HXT  H  N N 245 
LEU N    N  N N 246 
LEU CA   C  N S 247 
LEU C    C  N N 248 
LEU O    O  N N 249 
LEU CB   C  N N 250 
LEU CG   C  N N 251 
LEU CD1  C  N N 252 
LEU CD2  C  N N 253 
LEU OXT  O  N N 254 
LEU H    H  N N 255 
LEU H2   H  N N 256 
LEU HA   H  N N 257 
LEU HB2  H  N N 258 
LEU HB3  H  N N 259 
LEU HG   H  N N 260 
LEU HD11 H  N N 261 
LEU HD12 H  N N 262 
LEU HD13 H  N N 263 
LEU HD21 H  N N 264 
LEU HD22 H  N N 265 
LEU HD23 H  N N 266 
LEU HXT  H  N N 267 
LYS N    N  N N 268 
LYS CA   C  N S 269 
LYS C    C  N N 270 
LYS O    O  N N 271 
LYS CB   C  N N 272 
LYS CG   C  N N 273 
LYS CD   C  N N 274 
LYS CE   C  N N 275 
LYS NZ   N  N N 276 
LYS OXT  O  N N 277 
LYS H    H  N N 278 
LYS H2   H  N N 279 
LYS HA   H  N N 280 
LYS HB2  H  N N 281 
LYS HB3  H  N N 282 
LYS HG2  H  N N 283 
LYS HG3  H  N N 284 
LYS HD2  H  N N 285 
LYS HD3  H  N N 286 
LYS HE2  H  N N 287 
LYS HE3  H  N N 288 
LYS HZ1  H  N N 289 
LYS HZ2  H  N N 290 
LYS HZ3  H  N N 291 
LYS HXT  H  N N 292 
MET N    N  N N 293 
MET CA   C  N S 294 
MET C    C  N N 295 
MET O    O  N N 296 
MET CB   C  N N 297 
MET CG   C  N N 298 
MET SD   S  N N 299 
MET CE   C  N N 300 
MET OXT  O  N N 301 
MET H    H  N N 302 
MET H2   H  N N 303 
MET HA   H  N N 304 
MET HB2  H  N N 305 
MET HB3  H  N N 306 
MET HG2  H  N N 307 
MET HG3  H  N N 308 
MET HE1  H  N N 309 
MET HE2  H  N N 310 
MET HE3  H  N N 311 
MET HXT  H  N N 312 
PHE N    N  N N 313 
PHE CA   C  N S 314 
PHE C    C  N N 315 
PHE O    O  N N 316 
PHE CB   C  N N 317 
PHE CG   C  Y N 318 
PHE CD1  C  Y N 319 
PHE CD2  C  Y N 320 
PHE CE1  C  Y N 321 
PHE CE2  C  Y N 322 
PHE CZ   C  Y N 323 
PHE OXT  O  N N 324 
PHE H    H  N N 325 
PHE H2   H  N N 326 
PHE HA   H  N N 327 
PHE HB2  H  N N 328 
PHE HB3  H  N N 329 
PHE HD1  H  N N 330 
PHE HD2  H  N N 331 
PHE HE1  H  N N 332 
PHE HE2  H  N N 333 
PHE HZ   H  N N 334 
PHE HXT  H  N N 335 
PRO N    N  N N 336 
PRO CA   C  N S 337 
PRO C    C  N N 338 
PRO O    O  N N 339 
PRO CB   C  N N 340 
PRO CG   C  N N 341 
PRO CD   C  N N 342 
PRO OXT  O  N N 343 
PRO H    H  N N 344 
PRO HA   H  N N 345 
PRO HB2  H  N N 346 
PRO HB3  H  N N 347 
PRO HG2  H  N N 348 
PRO HG3  H  N N 349 
PRO HD2  H  N N 350 
PRO HD3  H  N N 351 
PRO HXT  H  N N 352 
SER N    N  N N 353 
SER CA   C  N S 354 
SER C    C  N N 355 
SER O    O  N N 356 
SER CB   C  N N 357 
SER OG   O  N N 358 
SER OXT  O  N N 359 
SER H    H  N N 360 
SER H2   H  N N 361 
SER HA   H  N N 362 
SER HB2  H  N N 363 
SER HB3  H  N N 364 
SER HG   H  N N 365 
SER HXT  H  N N 366 
THR N    N  N N 367 
THR CA   C  N S 368 
THR C    C  N N 369 
THR O    O  N N 370 
THR CB   C  N R 371 
THR OG1  O  N N 372 
THR CG2  C  N N 373 
THR OXT  O  N N 374 
THR H    H  N N 375 
THR H2   H  N N 376 
THR HA   H  N N 377 
THR HB   H  N N 378 
THR HG1  H  N N 379 
THR HG21 H  N N 380 
THR HG22 H  N N 381 
THR HG23 H  N N 382 
THR HXT  H  N N 383 
TRP N    N  N N 384 
TRP CA   C  N S 385 
TRP C    C  N N 386 
TRP O    O  N N 387 
TRP CB   C  N N 388 
TRP CG   C  Y N 389 
TRP CD1  C  Y N 390 
TRP CD2  C  Y N 391 
TRP NE1  N  Y N 392 
TRP CE2  C  Y N 393 
TRP CE3  C  Y N 394 
TRP CZ2  C  Y N 395 
TRP CZ3  C  Y N 396 
TRP CH2  C  Y N 397 
TRP OXT  O  N N 398 
TRP H    H  N N 399 
TRP H2   H  N N 400 
TRP HA   H  N N 401 
TRP HB2  H  N N 402 
TRP HB3  H  N N 403 
TRP HD1  H  N N 404 
TRP HE1  H  N N 405 
TRP HE3  H  N N 406 
TRP HZ2  H  N N 407 
TRP HZ3  H  N N 408 
TRP HH2  H  N N 409 
TRP HXT  H  N N 410 
TYR N    N  N N 411 
TYR CA   C  N S 412 
TYR C    C  N N 413 
TYR O    O  N N 414 
TYR CB   C  N N 415 
TYR CG   C  Y N 416 
TYR CD1  C  Y N 417 
TYR CD2  C  Y N 418 
TYR CE1  C  Y N 419 
TYR CE2  C  Y N 420 
TYR CZ   C  Y N 421 
TYR OH   O  N N 422 
TYR OXT  O  N N 423 
TYR H    H  N N 424 
TYR H2   H  N N 425 
TYR HA   H  N N 426 
TYR HB2  H  N N 427 
TYR HB3  H  N N 428 
TYR HD1  H  N N 429 
TYR HD2  H  N N 430 
TYR HE1  H  N N 431 
TYR HE2  H  N N 432 
TYR HH   H  N N 433 
TYR HXT  H  N N 434 
VAL N    N  N N 435 
VAL CA   C  N S 436 
VAL C    C  N N 437 
VAL O    O  N N 438 
VAL CB   C  N N 439 
VAL CG1  C  N N 440 
VAL CG2  C  N N 441 
VAL OXT  O  N N 442 
VAL H    H  N N 443 
VAL H2   H  N N 444 
VAL HA   H  N N 445 
VAL HB   H  N N 446 
VAL HG11 H  N N 447 
VAL HG12 H  N N 448 
VAL HG13 H  N N 449 
VAL HG21 H  N N 450 
VAL HG22 H  N N 451 
VAL HG23 H  N N 452 
VAL HXT  H  N N 453 
XE  XE   XE N N 454 
# 
loop_
_chem_comp_bond.comp_id 
_chem_comp_bond.atom_id_1 
_chem_comp_bond.atom_id_2 
_chem_comp_bond.value_order 
_chem_comp_bond.pdbx_aromatic_flag 
_chem_comp_bond.pdbx_stereo_config 
_chem_comp_bond.pdbx_ordinal 
ALA N   CA   sing N N 1   
ALA N   H    sing N N 2   
ALA N   H2   sing N N 3   
ALA CA  C    sing N N 4   
ALA CA  CB   sing N N 5   
ALA CA  HA   sing N N 6   
ALA C   O    doub N N 7   
ALA C   OXT  sing N N 8   
ALA CB  HB1  sing N N 9   
ALA CB  HB2  sing N N 10  
ALA CB  HB3  sing N N 11  
ALA OXT HXT  sing N N 12  
ARG N   CA   sing N N 13  
ARG N   H    sing N N 14  
ARG N   H2   sing N N 15  
ARG CA  C    sing N N 16  
ARG CA  CB   sing N N 17  
ARG CA  HA   sing N N 18  
ARG C   O    doub N N 19  
ARG C   OXT  sing N N 20  
ARG CB  CG   sing N N 21  
ARG CB  HB2  sing N N 22  
ARG CB  HB3  sing N N 23  
ARG CG  CD   sing N N 24  
ARG CG  HG2  sing N N 25  
ARG CG  HG3  sing N N 26  
ARG CD  NE   sing N N 27  
ARG CD  HD2  sing N N 28  
ARG CD  HD3  sing N N 29  
ARG NE  CZ   sing N N 30  
ARG NE  HE   sing N N 31  
ARG CZ  NH1  sing N N 32  
ARG CZ  NH2  doub N N 33  
ARG NH1 HH11 sing N N 34  
ARG NH1 HH12 sing N N 35  
ARG NH2 HH21 sing N N 36  
ARG NH2 HH22 sing N N 37  
ARG OXT HXT  sing N N 38  
ASN N   CA   sing N N 39  
ASN N   H    sing N N 40  
ASN N   H2   sing N N 41  
ASN CA  C    sing N N 42  
ASN CA  CB   sing N N 43  
ASN CA  HA   sing N N 44  
ASN C   O    doub N N 45  
ASN C   OXT  sing N N 46  
ASN CB  CG   sing N N 47  
ASN CB  HB2  sing N N 48  
ASN CB  HB3  sing N N 49  
ASN CG  OD1  doub N N 50  
ASN CG  ND2  sing N N 51  
ASN ND2 HD21 sing N N 52  
ASN ND2 HD22 sing N N 53  
ASN OXT HXT  sing N N 54  
ASP N   CA   sing N N 55  
ASP N   H    sing N N 56  
ASP N   H2   sing N N 57  
ASP CA  C    sing N N 58  
ASP CA  CB   sing N N 59  
ASP CA  HA   sing N N 60  
ASP C   O    doub N N 61  
ASP C   OXT  sing N N 62  
ASP CB  CG   sing N N 63  
ASP CB  HB2  sing N N 64  
ASP CB  HB3  sing N N 65  
ASP CG  OD1  doub N N 66  
ASP CG  OD2  sing N N 67  
ASP OD2 HD2  sing N N 68  
ASP OXT HXT  sing N N 69  
CYN C   N    trip N N 70  
GLN N   CA   sing N N 71  
GLN N   H    sing N N 72  
GLN N   H2   sing N N 73  
GLN CA  C    sing N N 74  
GLN CA  CB   sing N N 75  
GLN CA  HA   sing N N 76  
GLN C   O    doub N N 77  
GLN C   OXT  sing N N 78  
GLN CB  CG   sing N N 79  
GLN CB  HB2  sing N N 80  
GLN CB  HB3  sing N N 81  
GLN CG  CD   sing N N 82  
GLN CG  HG2  sing N N 83  
GLN CG  HG3  sing N N 84  
GLN CD  OE1  doub N N 85  
GLN CD  NE2  sing N N 86  
GLN NE2 HE21 sing N N 87  
GLN NE2 HE22 sing N N 88  
GLN OXT HXT  sing N N 89  
GLU N   CA   sing N N 90  
GLU N   H    sing N N 91  
GLU N   H2   sing N N 92  
GLU CA  C    sing N N 93  
GLU CA  CB   sing N N 94  
GLU CA  HA   sing N N 95  
GLU C   O    doub N N 96  
GLU C   OXT  sing N N 97  
GLU CB  CG   sing N N 98  
GLU CB  HB2  sing N N 99  
GLU CB  HB3  sing N N 100 
GLU CG  CD   sing N N 101 
GLU CG  HG2  sing N N 102 
GLU CG  HG3  sing N N 103 
GLU CD  OE1  doub N N 104 
GLU CD  OE2  sing N N 105 
GLU OE2 HE2  sing N N 106 
GLU OXT HXT  sing N N 107 
GLY N   CA   sing N N 108 
GLY N   H    sing N N 109 
GLY N   H2   sing N N 110 
GLY CA  C    sing N N 111 
GLY CA  HA2  sing N N 112 
GLY CA  HA3  sing N N 113 
GLY C   O    doub N N 114 
GLY C   OXT  sing N N 115 
GLY OXT HXT  sing N N 116 
HEM CHA C1A  sing N N 117 
HEM CHA C4D  doub N N 118 
HEM CHA HHA  sing N N 119 
HEM CHB C4A  sing N N 120 
HEM CHB C1B  doub N N 121 
HEM CHB HHB  sing N N 122 
HEM CHC C4B  sing N N 123 
HEM CHC C1C  doub N N 124 
HEM CHC HHC  sing N N 125 
HEM CHD C4C  doub N N 126 
HEM CHD C1D  sing N N 127 
HEM CHD HHD  sing N N 128 
HEM C1A C2A  doub Y N 129 
HEM C1A NA   sing Y N 130 
HEM C2A C3A  sing Y N 131 
HEM C2A CAA  sing N N 132 
HEM C3A C4A  doub Y N 133 
HEM C3A CMA  sing N N 134 
HEM C4A NA   sing Y N 135 
HEM CMA HMA  sing N N 136 
HEM CMA HMAA sing N N 137 
HEM CMA HMAB sing N N 138 
HEM CAA CBA  sing N N 139 
HEM CAA HAA  sing N N 140 
HEM CAA HAAA sing N N 141 
HEM CBA CGA  sing N N 142 
HEM CBA HBA  sing N N 143 
HEM CBA HBAA sing N N 144 
HEM CGA O1A  doub N N 145 
HEM CGA O2A  sing N N 146 
HEM C1B C2B  sing N N 147 
HEM C1B NB   sing N N 148 
HEM C2B C3B  doub N N 149 
HEM C2B CMB  sing N N 150 
HEM C3B C4B  sing N N 151 
HEM C3B CAB  sing N N 152 
HEM C4B NB   doub N N 153 
HEM CMB HMB  sing N N 154 
HEM CMB HMBA sing N N 155 
HEM CMB HMBB sing N N 156 
HEM CAB CBB  doub N N 157 
HEM CAB HAB  sing N N 158 
HEM CBB HBB  sing N N 159 
HEM CBB HBBA sing N N 160 
HEM C1C C2C  sing Y N 161 
HEM C1C NC   sing Y N 162 
HEM C2C C3C  doub Y N 163 
HEM C2C CMC  sing N N 164 
HEM C3C C4C  sing Y N 165 
HEM C3C CAC  sing N N 166 
HEM C4C NC   sing Y N 167 
HEM CMC HMC  sing N N 168 
HEM CMC HMCA sing N N 169 
HEM CMC HMCB sing N N 170 
HEM CAC CBC  doub N N 171 
HEM CAC HAC  sing N N 172 
HEM CBC HBC  sing N N 173 
HEM CBC HBCA sing N N 174 
HEM C1D C2D  sing N N 175 
HEM C1D ND   doub N N 176 
HEM C2D C3D  doub N N 177 
HEM C2D CMD  sing N N 178 
HEM C3D C4D  sing N N 179 
HEM C3D CAD  sing N N 180 
HEM C4D ND   sing N N 181 
HEM CMD HMD  sing N N 182 
HEM CMD HMDA sing N N 183 
HEM CMD HMDB sing N N 184 
HEM CAD CBD  sing N N 185 
HEM CAD HAD  sing N N 186 
HEM CAD HADA sing N N 187 
HEM CBD CGD  sing N N 188 
HEM CBD HBD  sing N N 189 
HEM CBD HBDA sing N N 190 
HEM CGD O1D  doub N N 191 
HEM CGD O2D  sing N N 192 
HEM O2A H2A  sing N N 193 
HEM O2D H2D  sing N N 194 
HEM FE  NA   sing N N 195 
HEM FE  NB   sing N N 196 
HEM FE  NC   sing N N 197 
HEM FE  ND   sing N N 198 
HIS N   CA   sing N N 199 
HIS N   H    sing N N 200 
HIS N   H2   sing N N 201 
HIS CA  C    sing N N 202 
HIS CA  CB   sing N N 203 
HIS CA  HA   sing N N 204 
HIS C   O    doub N N 205 
HIS C   OXT  sing N N 206 
HIS CB  CG   sing N N 207 
HIS CB  HB2  sing N N 208 
HIS CB  HB3  sing N N 209 
HIS CG  ND1  sing Y N 210 
HIS CG  CD2  doub Y N 211 
HIS ND1 CE1  doub Y N 212 
HIS ND1 HD1  sing N N 213 
HIS CD2 NE2  sing Y N 214 
HIS CD2 HD2  sing N N 215 
HIS CE1 NE2  sing Y N 216 
HIS CE1 HE1  sing N N 217 
HIS NE2 HE2  sing N N 218 
HIS OXT HXT  sing N N 219 
HOH O   H1   sing N N 220 
HOH O   H2   sing N N 221 
ILE N   CA   sing N N 222 
ILE N   H    sing N N 223 
ILE N   H2   sing N N 224 
ILE CA  C    sing N N 225 
ILE CA  CB   sing N N 226 
ILE CA  HA   sing N N 227 
ILE C   O    doub N N 228 
ILE C   OXT  sing N N 229 
ILE CB  CG1  sing N N 230 
ILE CB  CG2  sing N N 231 
ILE CB  HB   sing N N 232 
ILE CG1 CD1  sing N N 233 
ILE CG1 HG12 sing N N 234 
ILE CG1 HG13 sing N N 235 
ILE CG2 HG21 sing N N 236 
ILE CG2 HG22 sing N N 237 
ILE CG2 HG23 sing N N 238 
ILE CD1 HD11 sing N N 239 
ILE CD1 HD12 sing N N 240 
ILE CD1 HD13 sing N N 241 
ILE OXT HXT  sing N N 242 
LEU N   CA   sing N N 243 
LEU N   H    sing N N 244 
LEU N   H2   sing N N 245 
LEU CA  C    sing N N 246 
LEU CA  CB   sing N N 247 
LEU CA  HA   sing N N 248 
LEU C   O    doub N N 249 
LEU C   OXT  sing N N 250 
LEU CB  CG   sing N N 251 
LEU CB  HB2  sing N N 252 
LEU CB  HB3  sing N N 253 
LEU CG  CD1  sing N N 254 
LEU CG  CD2  sing N N 255 
LEU CG  HG   sing N N 256 
LEU CD1 HD11 sing N N 257 
LEU CD1 HD12 sing N N 258 
LEU CD1 HD13 sing N N 259 
LEU CD2 HD21 sing N N 260 
LEU CD2 HD22 sing N N 261 
LEU CD2 HD23 sing N N 262 
LEU OXT HXT  sing N N 263 
LYS N   CA   sing N N 264 
LYS N   H    sing N N 265 
LYS N   H2   sing N N 266 
LYS CA  C    sing N N 267 
LYS CA  CB   sing N N 268 
LYS CA  HA   sing N N 269 
LYS C   O    doub N N 270 
LYS C   OXT  sing N N 271 
LYS CB  CG   sing N N 272 
LYS CB  HB2  sing N N 273 
LYS CB  HB3  sing N N 274 
LYS CG  CD   sing N N 275 
LYS CG  HG2  sing N N 276 
LYS CG  HG3  sing N N 277 
LYS CD  CE   sing N N 278 
LYS CD  HD2  sing N N 279 
LYS CD  HD3  sing N N 280 
LYS CE  NZ   sing N N 281 
LYS CE  HE2  sing N N 282 
LYS CE  HE3  sing N N 283 
LYS NZ  HZ1  sing N N 284 
LYS NZ  HZ2  sing N N 285 
LYS NZ  HZ3  sing N N 286 
LYS OXT HXT  sing N N 287 
MET N   CA   sing N N 288 
MET N   H    sing N N 289 
MET N   H2   sing N N 290 
MET CA  C    sing N N 291 
MET CA  CB   sing N N 292 
MET CA  HA   sing N N 293 
MET C   O    doub N N 294 
MET C   OXT  sing N N 295 
MET CB  CG   sing N N 296 
MET CB  HB2  sing N N 297 
MET CB  HB3  sing N N 298 
MET CG  SD   sing N N 299 
MET CG  HG2  sing N N 300 
MET CG  HG3  sing N N 301 
MET SD  CE   sing N N 302 
MET CE  HE1  sing N N 303 
MET CE  HE2  sing N N 304 
MET CE  HE3  sing N N 305 
MET OXT HXT  sing N N 306 
PHE N   CA   sing N N 307 
PHE N   H    sing N N 308 
PHE N   H2   sing N N 309 
PHE CA  C    sing N N 310 
PHE CA  CB   sing N N 311 
PHE CA  HA   sing N N 312 
PHE C   O    doub N N 313 
PHE C   OXT  sing N N 314 
PHE CB  CG   sing N N 315 
PHE CB  HB2  sing N N 316 
PHE CB  HB3  sing N N 317 
PHE CG  CD1  doub Y N 318 
PHE CG  CD2  sing Y N 319 
PHE CD1 CE1  sing Y N 320 
PHE CD1 HD1  sing N N 321 
PHE CD2 CE2  doub Y N 322 
PHE CD2 HD2  sing N N 323 
PHE CE1 CZ   doub Y N 324 
PHE CE1 HE1  sing N N 325 
PHE CE2 CZ   sing Y N 326 
PHE CE2 HE2  sing N N 327 
PHE CZ  HZ   sing N N 328 
PHE OXT HXT  sing N N 329 
PRO N   CA   sing N N 330 
PRO N   CD   sing N N 331 
PRO N   H    sing N N 332 
PRO CA  C    sing N N 333 
PRO CA  CB   sing N N 334 
PRO CA  HA   sing N N 335 
PRO C   O    doub N N 336 
PRO C   OXT  sing N N 337 
PRO CB  CG   sing N N 338 
PRO CB  HB2  sing N N 339 
PRO CB  HB3  sing N N 340 
PRO CG  CD   sing N N 341 
PRO CG  HG2  sing N N 342 
PRO CG  HG3  sing N N 343 
PRO CD  HD2  sing N N 344 
PRO CD  HD3  sing N N 345 
PRO OXT HXT  sing N N 346 
SER N   CA   sing N N 347 
SER N   H    sing N N 348 
SER N   H2   sing N N 349 
SER CA  C    sing N N 350 
SER CA  CB   sing N N 351 
SER CA  HA   sing N N 352 
SER C   O    doub N N 353 
SER C   OXT  sing N N 354 
SER CB  OG   sing N N 355 
SER CB  HB2  sing N N 356 
SER CB  HB3  sing N N 357 
SER OG  HG   sing N N 358 
SER OXT HXT  sing N N 359 
THR N   CA   sing N N 360 
THR N   H    sing N N 361 
THR N   H2   sing N N 362 
THR CA  C    sing N N 363 
THR CA  CB   sing N N 364 
THR CA  HA   sing N N 365 
THR C   O    doub N N 366 
THR C   OXT  sing N N 367 
THR CB  OG1  sing N N 368 
THR CB  CG2  sing N N 369 
THR CB  HB   sing N N 370 
THR OG1 HG1  sing N N 371 
THR CG2 HG21 sing N N 372 
THR CG2 HG22 sing N N 373 
THR CG2 HG23 sing N N 374 
THR OXT HXT  sing N N 375 
TRP N   CA   sing N N 376 
TRP N   H    sing N N 377 
TRP N   H2   sing N N 378 
TRP CA  C    sing N N 379 
TRP CA  CB   sing N N 380 
TRP CA  HA   sing N N 381 
TRP C   O    doub N N 382 
TRP C   OXT  sing N N 383 
TRP CB  CG   sing N N 384 
TRP CB  HB2  sing N N 385 
TRP CB  HB3  sing N N 386 
TRP CG  CD1  doub Y N 387 
TRP CG  CD2  sing Y N 388 
TRP CD1 NE1  sing Y N 389 
TRP CD1 HD1  sing N N 390 
TRP CD2 CE2  doub Y N 391 
TRP CD2 CE3  sing Y N 392 
TRP NE1 CE2  sing Y N 393 
TRP NE1 HE1  sing N N 394 
TRP CE2 CZ2  sing Y N 395 
TRP CE3 CZ3  doub Y N 396 
TRP CE3 HE3  sing N N 397 
TRP CZ2 CH2  doub Y N 398 
TRP CZ2 HZ2  sing N N 399 
TRP CZ3 CH2  sing Y N 400 
TRP CZ3 HZ3  sing N N 401 
TRP CH2 HH2  sing N N 402 
TRP OXT HXT  sing N N 403 
TYR N   CA   sing N N 404 
TYR N   H    sing N N 405 
TYR N   H2   sing N N 406 
TYR CA  C    sing N N 407 
TYR CA  CB   sing N N 408 
TYR CA  HA   sing N N 409 
TYR C   O    doub N N 410 
TYR C   OXT  sing N N 411 
TYR CB  CG   sing N N 412 
TYR CB  HB2  sing N N 413 
TYR CB  HB3  sing N N 414 
TYR CG  CD1  doub Y N 415 
TYR CG  CD2  sing Y N 416 
TYR CD1 CE1  sing Y N 417 
TYR CD1 HD1  sing N N 418 
TYR CD2 CE2  doub Y N 419 
TYR CD2 HD2  sing N N 420 
TYR CE1 CZ   doub Y N 421 
TYR CE1 HE1  sing N N 422 
TYR CE2 CZ   sing Y N 423 
TYR CE2 HE2  sing N N 424 
TYR CZ  OH   sing N N 425 
TYR OH  HH   sing N N 426 
TYR OXT HXT  sing N N 427 
VAL N   CA   sing N N 428 
VAL N   H    sing N N 429 
VAL N   H2   sing N N 430 
VAL CA  C    sing N N 431 
VAL CA  CB   sing N N 432 
VAL CA  HA   sing N N 433 
VAL C   O    doub N N 434 
VAL C   OXT  sing N N 435 
VAL CB  CG1  sing N N 436 
VAL CB  CG2  sing N N 437 
VAL CB  HB   sing N N 438 
VAL CG1 HG11 sing N N 439 
VAL CG1 HG12 sing N N 440 
VAL CG1 HG13 sing N N 441 
VAL CG2 HG21 sing N N 442 
VAL CG2 HG22 sing N N 443 
VAL CG2 HG23 sing N N 444 
VAL OXT HXT  sing N N 445 
# 
loop_
_pdbx_entity_nonpoly.entity_id 
_pdbx_entity_nonpoly.name 
_pdbx_entity_nonpoly.comp_id 
2 'PROTOPORPHYRIN IX CONTAINING FE' HEM 
3 'CYANIDE ION'                     CYN 
4 XENON                             XE  
5 water                             HOH 
# 
_pdbx_initial_refinement_model.id               1 
_pdbx_initial_refinement_model.entity_id_list   ? 
_pdbx_initial_refinement_model.type             'experimental model' 
_pdbx_initial_refinement_model.source_name      PDB 
_pdbx_initial_refinement_model.accession_code   1DLY 
_pdbx_initial_refinement_model.details          'PDB ENTRY 1DLY' 
# 
